data_6Y9E
#
_entry.id   6Y9E
#
_cell.length_a   109.580
_cell.length_b   166.620
_cell.length_c   100.290
_cell.angle_alpha   90.000
_cell.angle_beta   90.000
_cell.angle_gamma   90.000
#
_symmetry.space_group_name_H-M   'P 21 21 2'
#
loop_
_entity.id
_entity.type
_entity.pdbx_description
1 polymer 'Ancestral haloalkane dehalogenase AncHLD2'
2 non-polymer 'CHLORIDE ION'
3 non-polymer (4S)-2-METHYL-2,4-PENTANEDIOL
4 non-polymer 2-AMINO-2-HYDROXYMETHYL-PROPANE-1,3-DIOL
5 non-polymer 1,2-ETHANEDIOL
6 water water
#
_entity_poly.entity_id   1
_entity_poly.type   'polypeptide(L)'
_entity_poly.pdbx_seq_one_letter_code
;MTTSADISLRHVSVLDSTMAYRETGRSDAPVVLFLHGNPTSSYIWRNIIPLVAPVAHCIAPDLIGFGQSGKPDIDYRFFD
HVRYLDAFIDKLGIESAYLVAQDWGTALAFHLAARRPDFVRGLAFMEFIRPMPTWDDFHQTPQAREMFRKFRTPGVGEQM
ILEDNVFVERVLPGSIVRKLSEEEMAVYRAPFPTPESRRPTLRFPRELPIAGEPADVYSTLESAHAALAASTYPKLLFTG
DPGALVSPAFAERFAANLKNCRLIRLGAGLHYLQEDHPEAIGRTVAGWIAEIEAASATAKAHHHHHH
;
_entity_poly.pdbx_strand_id   A,B,C,D,E,F
#
# COMPACT_ATOMS: atom_id res chain seq x y z
N ASP A 6 6.78 -4.53 5.72
CA ASP A 6 6.49 -3.12 5.51
C ASP A 6 5.42 -2.62 6.47
N ILE A 7 5.65 -1.45 7.04
CA ILE A 7 4.67 -0.76 7.88
C ILE A 7 3.97 0.28 7.03
N SER A 8 2.64 0.31 7.09
CA SER A 8 1.84 1.29 6.39
C SER A 8 1.28 2.31 7.39
N LEU A 9 1.31 3.58 7.01
CA LEU A 9 0.69 4.65 7.81
C LEU A 9 -0.63 5.04 7.16
N ARG A 10 -1.73 4.74 7.84
CA ARG A 10 -3.07 4.95 7.32
C ARG A 10 -3.82 5.98 8.16
N HIS A 11 -5.00 6.34 7.68
CA HIS A 11 -5.87 7.28 8.35
C HIS A 11 -7.30 6.77 8.29
N VAL A 12 -8.06 7.11 9.32
CA VAL A 12 -9.43 6.65 9.47
C VAL A 12 -10.22 7.79 10.11
N SER A 13 -11.33 8.15 9.48
CA SER A 13 -12.16 9.21 10.05
C SER A 13 -12.74 8.72 11.37
N VAL A 14 -12.62 9.56 12.40
CA VAL A 14 -13.04 9.19 13.75
C VAL A 14 -13.74 10.38 14.38
N LEU A 15 -14.99 10.20 14.79
CA LEU A 15 -15.79 11.27 15.41
C LEU A 15 -15.69 12.54 14.55
N ASP A 16 -15.27 13.65 15.14
CA ASP A 16 -15.15 14.91 14.41
C ASP A 16 -13.78 15.14 13.79
N SER A 17 -12.95 14.11 13.68
CA SER A 17 -11.56 14.32 13.28
C SER A 17 -11.08 13.09 12.52
N THR A 18 -9.77 12.91 12.45
CA THR A 18 -9.18 11.74 11.84
C THR A 18 -8.08 11.20 12.77
N MET A 19 -7.84 9.89 12.70
CA MET A 19 -6.74 9.30 13.44
C MET A 19 -5.84 8.54 12.48
N ALA A 20 -4.53 8.74 12.63
CA ALA A 20 -3.54 7.97 11.90
C ALA A 20 -3.23 6.70 12.68
N TYR A 21 -2.82 5.65 11.96
CA TYR A 21 -2.33 4.46 12.65
C TYR A 21 -1.34 3.73 11.76
N ARG A 22 -0.37 3.07 12.40
CA ARG A 22 0.53 2.18 11.70
C ARG A 22 -0.08 0.78 11.68
N GLU A 23 0.10 0.08 10.56
CA GLU A 23 -0.47 -1.26 10.37
C GLU A 23 0.55 -2.17 9.70
N THR A 24 0.57 -3.44 10.12
CA THR A 24 1.33 -4.47 9.42
C THR A 24 0.87 -5.83 9.93
N GLY A 25 1.39 -6.89 9.31
CA GLY A 25 1.04 -8.24 9.67
C GLY A 25 -0.04 -8.82 8.77
N ARG A 26 -0.19 -10.14 8.87
CA ARG A 26 -1.19 -10.86 8.09
C ARG A 26 -2.58 -10.66 8.71
N SER A 27 -3.56 -10.34 7.86
CA SER A 27 -4.88 -9.99 8.35
C SER A 27 -5.68 -11.17 8.88
N ASP A 28 -5.23 -12.40 8.65
CA ASP A 28 -5.90 -13.58 9.19
C ASP A 28 -5.41 -13.95 10.59
N ALA A 29 -4.55 -13.16 11.19
CA ALA A 29 -3.99 -13.39 12.50
C ALA A 29 -4.73 -12.56 13.55
N PRO A 30 -4.56 -12.85 14.84
CA PRO A 30 -5.23 -12.01 15.84
C PRO A 30 -4.71 -10.57 15.78
N VAL A 31 -5.56 -9.63 16.17
CA VAL A 31 -5.16 -8.23 16.20
C VAL A 31 -4.35 -7.96 17.46
N VAL A 32 -3.25 -7.22 17.33
CA VAL A 32 -2.55 -6.63 18.47
C VAL A 32 -2.62 -5.12 18.34
N LEU A 33 -3.15 -4.48 19.36
CA LEU A 33 -3.32 -3.03 19.44
C LEU A 33 -2.21 -2.47 20.33
N PHE A 34 -1.33 -1.65 19.74
CA PHE A 34 -0.25 -0.99 20.45
C PHE A 34 -0.69 0.41 20.85
N LEU A 35 -0.61 0.73 22.14
CA LEU A 35 -1.08 2.01 22.66
C LEU A 35 0.07 2.78 23.30
N HIS A 36 0.47 3.89 22.66
CA HIS A 36 1.50 4.78 23.19
C HIS A 36 0.90 5.72 24.21
N GLY A 37 1.78 6.49 24.87
CA GLY A 37 1.39 7.49 25.84
C GLY A 37 1.95 8.86 25.50
N ASN A 38 2.18 9.64 26.54
CA ASN A 38 2.60 11.05 26.44
C ASN A 38 4.12 11.13 26.44
N PRO A 39 4.76 11.83 25.50
CA PRO A 39 4.23 12.59 24.35
C PRO A 39 4.65 11.92 23.05
N THR A 40 4.43 10.64 22.94
CA THR A 40 4.94 9.86 21.82
C THR A 40 3.83 9.69 20.77
N SER A 41 3.99 8.69 19.90
CA SER A 41 2.96 8.29 18.95
C SER A 41 3.27 6.85 18.55
N SER A 42 2.54 6.34 17.55
CA SER A 42 2.78 4.98 17.06
C SER A 42 4.21 4.79 16.59
N TYR A 43 4.92 5.89 16.32
CA TYR A 43 6.32 5.83 15.93
C TYR A 43 7.17 5.09 16.96
N ILE A 44 6.79 5.17 18.25
CA ILE A 44 7.57 4.50 19.27
C ILE A 44 7.51 2.98 19.18
N TRP A 45 6.60 2.43 18.37
CA TRP A 45 6.51 0.98 18.21
C TRP A 45 7.17 0.50 16.93
N ARG A 46 7.86 1.39 16.22
CA ARG A 46 8.31 1.08 14.87
C ARG A 46 9.31 -0.08 14.83
N ASN A 47 10.09 -0.27 15.90
CA ASN A 47 11.07 -1.35 15.93
C ASN A 47 10.53 -2.59 16.63
N ILE A 48 9.32 -2.54 17.14
CA ILE A 48 8.68 -3.69 17.80
C ILE A 48 7.68 -4.37 16.88
N ILE A 49 6.89 -3.57 16.16
CA ILE A 49 5.83 -4.07 15.32
C ILE A 49 6.34 -5.10 14.30
N PRO A 50 7.48 -4.89 13.64
CA PRO A 50 7.93 -5.91 12.66
C PRO A 50 8.20 -7.27 13.27
N LEU A 51 8.51 -7.34 14.57
CA LEU A 51 8.81 -8.62 15.18
C LEU A 51 7.55 -9.35 15.63
N VAL A 52 6.42 -8.66 15.73
CA VAL A 52 5.15 -9.27 16.14
C VAL A 52 4.33 -9.58 14.90
N ALA A 53 4.58 -8.82 13.81
CA ALA A 53 3.93 -9.01 12.52
C ALA A 53 3.81 -10.47 12.09
N PRO A 54 4.83 -11.32 12.29
CA PRO A 54 4.69 -12.71 11.82
C PRO A 54 3.56 -13.49 12.49
N VAL A 55 3.10 -13.09 13.67
CA VAL A 55 2.06 -13.84 14.39
C VAL A 55 0.79 -13.05 14.61
N ALA A 56 0.70 -11.82 14.12
CA ALA A 56 -0.43 -10.99 14.51
C ALA A 56 -0.65 -9.86 13.50
N HIS A 57 -1.87 -9.33 13.53
CA HIS A 57 -2.25 -8.16 12.75
C HIS A 57 -2.05 -6.93 13.63
N CYS A 58 -0.96 -6.22 13.38
CA CYS A 58 -0.51 -5.15 14.26
C CYS A 58 -1.18 -3.83 13.88
N ILE A 59 -1.82 -3.19 14.86
CA ILE A 59 -2.50 -1.90 14.69
C ILE A 59 -2.00 -0.98 15.77
N ALA A 60 -1.43 0.15 15.39
CA ALA A 60 -0.85 1.09 16.36
C ALA A 60 -1.37 2.48 16.05
N PRO A 61 -2.43 2.93 16.74
CA PRO A 61 -2.95 4.27 16.50
C PRO A 61 -2.11 5.36 17.16
N ASP A 62 -2.17 6.53 16.52
CA ASP A 62 -1.79 7.79 17.16
C ASP A 62 -3.00 8.32 17.91
N LEU A 63 -2.90 8.42 19.25
CA LEU A 63 -3.97 9.04 20.02
C LEU A 63 -4.33 10.40 19.44
N ILE A 64 -5.59 10.80 19.62
CA ILE A 64 -6.04 12.09 19.06
C ILE A 64 -5.16 13.22 19.59
N GLY A 65 -4.73 14.11 18.70
CA GLY A 65 -3.84 15.16 19.10
C GLY A 65 -2.36 14.80 19.14
N PHE A 66 -2.01 13.55 18.83
CA PHE A 66 -0.64 13.10 18.80
C PHE A 66 -0.28 12.60 17.41
N GLY A 67 1.02 12.55 17.13
CA GLY A 67 1.49 11.99 15.88
C GLY A 67 0.86 12.70 14.68
N GLN A 68 0.31 11.92 13.76
CA GLN A 68 -0.34 12.46 12.57
C GLN A 68 -1.86 12.44 12.69
N SER A 69 -2.40 12.22 13.88
CA SER A 69 -3.83 12.31 14.09
C SER A 69 -4.29 13.76 14.10
N GLY A 70 -5.60 13.96 13.97
CA GLY A 70 -6.13 15.30 13.97
C GLY A 70 -5.96 16.02 15.29
N LYS A 71 -6.22 17.33 15.26
CA LYS A 71 -6.10 18.19 16.42
C LYS A 71 -7.43 18.91 16.67
N PRO A 72 -8.46 18.20 17.12
CA PRO A 72 -9.75 18.85 17.38
C PRO A 72 -9.69 19.78 18.58
N ASP A 73 -10.68 20.66 18.66
CA ASP A 73 -10.76 21.64 19.75
C ASP A 73 -11.48 21.00 20.94
N ILE A 74 -10.69 20.28 21.73
CA ILE A 74 -11.18 19.55 22.91
C ILE A 74 -10.18 19.75 24.05
N ASP A 75 -10.56 19.27 25.24
CA ASP A 75 -9.70 19.43 26.41
C ASP A 75 -8.54 18.45 26.43
N TYR A 76 -8.66 17.34 25.70
CA TYR A 76 -7.67 16.25 25.69
C TYR A 76 -7.54 15.62 27.07
N ARG A 77 -8.64 15.56 27.81
CA ARG A 77 -8.66 14.79 29.05
C ARG A 77 -8.53 13.29 28.75
N PHE A 78 -8.18 12.53 29.79
CA PHE A 78 -8.20 11.07 29.66
C PHE A 78 -9.52 10.59 29.05
N PHE A 79 -10.65 11.15 29.48
CA PHE A 79 -11.94 10.67 28.98
C PHE A 79 -12.14 11.02 27.51
N ASP A 80 -11.51 12.10 27.03
CA ASP A 80 -11.52 12.36 25.59
C ASP A 80 -10.80 11.26 24.83
N HIS A 81 -9.60 10.89 25.28
CA HIS A 81 -8.87 9.78 24.64
C HIS A 81 -9.66 8.47 24.69
N VAL A 82 -10.37 8.21 25.79
CA VAL A 82 -11.22 7.02 25.85
C VAL A 82 -12.23 7.02 24.69
N ARG A 83 -12.92 8.15 24.47
CA ARG A 83 -13.92 8.25 23.42
C ARG A 83 -13.33 8.05 22.02
N TYR A 84 -12.20 8.72 21.73
CA TYR A 84 -11.63 8.60 20.40
C TYR A 84 -11.06 7.21 20.17
N LEU A 85 -10.41 6.63 21.17
CA LEU A 85 -9.89 5.27 20.98
C LEU A 85 -11.01 4.27 20.81
N ASP A 86 -12.07 4.36 21.62
CA ASP A 86 -13.24 3.51 21.45
C ASP A 86 -13.78 3.62 20.02
N ALA A 87 -13.89 4.85 19.54
CA ALA A 87 -14.45 5.07 18.21
C ALA A 87 -13.55 4.48 17.13
N PHE A 88 -12.24 4.64 17.30
CA PHE A 88 -11.25 4.05 16.40
C PHE A 88 -11.40 2.54 16.35
N ILE A 89 -11.49 1.89 17.50
CA ILE A 89 -11.61 0.41 17.54
C ILE A 89 -12.90 -0.02 16.82
N ASP A 90 -14.00 0.65 17.07
CA ASP A 90 -15.28 0.32 16.41
C ASP A 90 -15.16 0.50 14.90
N LYS A 91 -14.57 1.61 14.46
CA LYS A 91 -14.48 1.93 13.01
C LYS A 91 -13.66 0.87 12.27
N LEU A 92 -12.65 0.33 12.90
CA LEU A 92 -11.83 -0.72 12.27
C LEU A 92 -12.49 -2.09 12.46
N GLY A 93 -13.58 -2.18 13.20
CA GLY A 93 -14.26 -3.44 13.37
C GLY A 93 -13.53 -4.47 14.21
N ILE A 94 -12.64 -4.02 15.09
CA ILE A 94 -11.88 -4.93 15.93
C ILE A 94 -12.80 -5.43 17.05
N GLU A 95 -12.99 -6.74 17.12
CA GLU A 95 -13.86 -7.34 18.13
C GLU A 95 -13.09 -7.93 19.30
N SER A 96 -11.80 -8.21 19.12
CA SER A 96 -10.96 -8.69 20.21
C SER A 96 -9.51 -8.45 19.81
N ALA A 97 -8.64 -8.30 20.82
CA ALA A 97 -7.26 -7.95 20.53
C ALA A 97 -6.38 -8.23 21.73
N TYR A 98 -5.12 -8.56 21.44
CA TYR A 98 -4.05 -8.34 22.40
C TYR A 98 -3.82 -6.84 22.53
N LEU A 99 -3.54 -6.40 23.75
CA LEU A 99 -3.15 -5.01 24.01
C LEU A 99 -1.69 -4.98 24.46
N VAL A 100 -0.91 -4.11 23.82
CA VAL A 100 0.46 -3.82 24.19
C VAL A 100 0.53 -2.32 24.48
N ALA A 101 0.96 -1.95 25.69
CA ALA A 101 0.74 -0.57 26.11
C ALA A 101 1.83 -0.08 27.09
N GLN A 102 2.06 1.24 27.05
CA GLN A 102 2.95 1.92 27.99
C GLN A 102 2.33 3.26 28.40
N ASP A 103 2.64 3.71 29.63
CA ASP A 103 2.31 5.09 30.07
C ASP A 103 0.79 5.28 30.01
N TRP A 104 0.29 6.39 29.46
CA TRP A 104 -1.16 6.58 29.36
C TRP A 104 -1.84 5.53 28.49
N GLY A 105 -1.11 4.86 27.61
CA GLY A 105 -1.69 3.75 26.87
C GLY A 105 -2.14 2.63 27.79
N THR A 106 -1.45 2.47 28.93
CA THR A 106 -1.89 1.44 29.88
C THR A 106 -3.18 1.84 30.58
N ALA A 107 -3.35 3.11 30.91
CA ALA A 107 -4.61 3.54 31.49
C ALA A 107 -5.76 3.30 30.52
N LEU A 108 -5.54 3.60 29.24
CA LEU A 108 -6.56 3.30 28.24
C LEU A 108 -6.82 1.81 28.16
N ALA A 109 -5.76 1.00 28.16
CA ALA A 109 -5.90 -0.45 28.09
C ALA A 109 -6.63 -1.00 29.33
N PHE A 110 -6.25 -0.54 30.54
CA PHE A 110 -6.89 -1.02 31.76
C PHE A 110 -8.38 -0.69 31.77
N HIS A 111 -8.73 0.53 31.34
CA HIS A 111 -10.12 0.96 31.32
C HIS A 111 -10.94 0.23 30.25
N LEU A 112 -10.31 -0.06 29.10
CA LEU A 112 -10.97 -0.87 28.07
C LEU A 112 -11.27 -2.27 28.61
N ALA A 113 -10.27 -2.91 29.22
CA ALA A 113 -10.45 -4.25 29.79
C ALA A 113 -11.49 -4.27 30.89
N ALA A 114 -11.57 -3.21 31.69
CA ALA A 114 -12.55 -3.22 32.77
C ALA A 114 -13.98 -3.13 32.24
N ARG A 115 -14.17 -2.42 31.13
CA ARG A 115 -15.49 -2.27 30.54
C ARG A 115 -15.88 -3.45 29.67
N ARG A 116 -14.92 -4.09 29.02
CA ARG A 116 -15.18 -5.20 28.10
C ARG A 116 -14.13 -6.29 28.35
N PRO A 117 -14.23 -7.01 29.48
CA PRO A 117 -13.20 -8.00 29.80
C PRO A 117 -12.97 -9.03 28.70
N ASP A 118 -14.01 -9.45 27.98
CA ASP A 118 -13.84 -10.50 26.97
C ASP A 118 -13.14 -9.99 25.72
N PHE A 119 -12.98 -8.68 25.57
CA PHE A 119 -12.26 -8.13 24.42
C PHE A 119 -10.77 -8.49 24.45
N VAL A 120 -10.19 -8.70 25.63
CA VAL A 120 -8.74 -8.77 25.76
C VAL A 120 -8.27 -10.22 25.61
N ARG A 121 -7.50 -10.47 24.55
CA ARG A 121 -6.82 -11.77 24.41
C ARG A 121 -5.59 -11.87 25.33
N GLY A 122 -4.98 -10.74 25.65
CA GLY A 122 -3.87 -10.70 26.59
C GLY A 122 -3.42 -9.25 26.72
N LEU A 123 -2.74 -8.97 27.82
CA LEU A 123 -2.29 -7.60 28.07
C LEU A 123 -0.79 -7.59 28.37
N ALA A 124 -0.03 -6.92 27.50
CA ALA A 124 1.39 -6.70 27.74
C ALA A 124 1.57 -5.23 28.05
N PHE A 125 2.09 -4.92 29.24
CA PHE A 125 2.16 -3.53 29.67
C PHE A 125 3.47 -3.27 30.40
N MET A 126 3.78 -1.99 30.59
CA MET A 126 5.04 -1.54 31.17
C MET A 126 4.89 -0.08 31.56
N GLU A 127 5.60 0.32 32.61
CA GLU A 127 5.72 1.72 33.01
C GLU A 127 4.34 2.36 33.05
N PHE A 128 3.47 1.75 33.86
CA PHE A 128 2.03 1.96 33.76
C PHE A 128 1.54 2.97 34.77
N ILE A 129 0.32 3.46 34.54
CA ILE A 129 -0.33 4.42 35.40
C ILE A 129 -1.20 3.68 36.41
N ARG A 130 -1.14 4.08 37.68
CA ARG A 130 -2.00 3.54 38.72
C ARG A 130 -2.37 4.69 39.64
N PRO A 131 -3.48 4.55 40.38
CA PRO A 131 -3.78 5.56 41.41
C PRO A 131 -2.65 5.68 42.42
N MET A 132 -2.23 6.91 42.66
CA MET A 132 -1.11 7.20 43.54
C MET A 132 -1.61 8.04 44.70
N PRO A 133 -1.75 7.47 45.90
CA PRO A 133 -2.39 8.23 47.00
C PRO A 133 -1.61 9.48 47.43
N THR A 134 -0.28 9.48 47.33
CA THR A 134 0.53 10.66 47.64
C THR A 134 1.55 10.86 46.54
N TRP A 135 2.18 12.04 46.55
CA TRP A 135 3.28 12.31 45.63
C TRP A 135 4.45 11.36 45.86
N ASP A 136 4.61 10.79 47.06
CA ASP A 136 5.68 9.83 47.24
C ASP A 136 5.43 8.55 46.44
N ASP A 137 4.20 8.31 46.01
CA ASP A 137 3.90 7.14 45.21
C ASP A 137 4.12 7.37 43.71
N PHE A 138 4.44 8.60 43.30
CA PHE A 138 4.65 8.92 41.90
C PHE A 138 6.15 8.87 41.57
N HIS A 139 6.53 8.00 40.63
CA HIS A 139 7.89 7.98 40.12
C HIS A 139 8.87 7.61 41.22
N GLN A 140 10.14 7.94 41.03
CA GLN A 140 11.22 7.58 41.96
C GLN A 140 12.20 8.71 42.26
N THR A 141 12.23 9.77 41.47
CA THR A 141 13.31 10.72 41.65
C THR A 141 12.76 12.07 42.12
N PRO A 142 13.53 12.80 42.92
CA PRO A 142 13.05 14.14 43.32
C PRO A 142 12.85 15.06 42.14
N GLN A 143 13.70 14.96 41.12
CA GLN A 143 13.58 15.88 39.99
C GLN A 143 12.31 15.61 39.18
N ALA A 144 11.93 14.34 39.01
CA ALA A 144 10.67 14.04 38.35
C ALA A 144 9.49 14.54 39.18
N ARG A 145 9.51 14.29 40.50
CA ARG A 145 8.41 14.76 41.34
C ARG A 145 8.26 16.27 41.28
N GLU A 146 9.37 17.00 41.32
CA GLU A 146 9.28 18.45 41.28
C GLU A 146 8.77 18.92 39.93
N MET A 147 9.26 18.32 38.84
CA MET A 147 8.87 18.75 37.50
C MET A 147 7.37 18.53 37.27
N PHE A 148 6.85 17.35 37.65
CA PHE A 148 5.43 17.09 37.43
C PHE A 148 4.57 17.92 38.36
N ARG A 149 5.06 18.25 39.56
CA ARG A 149 4.34 19.21 40.40
C ARG A 149 4.22 20.55 39.68
N LYS A 150 5.30 20.96 39.01
CA LYS A 150 5.27 22.21 38.28
C LYS A 150 4.34 22.13 37.07
N PHE A 151 4.34 21.00 36.36
CA PHE A 151 3.37 20.83 35.27
C PHE A 151 1.95 21.07 35.76
N ARG A 152 1.65 20.62 36.96
CA ARG A 152 0.29 20.69 37.48
C ARG A 152 -0.01 22.00 38.18
N THR A 153 0.92 22.96 38.15
CA THR A 153 0.72 24.27 38.75
C THR A 153 0.21 25.24 37.70
N PRO A 154 -0.90 25.93 37.95
CA PRO A 154 -1.42 26.89 36.98
C PRO A 154 -0.36 27.94 36.60
N GLY A 155 -0.34 28.30 35.32
CA GLY A 155 0.62 29.26 34.83
C GLY A 155 1.99 28.67 34.57
N VAL A 156 2.59 28.08 35.60
CA VAL A 156 3.91 27.48 35.47
C VAL A 156 3.90 26.37 34.43
N GLY A 157 2.88 25.49 34.50
CA GLY A 157 2.81 24.39 33.55
C GLY A 157 2.63 24.87 32.11
N GLU A 158 1.81 25.90 31.92
CA GLU A 158 1.64 26.49 30.59
C GLU A 158 2.97 27.00 30.05
N GLN A 159 3.75 27.68 30.89
CA GLN A 159 5.04 28.20 30.43
C GLN A 159 6.00 27.07 30.07
N MET A 160 6.06 26.03 30.91
CA MET A 160 7.02 24.97 30.65
C MET A 160 6.65 24.15 29.42
N ILE A 161 5.37 23.80 29.27
CA ILE A 161 4.96 22.85 28.22
C ILE A 161 4.46 23.56 26.97
N LEU A 162 3.53 24.52 27.09
CA LEU A 162 3.03 25.18 25.89
C LEU A 162 4.11 26.05 25.25
N GLU A 163 4.79 26.87 26.05
CA GLU A 163 5.77 27.80 25.48
C GLU A 163 7.10 27.10 25.20
N ASP A 164 7.60 26.29 26.14
CA ASP A 164 8.94 25.70 25.99
C ASP A 164 8.94 24.23 25.60
N ASN A 165 7.79 23.57 25.53
CA ASN A 165 7.66 22.20 24.98
C ASN A 165 8.48 21.19 25.80
N VAL A 166 8.52 21.39 27.11
CA VAL A 166 9.42 20.65 27.99
C VAL A 166 9.11 19.14 27.99
N PHE A 167 7.84 18.76 27.82
CA PHE A 167 7.54 17.32 27.84
C PHE A 167 8.19 16.60 26.68
N VAL A 168 8.13 17.20 25.49
CA VAL A 168 8.75 16.59 24.31
C VAL A 168 10.26 16.74 24.36
N GLU A 169 10.76 17.93 24.76
CA GLU A 169 12.17 18.22 24.59
C GLU A 169 13.03 17.77 25.77
N ARG A 170 12.41 17.46 26.91
CA ARG A 170 13.19 17.14 28.11
C ARG A 170 12.76 15.81 28.70
N VAL A 171 11.48 15.71 29.07
CA VAL A 171 11.00 14.50 29.73
C VAL A 171 11.22 13.27 28.84
N LEU A 172 10.90 13.39 27.53
CA LEU A 172 11.02 12.23 26.66
C LEU A 172 12.47 11.77 26.49
N PRO A 173 13.39 12.58 25.94
CA PRO A 173 14.78 12.08 25.84
C PRO A 173 15.45 11.87 27.19
N GLY A 174 15.07 12.63 28.22
CA GLY A 174 15.63 12.42 29.54
C GLY A 174 15.20 11.11 30.20
N SER A 175 14.17 10.45 29.67
CA SER A 175 13.63 9.25 30.28
C SER A 175 13.88 8.01 29.42
N ILE A 176 14.96 8.08 28.64
CA ILE A 176 15.44 7.00 27.78
C ILE A 176 16.95 6.91 28.01
N VAL A 177 17.48 5.69 28.11
CA VAL A 177 18.89 5.54 28.46
C VAL A 177 19.78 5.91 27.27
N ARG A 178 19.48 5.35 26.10
CA ARG A 178 20.28 5.62 24.92
C ARG A 178 20.01 7.03 24.40
N LYS A 179 20.92 7.46 23.53
CA LYS A 179 20.80 8.74 22.85
C LYS A 179 19.83 8.60 21.68
N LEU A 180 18.84 9.49 21.60
CA LEU A 180 18.01 9.58 20.40
C LEU A 180 18.74 10.36 19.30
N SER A 181 18.61 9.88 18.07
CA SER A 181 19.18 10.58 16.92
C SER A 181 18.42 11.88 16.64
N GLU A 182 19.06 12.76 15.87
CA GLU A 182 18.40 14.00 15.52
C GLU A 182 17.11 13.74 14.74
N GLU A 183 17.10 12.72 13.88
CA GLU A 183 15.88 12.42 13.11
C GLU A 183 14.77 11.93 14.03
N GLU A 184 15.12 11.11 15.02
CA GLU A 184 14.12 10.63 15.94
C GLU A 184 13.47 11.78 16.73
N MET A 185 14.27 12.74 17.19
CA MET A 185 13.71 13.88 17.91
C MET A 185 12.94 14.79 16.95
N ALA A 186 13.34 14.88 15.69
CA ALA A 186 12.54 15.64 14.72
C ALA A 186 11.16 15.01 14.56
N VAL A 187 11.07 13.68 14.52
CA VAL A 187 9.76 13.03 14.47
C VAL A 187 8.96 13.33 15.72
N TYR A 188 9.58 13.20 16.89
CA TYR A 188 8.79 13.33 18.12
C TYR A 188 8.32 14.76 18.34
N ARG A 189 9.05 15.77 17.83
CA ARG A 189 8.56 17.13 18.02
C ARG A 189 7.67 17.61 16.88
N ALA A 190 7.59 16.85 15.79
CA ALA A 190 6.78 17.28 14.63
C ALA A 190 5.32 17.56 14.94
N PRO A 191 4.61 16.80 15.80
CA PRO A 191 3.22 17.15 16.10
C PRO A 191 3.07 18.42 16.91
N PHE A 192 4.16 18.98 17.45
CA PHE A 192 4.08 20.00 18.50
C PHE A 192 4.88 21.26 18.19
N PRO A 193 4.71 21.85 16.99
CA PRO A 193 5.50 23.04 16.65
C PRO A 193 5.00 24.33 17.26
N THR A 194 3.77 24.37 17.78
CA THR A 194 3.20 25.60 18.30
C THR A 194 2.72 25.41 19.72
N PRO A 195 2.64 26.50 20.50
CA PRO A 195 2.05 26.41 21.85
C PRO A 195 0.68 25.74 21.85
N GLU A 196 -0.20 26.14 20.93
CA GLU A 196 -1.55 25.56 20.92
C GLU A 196 -1.50 24.06 20.66
N SER A 197 -0.60 23.61 19.79
CA SER A 197 -0.53 22.19 19.47
C SER A 197 -0.10 21.33 20.66
N ARG A 198 0.50 21.94 21.68
CA ARG A 198 1.06 21.19 22.81
C ARG A 198 0.06 20.95 23.93
N ARG A 199 -1.15 21.48 23.81
CA ARG A 199 -2.22 21.27 24.80
C ARG A 199 -2.34 19.82 25.27
N PRO A 200 -2.34 18.80 24.40
CA PRO A 200 -2.48 17.42 24.92
C PRO A 200 -1.33 16.97 25.80
N THR A 201 -0.11 17.49 25.58
CA THR A 201 1.01 17.08 26.42
C THR A 201 1.03 17.79 27.77
N LEU A 202 0.25 18.86 27.91
CA LEU A 202 0.05 19.52 29.19
C LEU A 202 -1.13 18.93 29.95
N ARG A 203 -2.21 18.57 29.24
CA ARG A 203 -3.37 18.02 29.93
C ARG A 203 -3.04 16.67 30.56
N PHE A 204 -2.25 15.83 29.87
CA PHE A 204 -1.96 14.50 30.43
C PHE A 204 -1.33 14.53 31.82
N PRO A 205 -0.28 15.31 32.12
CA PRO A 205 0.25 15.27 33.50
C PRO A 205 -0.74 15.83 34.52
N ARG A 206 -1.65 16.69 34.09
CA ARG A 206 -2.71 17.21 34.93
C ARG A 206 -3.84 16.21 35.08
N GLU A 207 -3.82 15.11 34.34
CA GLU A 207 -4.76 14.01 34.49
C GLU A 207 -4.22 12.88 35.36
N LEU A 208 -2.91 12.87 35.62
CA LEU A 208 -2.31 11.77 36.39
C LEU A 208 -3.01 11.64 37.74
N PRO A 209 -3.36 10.45 38.15
CA PRO A 209 -4.16 10.29 39.38
C PRO A 209 -3.28 10.33 40.64
N ILE A 210 -3.11 11.51 41.21
CA ILE A 210 -2.18 11.71 42.32
C ILE A 210 -2.91 12.43 43.45
N ALA A 211 -2.83 11.88 44.66
CA ALA A 211 -3.47 12.50 45.83
C ALA A 211 -4.95 12.78 45.55
N GLY A 212 -5.61 11.87 44.85
CA GLY A 212 -7.04 11.95 44.63
C GLY A 212 -7.49 12.92 43.56
N GLU A 213 -6.58 13.50 42.78
CA GLU A 213 -6.95 14.52 41.81
C GLU A 213 -6.33 14.20 40.46
N PRO A 214 -7.08 14.38 39.35
CA PRO A 214 -8.49 14.75 39.34
C PRO A 214 -9.32 13.56 39.82
N ALA A 215 -10.42 13.83 40.53
CA ALA A 215 -11.14 12.78 41.23
C ALA A 215 -11.77 11.78 40.26
N ASP A 216 -12.25 12.26 39.09
CA ASP A 216 -12.88 11.34 38.16
C ASP A 216 -11.88 10.34 37.58
N VAL A 217 -10.69 10.82 37.18
CA VAL A 217 -9.65 9.89 36.70
C VAL A 217 -9.22 8.96 37.82
N TYR A 218 -9.06 9.51 39.02
CA TYR A 218 -8.62 8.70 40.14
C TYR A 218 -9.59 7.56 40.41
N SER A 219 -10.88 7.88 40.51
CA SER A 219 -11.90 6.85 40.71
C SER A 219 -11.90 5.86 39.55
N THR A 220 -11.84 6.37 38.31
CA THR A 220 -11.90 5.46 37.17
C THR A 220 -10.72 4.50 37.15
N LEU A 221 -9.52 4.98 37.45
CA LEU A 221 -8.39 4.07 37.41
C LEU A 221 -8.34 3.14 38.62
N GLU A 222 -8.91 3.55 39.75
CA GLU A 222 -9.05 2.62 40.88
C GLU A 222 -9.95 1.43 40.51
N SER A 223 -11.08 1.72 39.86
CA SER A 223 -11.95 0.66 39.35
C SER A 223 -11.23 -0.18 38.32
N ALA A 224 -10.51 0.47 37.39
CA ALA A 224 -9.78 -0.28 36.37
C ALA A 224 -8.76 -1.21 37.01
N HIS A 225 -8.09 -0.76 38.08
CA HIS A 225 -7.08 -1.60 38.69
C HIS A 225 -7.71 -2.71 39.53
N ALA A 226 -8.91 -2.47 40.06
CA ALA A 226 -9.60 -3.57 40.74
C ALA A 226 -10.02 -4.64 39.75
N ALA A 227 -10.51 -4.24 38.56
CA ALA A 227 -10.80 -5.25 37.54
C ALA A 227 -9.52 -5.97 37.12
N LEU A 228 -8.42 -5.24 36.93
CA LEU A 228 -7.17 -5.86 36.52
C LEU A 228 -6.74 -6.93 37.51
N ALA A 229 -6.87 -6.62 38.80
CA ALA A 229 -6.43 -7.55 39.85
C ALA A 229 -7.25 -8.83 39.85
N ALA A 230 -8.52 -8.77 39.47
CA ALA A 230 -9.38 -9.94 39.40
C ALA A 230 -9.31 -10.66 38.06
N SER A 231 -8.78 -10.02 37.03
CA SER A 231 -8.84 -10.60 35.70
C SER A 231 -7.96 -11.83 35.57
N THR A 232 -8.30 -12.68 34.60
CA THR A 232 -7.54 -13.90 34.38
C THR A 232 -6.99 -14.06 32.97
N TYR A 233 -7.16 -13.06 32.08
CA TYR A 233 -6.52 -13.14 30.78
C TYR A 233 -4.98 -13.06 30.95
N PRO A 234 -4.24 -13.61 30.00
CA PRO A 234 -2.77 -13.63 30.12
C PRO A 234 -2.21 -12.21 30.11
N LYS A 235 -1.14 -12.02 30.87
CA LYS A 235 -0.53 -10.71 31.03
C LYS A 235 0.98 -10.82 31.00
N LEU A 236 1.62 -9.77 30.48
CA LEU A 236 3.07 -9.58 30.53
C LEU A 236 3.36 -8.21 31.11
N LEU A 237 4.17 -8.16 32.16
CA LEU A 237 4.65 -6.91 32.71
C LEU A 237 6.14 -6.84 32.39
N PHE A 238 6.53 -5.91 31.53
CA PHE A 238 7.93 -5.60 31.31
C PHE A 238 8.39 -4.53 32.29
N THR A 239 9.63 -4.63 32.72
CA THR A 239 10.21 -3.63 33.61
C THR A 239 11.63 -3.32 33.19
N GLY A 240 12.03 -2.07 33.39
CA GLY A 240 13.42 -1.67 33.27
C GLY A 240 14.02 -1.48 34.65
N ASP A 241 15.32 -1.16 34.67
CA ASP A 241 16.07 -0.93 35.90
C ASP A 241 16.92 0.33 35.72
N PRO A 242 16.68 1.39 36.49
CA PRO A 242 15.75 1.47 37.63
C PRO A 242 14.29 1.67 37.26
N GLY A 243 13.99 1.81 35.96
CA GLY A 243 12.64 2.18 35.56
C GLY A 243 12.34 3.62 35.95
N ALA A 244 11.06 3.95 35.93
CA ALA A 244 10.64 5.30 36.29
C ALA A 244 9.37 5.26 37.13
N LEU A 245 8.20 5.06 36.48
CA LEU A 245 6.96 4.87 37.21
C LEU A 245 6.90 3.51 37.89
N VAL A 246 7.72 2.56 37.44
CA VAL A 246 7.73 1.20 37.94
C VAL A 246 9.17 0.82 38.24
N SER A 247 9.49 0.61 39.52
CA SER A 247 10.79 0.06 39.87
C SER A 247 10.78 -1.47 39.72
N PRO A 248 11.97 -2.09 39.57
CA PRO A 248 12.02 -3.55 39.53
C PRO A 248 11.36 -4.21 40.72
N ALA A 249 11.57 -3.67 41.94
CA ALA A 249 10.99 -4.27 43.13
C ALA A 249 9.47 -4.13 43.13
N PHE A 250 8.97 -3.00 42.64
CA PHE A 250 7.52 -2.83 42.54
C PHE A 250 6.93 -3.76 41.49
N ALA A 251 7.58 -3.84 40.33
CA ALA A 251 7.12 -4.74 39.26
C ALA A 251 7.03 -6.17 39.76
N GLU A 252 8.02 -6.61 40.55
CA GLU A 252 8.00 -7.98 41.05
C GLU A 252 6.78 -8.23 41.92
N ARG A 253 6.48 -7.30 42.85
CA ARG A 253 5.33 -7.48 43.71
C ARG A 253 4.02 -7.32 42.94
N PHE A 254 3.97 -6.36 42.02
CA PHE A 254 2.76 -6.13 41.27
C PHE A 254 2.39 -7.36 40.45
N ALA A 255 3.36 -7.90 39.70
CA ALA A 255 3.07 -9.06 38.85
C ALA A 255 2.72 -10.27 39.69
N ALA A 256 3.42 -10.46 40.80
CA ALA A 256 3.16 -11.62 41.66
C ALA A 256 1.80 -11.56 42.34
N ASN A 257 1.21 -10.36 42.45
CA ASN A 257 -0.12 -10.22 43.02
C ASN A 257 -1.24 -10.21 41.99
N LEU A 258 -0.91 -10.16 40.70
CA LEU A 258 -1.93 -10.36 39.67
C LEU A 258 -2.08 -11.85 39.38
N LYS A 259 -3.19 -12.20 38.72
CA LYS A 259 -3.37 -13.55 38.22
C LYS A 259 -2.87 -13.63 36.78
N ASN A 260 -2.06 -14.66 36.49
CA ASN A 260 -1.68 -14.99 35.11
C ASN A 260 -0.78 -13.90 34.51
N CYS A 261 0.10 -13.31 35.33
CA CYS A 261 1.00 -12.24 34.88
C CYS A 261 2.44 -12.71 34.99
N ARG A 262 3.17 -12.72 33.87
CA ARG A 262 4.60 -13.04 33.87
C ARG A 262 5.40 -11.74 33.86
N LEU A 263 6.51 -11.73 34.61
CA LEU A 263 7.38 -10.57 34.70
C LEU A 263 8.57 -10.77 33.77
N ILE A 264 8.85 -9.75 32.95
CA ILE A 264 10.00 -9.75 32.05
C ILE A 264 10.93 -8.63 32.49
N ARG A 265 12.16 -8.98 32.92
CA ARG A 265 13.15 -8.01 33.35
C ARG A 265 14.05 -7.64 32.17
N LEU A 266 13.93 -6.40 31.68
CA LEU A 266 14.65 -6.03 30.47
C LEU A 266 16.08 -5.58 30.76
N GLY A 267 16.37 -5.09 31.95
CA GLY A 267 17.67 -4.49 32.22
C GLY A 267 17.61 -2.97 32.25
N ALA A 268 18.72 -2.32 31.87
CA ALA A 268 18.82 -0.87 32.00
C ALA A 268 17.72 -0.17 31.21
N GLY A 269 16.91 0.62 31.90
CA GLY A 269 15.82 1.34 31.26
C GLY A 269 15.25 2.37 32.20
N LEU A 270 14.50 3.30 31.63
CA LEU A 270 13.89 4.34 32.44
C LEU A 270 12.38 4.35 32.18
N HIS A 271 11.84 5.34 31.47
CA HIS A 271 10.39 5.35 31.26
C HIS A 271 9.94 4.81 29.91
N TYR A 272 10.61 5.17 28.80
CA TYR A 272 10.15 4.77 27.47
C TYR A 272 10.97 3.57 27.04
N LEU A 273 10.50 2.38 27.43
CA LEU A 273 11.32 1.18 27.30
C LEU A 273 11.45 0.69 25.88
N GLN A 274 10.54 1.09 24.98
CA GLN A 274 10.63 0.68 23.58
C GLN A 274 11.89 1.21 22.93
N GLU A 275 12.37 2.36 23.35
CA GLU A 275 13.56 2.92 22.69
C GLU A 275 14.86 2.28 23.19
N ASP A 276 14.83 1.61 24.32
CA ASP A 276 16.00 0.92 24.84
C ASP A 276 15.97 -0.58 24.61
N HIS A 277 14.78 -1.20 24.49
CA HIS A 277 14.72 -2.65 24.34
C HIS A 277 13.72 -3.11 23.28
N PRO A 278 13.73 -2.58 22.06
CA PRO A 278 12.68 -2.97 21.11
C PRO A 278 12.70 -4.44 20.74
N GLU A 279 13.88 -5.01 20.49
CA GLU A 279 13.93 -6.40 20.05
C GLU A 279 13.51 -7.35 21.17
N ALA A 280 13.92 -7.09 22.40
CA ALA A 280 13.49 -7.94 23.51
C ALA A 280 11.98 -7.87 23.68
N ILE A 281 11.41 -6.66 23.61
CA ILE A 281 9.97 -6.54 23.76
C ILE A 281 9.25 -7.21 22.60
N GLY A 282 9.66 -6.93 21.36
CA GLY A 282 9.00 -7.51 20.20
C GLY A 282 9.06 -9.02 20.18
N ARG A 283 10.26 -9.58 20.38
CA ARG A 283 10.39 -11.04 20.35
C ARG A 283 9.63 -11.70 21.50
N THR A 284 9.64 -11.10 22.69
CA THR A 284 8.89 -11.67 23.81
C THR A 284 7.39 -11.65 23.55
N VAL A 285 6.86 -10.52 23.05
CA VAL A 285 5.43 -10.43 22.74
C VAL A 285 5.06 -11.45 21.67
N ALA A 286 5.90 -11.58 20.63
CA ALA A 286 5.57 -12.48 19.54
C ALA A 286 5.52 -13.93 20.01
N GLY A 287 6.47 -14.32 20.86
CA GLY A 287 6.49 -15.69 21.36
C GLY A 287 5.35 -15.96 22.31
N TRP A 288 4.99 -14.96 23.11
CA TRP A 288 3.87 -15.07 24.04
C TRP A 288 2.55 -15.24 23.29
N ILE A 289 2.34 -14.47 22.22
CA ILE A 289 1.13 -14.63 21.42
C ILE A 289 1.09 -16.00 20.76
N ALA A 290 2.22 -16.44 20.19
CA ALA A 290 2.28 -17.76 19.57
C ALA A 290 1.93 -18.86 20.56
N GLU A 291 2.41 -18.71 21.80
CA GLU A 291 2.08 -19.68 22.84
C GLU A 291 0.58 -19.72 23.12
N ILE A 292 -0.03 -18.55 23.29
CA ILE A 292 -1.45 -18.48 23.63
C ILE A 292 -2.30 -18.98 22.46
N GLU A 293 -1.93 -18.61 21.24
CA GLU A 293 -2.72 -19.04 20.08
C GLU A 293 -2.62 -20.55 19.86
N ALA A 294 -1.43 -21.12 20.10
CA ALA A 294 -1.29 -22.57 19.97
C ALA A 294 -2.12 -23.30 21.03
N ALA A 295 -2.29 -22.70 22.20
CA ALA A 295 -3.06 -23.30 23.28
C ALA A 295 -4.57 -23.23 23.05
N SER A 296 -5.02 -22.96 21.82
CA SER A 296 -6.44 -22.96 21.49
C SER A 296 -6.75 -23.94 20.35
N ASP B 6 -11.89 33.50 13.43
CA ASP B 6 -11.08 32.37 13.89
C ASP B 6 -11.00 31.28 12.83
N ILE B 7 -9.81 30.70 12.68
CA ILE B 7 -9.55 29.68 11.66
C ILE B 7 -9.73 28.31 12.29
N SER B 8 -10.62 27.51 11.72
CA SER B 8 -10.77 26.11 12.11
C SER B 8 -9.91 25.24 11.21
N LEU B 9 -9.30 24.21 11.80
CA LEU B 9 -8.59 23.18 11.04
C LEU B 9 -9.44 21.92 11.01
N ARG B 10 -9.87 21.53 9.82
CA ARG B 10 -10.79 20.41 9.65
C ARG B 10 -10.16 19.36 8.74
N HIS B 11 -10.86 18.23 8.64
CA HIS B 11 -10.38 17.08 7.89
C HIS B 11 -11.53 16.46 7.11
N VAL B 12 -11.17 15.85 5.99
CA VAL B 12 -12.13 15.18 5.12
C VAL B 12 -11.44 13.96 4.52
N SER B 13 -12.18 12.87 4.43
CA SER B 13 -11.64 11.70 3.77
C SER B 13 -11.62 11.93 2.28
N VAL B 14 -10.49 11.64 1.66
CA VAL B 14 -10.28 11.90 0.25
C VAL B 14 -9.62 10.68 -0.34
N LEU B 15 -10.31 10.03 -1.29
CA LEU B 15 -9.76 8.86 -1.99
C LEU B 15 -9.32 7.84 -0.96
N ASP B 16 -8.03 7.51 -0.90
CA ASP B 16 -7.51 6.51 0.03
C ASP B 16 -6.89 7.10 1.29
N SER B 17 -7.11 8.38 1.56
CA SER B 17 -6.38 9.03 2.62
C SER B 17 -7.26 10.12 3.23
N THR B 18 -6.62 11.10 3.86
CA THR B 18 -7.27 12.22 4.50
C THR B 18 -6.58 13.50 4.06
N MET B 19 -7.35 14.58 3.97
CA MET B 19 -6.78 15.89 3.69
C MET B 19 -7.25 16.87 4.76
N ALA B 20 -6.32 17.67 5.25
CA ALA B 20 -6.58 18.73 6.20
C ALA B 20 -6.86 20.02 5.44
N TYR B 21 -7.62 20.90 6.06
CA TYR B 21 -7.81 22.22 5.44
C TYR B 21 -8.18 23.22 6.52
N ARG B 22 -7.75 24.46 6.30
CA ARG B 22 -8.15 25.59 7.13
C ARG B 22 -9.44 26.18 6.58
N GLU B 23 -10.29 26.66 7.49
CA GLU B 23 -11.63 27.10 7.12
C GLU B 23 -12.01 28.29 7.98
N THR B 24 -12.63 29.29 7.36
CA THR B 24 -13.10 30.47 8.08
C THR B 24 -14.04 31.24 7.17
N GLY B 25 -14.64 32.29 7.72
CA GLY B 25 -15.61 33.07 7.00
C GLY B 25 -17.02 32.51 7.11
N ARG B 26 -17.94 33.26 6.52
CA ARG B 26 -19.36 32.96 6.59
C ARG B 26 -19.75 31.88 5.59
N SER B 27 -20.73 31.06 5.98
CA SER B 27 -21.16 29.93 5.15
C SER B 27 -21.88 30.38 3.89
N ASP B 28 -22.62 31.49 3.94
CA ASP B 28 -23.44 31.93 2.82
C ASP B 28 -22.69 32.75 1.79
N ALA B 29 -21.45 33.14 2.06
CA ALA B 29 -20.67 33.88 1.10
C ALA B 29 -20.03 32.95 0.07
N PRO B 30 -19.54 33.48 -1.05
CA PRO B 30 -18.90 32.60 -2.03
C PRO B 30 -17.64 31.97 -1.46
N VAL B 31 -17.32 30.80 -2.00
CA VAL B 31 -16.13 30.07 -1.59
C VAL B 31 -14.91 30.69 -2.25
N VAL B 32 -13.84 30.85 -1.47
CA VAL B 32 -12.51 31.17 -1.97
C VAL B 32 -11.60 30.01 -1.60
N LEU B 33 -11.03 29.36 -2.60
CA LEU B 33 -10.08 28.26 -2.38
C LEU B 33 -8.65 28.79 -2.48
N PHE B 34 -7.87 28.61 -1.41
CA PHE B 34 -6.46 29.01 -1.37
C PHE B 34 -5.58 27.80 -1.60
N LEU B 35 -4.67 27.90 -2.57
CA LEU B 35 -3.87 26.76 -3.02
C LEU B 35 -2.40 27.09 -2.89
N HIS B 36 -1.73 26.42 -1.94
CA HIS B 36 -0.31 26.55 -1.68
C HIS B 36 0.49 25.66 -2.63
N GLY B 37 1.82 25.83 -2.61
CA GLY B 37 2.73 25.05 -3.42
C GLY B 37 3.80 24.40 -2.58
N ASN B 38 4.94 24.21 -3.20
CA ASN B 38 6.05 23.46 -2.62
C ASN B 38 7.01 24.40 -1.88
N PRO B 39 7.40 24.10 -0.63
CA PRO B 39 7.04 22.98 0.25
C PRO B 39 6.20 23.43 1.43
N THR B 40 5.15 24.17 1.16
CA THR B 40 4.40 24.84 2.21
C THR B 40 3.13 24.06 2.53
N SER B 41 2.14 24.73 3.10
CA SER B 41 0.85 24.14 3.46
C SER B 41 -0.12 25.30 3.61
N SER B 42 -1.37 25.00 4.03
CA SER B 42 -2.34 26.06 4.22
C SER B 42 -1.90 27.06 5.28
N TYR B 43 -0.92 26.68 6.11
CA TYR B 43 -0.33 27.60 7.08
C TYR B 43 0.14 28.89 6.43
N ILE B 44 0.57 28.83 5.17
CA ILE B 44 1.09 30.03 4.51
C ILE B 44 0.01 31.07 4.27
N TRP B 45 -1.27 30.70 4.37
CA TRP B 45 -2.36 31.66 4.18
C TRP B 45 -2.92 32.18 5.50
N ARG B 46 -2.27 31.87 6.63
CA ARG B 46 -2.85 32.13 7.94
C ARG B 46 -3.06 33.61 8.23
N ASN B 47 -2.24 34.49 7.66
CA ASN B 47 -2.41 35.92 7.85
C ASN B 47 -3.19 36.58 6.72
N ILE B 48 -3.57 35.81 5.71
CA ILE B 48 -4.37 36.30 4.59
C ILE B 48 -5.84 35.96 4.78
N ILE B 49 -6.17 34.71 5.13
CA ILE B 49 -7.59 34.31 5.19
C ILE B 49 -8.42 35.18 6.14
N PRO B 50 -7.93 35.63 7.31
CA PRO B 50 -8.80 36.46 8.17
C PRO B 50 -9.23 37.77 7.52
N LEU B 51 -8.44 38.30 6.59
CA LEU B 51 -8.78 39.53 5.90
C LEU B 51 -9.81 39.30 4.79
N VAL B 52 -9.91 38.09 4.25
CA VAL B 52 -10.89 37.76 3.22
C VAL B 52 -12.15 37.16 3.84
N ALA B 53 -12.06 36.61 5.05
CA ALA B 53 -13.21 36.02 5.72
C ALA B 53 -14.44 36.93 5.80
N PRO B 54 -14.33 38.25 5.94
CA PRO B 54 -15.56 39.08 5.99
C PRO B 54 -16.41 39.01 4.75
N VAL B 55 -15.86 38.59 3.61
CA VAL B 55 -16.62 38.60 2.36
C VAL B 55 -16.72 37.23 1.72
N ALA B 56 -16.19 36.19 2.36
CA ALA B 56 -16.08 34.91 1.67
C ALA B 56 -15.99 33.76 2.65
N HIS B 57 -16.32 32.58 2.14
CA HIS B 57 -16.10 31.32 2.85
C HIS B 57 -14.73 30.79 2.44
N CYS B 58 -13.75 30.96 3.32
CA CYS B 58 -12.36 30.64 3.02
C CYS B 58 -12.08 29.17 3.27
N ILE B 59 -11.57 28.49 2.25
CA ILE B 59 -11.20 27.07 2.33
C ILE B 59 -9.76 26.95 1.85
N ALA B 60 -8.88 26.38 2.66
CA ALA B 60 -7.46 26.31 2.32
C ALA B 60 -6.91 24.92 2.60
N PRO B 61 -6.82 24.07 1.59
CA PRO B 61 -6.36 22.70 1.84
C PRO B 61 -4.86 22.58 1.94
N ASP B 62 -4.44 21.57 2.70
CA ASP B 62 -3.09 21.05 2.63
C ASP B 62 -3.06 20.01 1.52
N LEU B 63 -2.21 20.24 0.50
CA LEU B 63 -2.10 19.26 -0.56
C LEU B 63 -1.73 17.90 0.03
N ILE B 64 -2.07 16.82 -0.69
CA ILE B 64 -1.77 15.49 -0.17
C ILE B 64 -0.25 15.34 0.00
N GLY B 65 0.17 14.76 1.14
CA GLY B 65 1.59 14.69 1.47
C GLY B 65 2.19 15.94 2.07
N PHE B 66 1.41 17.00 2.25
CA PHE B 66 1.87 18.24 2.86
C PHE B 66 1.05 18.55 4.11
N GLY B 67 1.64 19.40 4.96
CA GLY B 67 0.92 19.92 6.11
C GLY B 67 0.43 18.77 6.96
N GLN B 68 -0.84 18.84 7.37
CA GLN B 68 -1.46 17.79 8.19
C GLN B 68 -2.31 16.81 7.39
N SER B 69 -2.15 16.82 6.06
CA SER B 69 -2.79 15.86 5.19
C SER B 69 -2.10 14.49 5.27
N GLY B 70 -2.81 13.48 4.78
CA GLY B 70 -2.27 12.13 4.79
C GLY B 70 -1.06 11.97 3.91
N LYS B 71 -0.35 10.86 4.11
CA LYS B 71 0.87 10.54 3.37
C LYS B 71 0.71 9.19 2.67
N PRO B 72 -0.16 9.10 1.67
CA PRO B 72 -0.34 7.82 0.97
C PRO B 72 0.90 7.43 0.17
N ASP B 73 0.97 6.14 -0.19
CA ASP B 73 2.11 5.62 -0.94
C ASP B 73 1.85 5.83 -2.43
N ILE B 74 2.16 7.04 -2.89
CA ILE B 74 2.00 7.44 -4.28
C ILE B 74 3.26 8.15 -4.74
N ASP B 75 3.29 8.53 -6.03
CA ASP B 75 4.44 9.20 -6.58
C ASP B 75 4.45 10.69 -6.26
N TYR B 76 3.29 11.27 -5.94
CA TYR B 76 3.16 12.70 -5.69
C TYR B 76 3.52 13.50 -6.93
N ARG B 77 3.13 12.96 -8.09
CA ARG B 77 3.20 13.71 -9.34
C ARG B 77 2.19 14.85 -9.34
N PHE B 78 2.39 15.81 -10.26
CA PHE B 78 1.37 16.83 -10.47
C PHE B 78 -0.01 16.20 -10.66
N PHE B 79 -0.09 15.13 -11.45
CA PHE B 79 -1.37 14.52 -11.75
C PHE B 79 -1.97 13.82 -10.53
N ASP B 80 -1.14 13.40 -9.57
CA ASP B 80 -1.70 12.93 -8.30
C ASP B 80 -2.36 14.08 -7.55
N HIS B 81 -1.69 15.23 -7.49
CA HIS B 81 -2.29 16.36 -6.80
C HIS B 81 -3.59 16.78 -7.47
N VAL B 82 -3.64 16.72 -8.80
CA VAL B 82 -4.88 17.01 -9.51
C VAL B 82 -6.01 16.13 -8.99
N ARG B 83 -5.78 14.82 -8.91
CA ARG B 83 -6.81 13.87 -8.47
C ARG B 83 -7.27 14.12 -7.03
N TYR B 84 -6.32 14.30 -6.10
CA TYR B 84 -6.74 14.53 -4.71
C TYR B 84 -7.46 15.85 -4.56
N LEU B 85 -6.97 16.90 -5.20
CA LEU B 85 -7.67 18.19 -5.10
C LEU B 85 -9.07 18.11 -5.73
N ASP B 86 -9.21 17.45 -6.89
CA ASP B 86 -10.54 17.24 -7.47
C ASP B 86 -11.45 16.55 -6.46
N ALA B 87 -10.92 15.54 -5.79
CA ALA B 87 -11.74 14.75 -4.86
C ALA B 87 -12.10 15.57 -3.64
N PHE B 88 -11.15 16.38 -3.15
CA PHE B 88 -11.42 17.34 -2.07
C PHE B 88 -12.55 18.28 -2.44
N ILE B 89 -12.43 18.98 -3.57
CA ILE B 89 -13.48 19.90 -4.00
C ILE B 89 -14.82 19.19 -4.09
N ASP B 90 -14.84 17.99 -4.69
CA ASP B 90 -16.08 17.25 -4.86
C ASP B 90 -16.66 16.81 -3.51
N LYS B 91 -15.81 16.43 -2.56
CA LYS B 91 -16.32 15.95 -1.28
C LYS B 91 -16.94 17.08 -0.47
N LEU B 92 -16.39 18.29 -0.56
CA LEU B 92 -16.95 19.43 0.16
C LEU B 92 -18.13 20.06 -0.56
N GLY B 93 -18.48 19.54 -1.74
CA GLY B 93 -19.62 20.10 -2.47
C GLY B 93 -19.42 21.51 -2.96
N ILE B 94 -18.19 21.88 -3.29
CA ILE B 94 -17.91 23.21 -3.83
C ILE B 94 -18.25 23.23 -5.30
N GLU B 95 -19.17 24.08 -5.71
CA GLU B 95 -19.61 24.11 -7.10
C GLU B 95 -19.05 25.27 -7.89
N SER B 96 -18.54 26.29 -7.22
CA SER B 96 -17.84 27.39 -7.90
C SER B 96 -17.03 28.11 -6.82
N ALA B 97 -15.99 28.83 -7.24
CA ALA B 97 -15.08 29.37 -6.23
C ALA B 97 -14.16 30.41 -6.86
N TYR B 98 -13.83 31.42 -6.08
CA TYR B 98 -12.61 32.16 -6.35
C TYR B 98 -11.40 31.29 -6.04
N LEU B 99 -10.36 31.39 -6.86
CA LEU B 99 -9.10 30.71 -6.60
C LEU B 99 -8.01 31.74 -6.27
N VAL B 100 -7.26 31.46 -5.21
CA VAL B 100 -6.09 32.24 -4.80
C VAL B 100 -4.90 31.29 -4.70
N ALA B 101 -3.84 31.54 -5.48
CA ALA B 101 -2.85 30.47 -5.62
C ALA B 101 -1.45 31.00 -5.85
N GLN B 102 -0.45 30.21 -5.44
CA GLN B 102 0.95 30.52 -5.69
C GLN B 102 1.67 29.22 -6.05
N ASP B 103 2.73 29.33 -6.85
CA ASP B 103 3.67 28.22 -7.08
C ASP B 103 2.87 27.07 -7.69
N TRP B 104 3.04 25.82 -7.23
CA TRP B 104 2.30 24.71 -7.81
C TRP B 104 0.79 24.83 -7.60
N GLY B 105 0.35 25.62 -6.62
CA GLY B 105 -1.05 25.93 -6.52
C GLY B 105 -1.61 26.58 -7.78
N THR B 106 -0.80 27.38 -8.45
CA THR B 106 -1.30 28.03 -9.66
C THR B 106 -1.44 27.03 -10.80
N ALA B 107 -0.51 26.07 -10.91
CA ALA B 107 -0.66 25.04 -11.92
C ALA B 107 -1.95 24.24 -11.69
N LEU B 108 -2.27 23.94 -10.44
CA LEU B 108 -3.53 23.26 -10.15
C LEU B 108 -4.72 24.14 -10.51
N ALA B 109 -4.64 25.43 -10.17
CA ALA B 109 -5.71 26.36 -10.48
C ALA B 109 -5.92 26.49 -11.98
N PHE B 110 -4.82 26.61 -12.75
CA PHE B 110 -4.94 26.78 -14.19
C PHE B 110 -5.56 25.54 -14.83
N HIS B 111 -5.16 24.36 -14.36
CA HIS B 111 -5.65 23.11 -14.93
C HIS B 111 -7.12 22.90 -14.56
N LEU B 112 -7.49 23.25 -13.33
CA LEU B 112 -8.90 23.25 -12.94
C LEU B 112 -9.72 24.20 -13.82
N ALA B 113 -9.24 25.44 -13.99
CA ALA B 113 -9.97 26.41 -14.82
C ALA B 113 -10.09 25.94 -16.27
N ALA B 114 -9.08 25.24 -16.78
CA ALA B 114 -9.11 24.84 -18.18
C ALA B 114 -10.18 23.77 -18.38
N ARG B 115 -10.35 22.88 -17.40
CA ARG B 115 -11.30 21.79 -17.50
C ARG B 115 -12.71 22.22 -17.12
N ARG B 116 -12.87 23.22 -16.26
CA ARG B 116 -14.19 23.67 -15.83
C ARG B 116 -14.21 25.18 -15.75
N PRO B 117 -14.30 25.87 -16.90
CA PRO B 117 -14.19 27.34 -16.89
C PRO B 117 -15.25 28.03 -16.06
N ASP B 118 -16.48 27.50 -16.04
CA ASP B 118 -17.54 28.17 -15.31
C ASP B 118 -17.42 27.99 -13.79
N PHE B 119 -16.54 27.10 -13.33
CA PHE B 119 -16.31 26.96 -11.89
C PHE B 119 -15.64 28.21 -11.31
N VAL B 120 -14.84 28.92 -12.11
CA VAL B 120 -13.95 29.96 -11.59
C VAL B 120 -14.70 31.28 -11.49
N ARG B 121 -14.86 31.77 -10.27
CA ARG B 121 -15.46 33.09 -10.09
C ARG B 121 -14.44 34.19 -10.30
N GLY B 122 -13.16 33.88 -10.07
CA GLY B 122 -12.08 34.81 -10.23
C GLY B 122 -10.79 34.10 -9.87
N LEU B 123 -9.67 34.51 -10.45
CA LEU B 123 -8.39 33.84 -10.17
C LEU B 123 -7.38 34.89 -9.74
N ALA B 124 -6.93 34.80 -8.50
CA ALA B 124 -5.86 35.63 -7.98
C ALA B 124 -4.62 34.77 -7.88
N PHE B 125 -3.55 35.16 -8.57
CA PHE B 125 -2.39 34.28 -8.65
C PHE B 125 -1.11 35.11 -8.60
N MET B 126 0.00 34.41 -8.36
CA MET B 126 1.30 35.03 -8.12
C MET B 126 2.37 33.96 -8.20
N GLU B 127 3.57 34.35 -8.63
CA GLU B 127 4.74 33.47 -8.63
C GLU B 127 4.38 32.09 -9.20
N PHE B 128 3.84 32.12 -10.42
CA PHE B 128 3.13 31.00 -10.99
C PHE B 128 4.01 30.19 -11.92
N ILE B 129 3.55 28.97 -12.19
CA ILE B 129 4.27 28.03 -13.03
C ILE B 129 3.73 28.12 -14.46
N ARG B 130 4.63 28.12 -15.43
CA ARG B 130 4.29 28.15 -16.83
C ARG B 130 5.26 27.25 -17.57
N PRO B 131 4.88 26.77 -18.76
CA PRO B 131 5.83 26.01 -19.58
C PRO B 131 7.06 26.87 -19.88
N MET B 132 8.24 26.32 -19.62
CA MET B 132 9.50 27.07 -19.81
C MET B 132 10.34 26.36 -20.85
N PRO B 133 10.41 26.88 -22.08
CA PRO B 133 11.04 26.10 -23.17
C PRO B 133 12.50 25.80 -22.94
N THR B 134 13.22 26.64 -22.22
CA THR B 134 14.63 26.41 -21.90
C THR B 134 14.87 26.77 -20.45
N TRP B 135 16.04 26.36 -19.95
CA TRP B 135 16.40 26.66 -18.57
C TRP B 135 16.53 28.16 -18.34
N ASP B 136 16.87 28.94 -19.37
CA ASP B 136 16.95 30.38 -19.19
C ASP B 136 15.61 31.02 -18.89
N ASP B 137 14.50 30.34 -19.19
CA ASP B 137 13.15 30.82 -18.88
C ASP B 137 12.72 30.50 -17.45
N PHE B 138 13.55 29.79 -16.67
CA PHE B 138 13.19 29.42 -15.30
C PHE B 138 13.94 30.33 -14.32
N HIS B 139 13.17 31.04 -13.48
CA HIS B 139 13.73 31.83 -12.40
C HIS B 139 14.60 32.96 -12.96
N GLN B 140 15.49 33.50 -12.15
CA GLN B 140 16.21 34.71 -12.57
C GLN B 140 17.70 34.69 -12.29
N THR B 141 18.24 33.65 -11.68
CA THR B 141 19.66 33.65 -11.36
C THR B 141 20.28 32.34 -11.83
N PRO B 142 21.57 32.36 -12.15
CA PRO B 142 22.26 31.09 -12.46
C PRO B 142 22.22 30.11 -11.30
N GLN B 143 22.27 30.61 -10.06
CA GLN B 143 22.37 29.68 -8.92
C GLN B 143 21.04 28.98 -8.66
N ALA B 144 19.91 29.67 -8.87
CA ALA B 144 18.62 29.00 -8.81
C ALA B 144 18.51 27.93 -9.89
N ARG B 145 18.93 28.26 -11.12
CA ARG B 145 18.87 27.31 -12.21
C ARG B 145 19.72 26.08 -11.90
N GLU B 146 20.95 26.29 -11.46
CA GLU B 146 21.81 25.16 -11.16
C GLU B 146 21.27 24.33 -10.01
N MET B 147 20.68 24.99 -8.99
CA MET B 147 20.13 24.25 -7.87
C MET B 147 18.99 23.33 -8.31
N PHE B 148 18.07 23.87 -9.14
CA PHE B 148 16.96 23.04 -9.60
C PHE B 148 17.42 22.01 -10.62
N ARG B 149 18.48 22.29 -11.39
CA ARG B 149 19.09 21.25 -12.21
C ARG B 149 19.56 20.09 -11.34
N LYS B 150 20.15 20.38 -10.18
CA LYS B 150 20.61 19.33 -9.28
C LYS B 150 19.43 18.55 -8.71
N PHE B 151 18.34 19.23 -8.34
CA PHE B 151 17.16 18.54 -7.83
C PHE B 151 16.67 17.52 -8.85
N ARG B 152 16.73 17.88 -10.13
CA ARG B 152 16.27 17.03 -11.21
C ARG B 152 17.31 16.01 -11.63
N THR B 153 18.45 15.96 -10.95
CA THR B 153 19.48 14.98 -11.28
C THR B 153 19.32 13.74 -10.42
N PRO B 154 19.25 12.54 -11.01
CA PRO B 154 19.11 11.33 -10.20
C PRO B 154 20.25 11.19 -9.20
N GLY B 155 19.90 10.72 -8.02
CA GLY B 155 20.90 10.58 -6.94
C GLY B 155 21.22 11.87 -6.22
N VAL B 156 21.60 12.92 -6.96
CA VAL B 156 21.92 14.20 -6.36
C VAL B 156 20.69 14.80 -5.68
N GLY B 157 19.58 14.85 -6.41
CA GLY B 157 18.34 15.38 -5.83
C GLY B 157 17.90 14.61 -4.59
N GLU B 158 18.01 13.29 -4.62
CA GLU B 158 17.69 12.48 -3.44
C GLU B 158 18.53 12.92 -2.24
N GLN B 159 19.83 13.12 -2.43
CA GLN B 159 20.70 13.53 -1.33
C GLN B 159 20.32 14.91 -0.80
N MET B 160 20.07 15.85 -1.69
CA MET B 160 19.83 17.22 -1.25
C MET B 160 18.49 17.35 -0.55
N ILE B 161 17.44 16.74 -1.10
CA ILE B 161 16.08 16.94 -0.60
C ILE B 161 15.65 15.86 0.39
N LEU B 162 15.84 14.58 0.05
CA LEU B 162 15.39 13.53 0.97
C LEU B 162 16.31 13.44 2.18
N GLU B 163 17.63 13.42 1.95
CA GLU B 163 18.53 13.32 3.10
C GLU B 163 18.66 14.65 3.84
N ASP B 164 18.87 15.75 3.12
CA ASP B 164 19.18 17.02 3.76
C ASP B 164 18.02 18.01 3.81
N ASN B 165 16.86 17.68 3.23
CA ASN B 165 15.64 18.50 3.35
C ASN B 165 15.85 19.95 2.86
N VAL B 166 16.59 20.10 1.77
CA VAL B 166 17.08 21.43 1.37
C VAL B 166 15.94 22.35 0.87
N PHE B 167 14.86 21.76 0.34
CA PHE B 167 13.75 22.60 -0.12
C PHE B 167 13.08 23.30 1.04
N VAL B 168 12.83 22.57 2.13
CA VAL B 168 12.24 23.16 3.32
C VAL B 168 13.24 24.07 4.05
N GLU B 169 14.49 23.64 4.20
CA GLU B 169 15.44 24.32 5.07
C GLU B 169 16.19 25.46 4.40
N ARG B 170 16.23 25.49 3.06
CA ARG B 170 17.00 26.52 2.33
C ARG B 170 16.14 27.24 1.31
N VAL B 171 15.50 26.51 0.39
CA VAL B 171 14.76 27.19 -0.68
C VAL B 171 13.65 28.04 -0.07
N LEU B 172 12.89 27.47 0.87
CA LEU B 172 11.77 28.22 1.45
C LEU B 172 12.23 29.48 2.19
N PRO B 173 13.06 29.40 3.24
CA PRO B 173 13.42 30.65 3.93
C PRO B 173 14.32 31.56 3.08
N GLY B 174 15.09 30.98 2.15
CA GLY B 174 15.93 31.77 1.28
C GLY B 174 15.19 32.50 0.18
N SER B 175 13.89 32.23 0.02
CA SER B 175 13.09 32.81 -1.05
C SER B 175 11.99 33.69 -0.46
N ILE B 176 12.24 34.19 0.74
CA ILE B 176 11.39 35.12 1.47
C ILE B 176 12.31 36.24 1.95
N VAL B 177 11.80 37.47 1.96
CA VAL B 177 12.65 38.61 2.33
C VAL B 177 12.89 38.63 3.84
N ARG B 178 11.81 38.63 4.62
CA ARG B 178 11.95 38.67 6.08
C ARG B 178 12.46 37.33 6.60
N LYS B 179 12.88 37.33 7.86
CA LYS B 179 13.34 36.11 8.51
C LYS B 179 12.15 35.40 9.13
N LEU B 180 11.98 34.13 8.82
CA LEU B 180 10.94 33.34 9.48
C LEU B 180 11.35 33.08 10.92
N SER B 181 10.38 33.13 11.84
CA SER B 181 10.66 32.82 13.23
C SER B 181 10.99 31.34 13.40
N GLU B 182 11.60 30.99 14.54
CA GLU B 182 11.86 29.56 14.76
C GLU B 182 10.57 28.76 14.83
N GLU B 183 9.50 29.36 15.35
CA GLU B 183 8.22 28.65 15.38
C GLU B 183 7.67 28.46 13.98
N GLU B 184 7.79 29.48 13.12
CA GLU B 184 7.31 29.31 11.75
C GLU B 184 8.07 28.19 11.04
N MET B 185 9.40 28.17 11.20
CA MET B 185 10.19 27.11 10.58
C MET B 185 9.87 25.74 11.19
N ALA B 186 9.54 25.69 12.49
CA ALA B 186 9.14 24.41 13.08
C ALA B 186 7.87 23.88 12.44
N VAL B 187 6.90 24.77 12.17
CA VAL B 187 5.67 24.37 11.48
C VAL B 187 6.00 23.89 10.08
N TYR B 188 6.83 24.64 9.34
CA TYR B 188 7.06 24.28 7.94
C TYR B 188 7.87 23.00 7.80
N ARG B 189 8.71 22.65 8.78
CA ARG B 189 9.44 21.38 8.67
C ARG B 189 8.72 20.23 9.36
N ALA B 190 7.65 20.50 10.11
CA ALA B 190 6.92 19.45 10.82
C ALA B 190 6.43 18.32 9.92
N PRO B 191 5.93 18.54 8.69
CA PRO B 191 5.51 17.41 7.86
C PRO B 191 6.66 16.58 7.31
N PHE B 192 7.90 17.05 7.46
CA PHE B 192 9.04 16.45 6.76
C PHE B 192 10.21 16.07 7.67
N PRO B 193 9.97 15.25 8.71
CA PRO B 193 11.06 14.88 9.62
C PRO B 193 11.91 13.72 9.14
N THR B 194 11.46 12.98 8.12
CA THR B 194 12.17 11.81 7.67
C THR B 194 12.42 11.87 6.17
N PRO B 195 13.46 11.19 5.69
CA PRO B 195 13.70 11.14 4.23
C PRO B 195 12.49 10.69 3.43
N GLU B 196 11.77 9.66 3.90
CA GLU B 196 10.60 9.20 3.15
C GLU B 196 9.52 10.27 3.11
N SER B 197 9.34 11.01 4.20
CA SER B 197 8.29 12.01 4.24
C SER B 197 8.52 13.12 3.23
N ARG B 198 9.75 13.30 2.77
CA ARG B 198 10.10 14.42 1.89
C ARG B 198 9.94 14.12 0.42
N ARG B 199 9.52 12.90 0.05
CA ARG B 199 9.22 12.57 -1.36
C ARG B 199 8.42 13.64 -2.11
N PRO B 200 7.31 14.18 -1.59
CA PRO B 200 6.56 15.15 -2.41
C PRO B 200 7.35 16.42 -2.73
N THR B 201 8.27 16.83 -1.85
CA THR B 201 9.08 18.01 -2.10
C THR B 201 10.20 17.75 -3.09
N LEU B 202 10.55 16.49 -3.34
CA LEU B 202 11.48 16.14 -4.39
C LEU B 202 10.79 15.94 -5.74
N ARG B 203 9.57 15.38 -5.74
CA ARG B 203 8.89 15.14 -7.00
C ARG B 203 8.48 16.44 -7.67
N PHE B 204 8.04 17.44 -6.89
N PHE B 204 8.09 17.44 -6.89
CA PHE B 204 7.59 18.69 -7.49
CA PHE B 204 7.60 18.70 -7.47
C PHE B 204 8.65 19.36 -8.36
C PHE B 204 8.64 19.39 -8.34
N PRO B 205 9.91 19.55 -7.93
CA PRO B 205 10.88 20.17 -8.86
C PRO B 205 11.15 19.31 -10.09
N ARG B 206 10.95 17.99 -9.98
CA ARG B 206 11.08 17.10 -11.12
C ARG B 206 9.84 17.09 -12.00
N GLU B 207 8.76 17.74 -11.57
CA GLU B 207 7.59 17.94 -12.41
C GLU B 207 7.59 19.29 -13.11
N LEU B 208 8.48 20.20 -12.73
CA LEU B 208 8.48 21.54 -13.33
C LEU B 208 8.62 21.41 -14.84
N PRO B 209 7.77 22.09 -15.62
CA PRO B 209 7.80 21.91 -17.07
C PRO B 209 8.91 22.73 -17.73
N ILE B 210 10.09 22.12 -17.89
CA ILE B 210 11.29 22.83 -18.33
C ILE B 210 11.89 22.07 -19.50
N ALA B 211 12.06 22.76 -20.64
CA ALA B 211 12.62 22.13 -21.83
C ALA B 211 11.83 20.88 -22.23
N GLY B 212 10.51 20.97 -22.15
CA GLY B 212 9.64 19.91 -22.60
C GLY B 212 9.51 18.73 -21.67
N GLU B 213 10.12 18.80 -20.48
CA GLU B 213 10.13 17.67 -19.55
C GLU B 213 9.63 18.03 -18.16
N PRO B 214 8.81 17.14 -17.55
CA PRO B 214 8.23 15.94 -18.15
C PRO B 214 7.19 16.29 -19.20
N ALA B 215 7.11 15.48 -20.26
CA ALA B 215 6.31 15.87 -21.43
C ALA B 215 4.83 15.95 -21.11
N ASP B 216 4.31 15.11 -20.19
CA ASP B 216 2.89 15.16 -19.90
C ASP B 216 2.51 16.43 -19.14
N VAL B 217 3.30 16.80 -18.12
CA VAL B 217 3.06 18.06 -17.41
C VAL B 217 3.24 19.24 -18.36
N TYR B 218 4.28 19.19 -19.20
CA TYR B 218 4.52 20.31 -20.09
C TYR B 218 3.34 20.54 -21.03
N SER B 219 2.83 19.46 -21.63
CA SER B 219 1.69 19.59 -22.53
C SER B 219 0.44 20.05 -21.78
N THR B 220 0.23 19.54 -20.57
CA THR B 220 -0.96 19.91 -19.82
C THR B 220 -0.93 21.39 -19.44
N LEU B 221 0.24 21.89 -19.03
CA LEU B 221 0.29 23.30 -18.65
C LEU B 221 0.34 24.23 -19.87
N GLU B 222 0.80 23.75 -21.03
CA GLU B 222 0.63 24.52 -22.26
C GLU B 222 -0.84 24.70 -22.58
N SER B 223 -1.63 23.61 -22.52
CA SER B 223 -3.07 23.72 -22.75
C SER B 223 -3.73 24.59 -21.69
N ALA B 224 -3.28 24.48 -20.44
CA ALA B 224 -3.86 25.29 -19.38
C ALA B 224 -3.58 26.77 -19.61
N HIS B 225 -2.39 27.10 -20.13
CA HIS B 225 -2.06 28.50 -20.36
C HIS B 225 -2.74 29.04 -21.63
N ALA B 226 -2.97 28.18 -22.62
CA ALA B 226 -3.82 28.62 -23.73
C ALA B 226 -5.22 28.96 -23.24
N ALA B 227 -5.80 28.11 -22.39
CA ALA B 227 -7.13 28.38 -21.85
C ALA B 227 -7.13 29.65 -20.99
N LEU B 228 -6.08 29.84 -20.20
CA LEU B 228 -5.97 31.05 -19.37
C LEU B 228 -5.97 32.30 -20.23
N ALA B 229 -5.23 32.27 -21.34
CA ALA B 229 -5.12 33.42 -22.22
C ALA B 229 -6.44 33.75 -22.91
N ALA B 230 -7.27 32.74 -23.16
CA ALA B 230 -8.58 32.96 -23.76
C ALA B 230 -9.64 33.33 -22.73
N SER B 231 -9.40 33.06 -21.45
CA SER B 231 -10.48 33.17 -20.47
C SER B 231 -10.84 34.62 -20.21
N THR B 232 -12.06 34.81 -19.70
N THR B 232 -12.06 34.83 -19.69
CA THR B 232 -12.61 36.13 -19.46
CA THR B 232 -12.54 36.19 -19.44
C THR B 232 -12.92 36.41 -17.99
C THR B 232 -13.03 36.40 -18.01
N TYR B 233 -12.88 35.41 -17.11
CA TYR B 233 -13.20 35.64 -15.72
C TYR B 233 -12.17 36.61 -15.10
N PRO B 234 -12.58 37.35 -14.06
CA PRO B 234 -11.67 38.35 -13.46
C PRO B 234 -10.42 37.69 -12.91
N LYS B 235 -9.30 38.43 -12.99
CA LYS B 235 -8.03 37.93 -12.50
C LYS B 235 -7.21 39.03 -11.83
N LEU B 236 -6.40 38.61 -10.85
CA LEU B 236 -5.44 39.46 -10.18
C LEU B 236 -4.09 38.76 -10.24
N LEU B 237 -3.10 39.44 -10.80
CA LEU B 237 -1.72 38.95 -10.74
C LEU B 237 -0.96 39.81 -9.75
N PHE B 238 -0.49 39.19 -8.68
CA PHE B 238 0.40 39.88 -7.75
C PHE B 238 1.86 39.63 -8.14
N THR B 239 2.67 40.68 -8.06
CA THR B 239 4.10 40.51 -8.27
C THR B 239 4.88 41.15 -7.13
N GLY B 240 6.00 40.50 -6.80
CA GLY B 240 7.03 41.09 -5.99
C GLY B 240 8.16 41.64 -6.87
N ASP B 241 9.10 42.29 -6.20
CA ASP B 241 10.28 42.87 -6.86
C ASP B 241 11.49 42.47 -6.03
N PRO B 242 12.41 41.66 -6.57
CA PRO B 242 12.49 41.19 -7.96
C PRO B 242 11.63 39.97 -8.28
N GLY B 243 10.98 39.40 -7.26
CA GLY B 243 10.25 38.17 -7.51
C GLY B 243 11.23 37.03 -7.71
N ALA B 244 10.71 35.92 -8.23
CA ALA B 244 11.56 34.75 -8.47
C ALA B 244 11.16 34.09 -9.79
N LEU B 245 10.07 33.32 -9.78
CA LEU B 245 9.57 32.81 -11.05
C LEU B 245 8.97 33.91 -11.91
N VAL B 246 8.67 35.07 -11.33
CA VAL B 246 7.98 36.13 -12.06
C VAL B 246 8.66 37.46 -11.72
N SER B 247 9.31 38.09 -12.70
CA SER B 247 9.87 39.41 -12.51
C SER B 247 8.78 40.47 -12.72
N PRO B 248 8.96 41.65 -12.11
CA PRO B 248 7.98 42.72 -12.34
C PRO B 248 7.75 43.02 -13.82
N ALA B 249 8.82 42.97 -14.62
CA ALA B 249 8.65 43.28 -16.05
C ALA B 249 7.88 42.17 -16.75
N PHE B 250 8.12 40.91 -16.37
CA PHE B 250 7.38 39.83 -16.98
C PHE B 250 5.92 39.86 -16.54
N ALA B 251 5.67 40.16 -15.26
CA ALA B 251 4.29 40.26 -14.78
C ALA B 251 3.53 41.35 -15.50
N GLU B 252 4.16 42.49 -15.76
CA GLU B 252 3.48 43.58 -16.46
C GLU B 252 3.04 43.13 -17.84
N ARG B 253 3.93 42.45 -18.57
CA ARG B 253 3.59 41.99 -19.92
C ARG B 253 2.58 40.85 -19.87
N PHE B 254 2.73 39.95 -18.89
CA PHE B 254 1.82 38.82 -18.79
C PHE B 254 0.41 39.28 -18.51
N ALA B 255 0.24 40.15 -17.52
CA ALA B 255 -1.08 40.66 -17.15
C ALA B 255 -1.71 41.44 -18.30
N ALA B 256 -0.90 42.21 -19.02
CA ALA B 256 -1.41 43.05 -20.09
C ALA B 256 -1.87 42.23 -21.29
N ASN B 257 -1.35 41.02 -21.45
CA ASN B 257 -1.72 40.17 -22.57
C ASN B 257 -2.86 39.21 -22.24
N LEU B 258 -3.21 39.08 -20.97
CA LEU B 258 -4.42 38.36 -20.60
C LEU B 258 -5.64 39.28 -20.70
N LYS B 259 -6.82 38.67 -20.71
CA LYS B 259 -8.07 39.41 -20.67
C LYS B 259 -8.55 39.52 -19.24
N ASN B 260 -8.93 40.73 -18.82
CA ASN B 260 -9.59 40.93 -17.52
C ASN B 260 -8.64 40.66 -16.35
N CYS B 261 -7.35 40.99 -16.51
CA CYS B 261 -6.36 40.76 -15.45
C CYS B 261 -5.79 42.07 -14.97
N ARG B 262 -5.88 42.32 -13.67
CA ARG B 262 -5.29 43.48 -13.03
C ARG B 262 -3.95 43.10 -12.38
N LEU B 263 -2.94 43.97 -12.54
CA LEU B 263 -1.62 43.74 -11.93
C LEU B 263 -1.52 44.48 -10.61
N ILE B 264 -1.05 43.79 -9.56
CA ILE B 264 -0.81 44.42 -8.26
C ILE B 264 0.68 44.29 -7.97
N ARG B 265 1.36 45.42 -7.85
CA ARG B 265 2.78 45.44 -7.54
C ARG B 265 2.96 45.55 -6.03
N LEU B 266 3.54 44.51 -5.41
CA LEU B 266 3.64 44.52 -3.95
C LEU B 266 4.91 45.18 -3.43
N GLY B 267 5.95 45.30 -4.24
CA GLY B 267 7.23 45.75 -3.74
C GLY B 267 8.13 44.59 -3.38
N ALA B 268 9.12 44.89 -2.54
CA ALA B 268 10.22 43.96 -2.30
C ALA B 268 9.70 42.57 -1.93
N GLY B 269 10.10 41.56 -2.70
CA GLY B 269 9.53 40.23 -2.53
C GLY B 269 10.23 39.26 -3.46
N LEU B 270 10.18 37.99 -3.08
CA LEU B 270 10.89 36.95 -3.82
C LEU B 270 9.89 35.89 -4.31
N HIS B 271 9.91 34.67 -3.75
CA HIS B 271 9.01 33.64 -4.23
C HIS B 271 7.74 33.52 -3.39
N TYR B 272 7.89 33.47 -2.06
CA TYR B 272 6.75 33.17 -1.19
C TYR B 272 6.20 34.50 -0.69
N LEU B 273 5.38 35.13 -1.54
CA LEU B 273 4.96 36.49 -1.29
C LEU B 273 4.00 36.63 -0.11
N GLN B 274 3.34 35.55 0.31
CA GLN B 274 2.45 35.65 1.46
C GLN B 274 3.22 35.96 2.74
N GLU B 275 4.48 35.59 2.81
CA GLU B 275 5.16 35.82 4.07
C GLU B 275 5.73 37.23 4.17
N ASP B 276 5.80 37.96 3.07
CA ASP B 276 6.22 39.36 3.12
C ASP B 276 5.09 40.36 2.99
N HIS B 277 3.94 39.96 2.38
CA HIS B 277 2.84 40.90 2.10
C HIS B 277 1.45 40.37 2.45
N PRO B 278 1.26 39.78 3.63
CA PRO B 278 -0.06 39.19 3.90
C PRO B 278 -1.20 40.21 3.90
N GLU B 279 -0.97 41.40 4.47
CA GLU B 279 -2.05 42.37 4.56
C GLU B 279 -2.42 42.95 3.19
N ALA B 280 -1.43 43.26 2.37
CA ALA B 280 -1.71 43.77 1.04
C ALA B 280 -2.43 42.74 0.18
N ILE B 281 -1.99 41.47 0.23
CA ILE B 281 -2.67 40.42 -0.53
C ILE B 281 -4.07 40.22 -0.01
N GLY B 282 -4.23 40.08 1.31
CA GLY B 282 -5.56 39.80 1.86
C GLY B 282 -6.55 40.93 1.61
N ARG B 283 -6.16 42.17 1.90
CA ARG B 283 -7.08 43.28 1.67
C ARG B 283 -7.38 43.50 0.19
N THR B 284 -6.43 43.22 -0.69
CA THR B 284 -6.70 43.39 -2.11
C THR B 284 -7.66 42.32 -2.62
N VAL B 285 -7.44 41.06 -2.22
CA VAL B 285 -8.37 39.99 -2.58
C VAL B 285 -9.76 40.31 -2.04
N ALA B 286 -9.84 40.77 -0.80
CA ALA B 286 -11.15 41.01 -0.19
C ALA B 286 -11.92 42.09 -0.94
N GLY B 287 -11.27 43.22 -1.23
CA GLY B 287 -11.96 44.28 -1.94
C GLY B 287 -12.34 43.90 -3.36
N TRP B 288 -11.50 43.08 -3.99
CA TRP B 288 -11.76 42.59 -5.34
C TRP B 288 -13.00 41.68 -5.36
N ILE B 289 -13.06 40.71 -4.46
CA ILE B 289 -14.26 39.87 -4.37
C ILE B 289 -15.48 40.72 -4.10
N ALA B 290 -15.36 41.70 -3.20
CA ALA B 290 -16.51 42.51 -2.84
C ALA B 290 -17.03 43.28 -4.04
N GLU B 291 -16.11 43.70 -4.92
CA GLU B 291 -16.49 44.40 -6.14
C GLU B 291 -17.21 43.48 -7.12
N ILE B 292 -16.63 42.31 -7.38
CA ILE B 292 -17.23 41.35 -8.30
C ILE B 292 -18.62 40.93 -7.82
N GLU B 293 -18.76 40.67 -6.51
CA GLU B 293 -20.06 40.24 -6.00
C GLU B 293 -21.10 41.36 -6.08
N ALA B 294 -20.68 42.59 -5.76
CA ALA B 294 -21.62 43.72 -5.85
C ALA B 294 -22.12 43.93 -7.27
N ALA B 295 -21.28 43.62 -8.26
CA ALA B 295 -21.69 43.78 -9.66
C ALA B 295 -22.76 42.76 -10.06
N SER B 296 -22.93 41.69 -9.29
CA SER B 296 -23.97 40.71 -9.56
C SER B 296 -25.07 40.78 -8.49
N ASP C 6 -62.82 22.34 13.14
CA ASP C 6 -62.61 22.50 14.58
C ASP C 6 -61.71 21.38 15.13
N ILE C 7 -60.82 21.73 16.05
CA ILE C 7 -59.79 20.82 16.54
C ILE C 7 -60.26 20.20 17.85
N SER C 8 -60.24 18.87 17.91
CA SER C 8 -60.45 18.14 19.16
C SER C 8 -59.12 17.64 19.71
N LEU C 9 -59.00 17.64 21.03
CA LEU C 9 -57.83 17.14 21.72
C LEU C 9 -58.22 15.83 22.39
N ARG C 10 -57.65 14.72 21.91
CA ARG C 10 -58.04 13.39 22.35
C ARG C 10 -56.87 12.70 23.06
N HIS C 11 -57.20 11.79 23.97
CA HIS C 11 -56.18 11.00 24.68
C HIS C 11 -56.40 9.52 24.38
N VAL C 12 -55.30 8.80 24.15
CA VAL C 12 -55.39 7.37 23.86
C VAL C 12 -54.32 6.63 24.65
N SER C 13 -54.65 5.41 25.08
CA SER C 13 -53.69 4.58 25.80
C SER C 13 -52.63 4.07 24.84
N VAL C 14 -51.35 4.30 25.15
CA VAL C 14 -50.25 3.82 24.33
C VAL C 14 -49.19 3.20 25.25
N LEU C 15 -48.87 1.94 25.00
CA LEU C 15 -47.97 1.19 25.91
C LEU C 15 -48.45 1.36 27.35
N ASP C 16 -47.59 1.80 28.24
CA ASP C 16 -47.99 1.92 29.66
C ASP C 16 -48.52 3.31 29.98
N SER C 17 -48.66 4.18 29.00
CA SER C 17 -48.98 5.58 29.32
C SER C 17 -50.14 6.10 28.48
N THR C 18 -50.21 7.40 28.31
CA THR C 18 -51.22 8.01 27.47
C THR C 18 -50.52 8.95 26.51
N MET C 19 -51.07 9.08 25.31
CA MET C 19 -50.64 10.11 24.38
C MET C 19 -51.84 10.96 24.00
N ALA C 20 -51.66 12.28 24.05
CA ALA C 20 -52.65 13.23 23.58
C ALA C 20 -52.38 13.54 22.11
N TYR C 21 -53.44 13.87 21.38
CA TYR C 21 -53.26 14.34 20.02
C TYR C 21 -54.38 15.32 19.64
N ARG C 22 -54.05 16.25 18.76
CA ARG C 22 -55.04 17.10 18.11
C ARG C 22 -55.49 16.46 16.82
N GLU C 23 -56.76 16.65 16.49
CA GLU C 23 -57.37 15.92 15.39
C GLU C 23 -58.43 16.80 14.75
N THR C 24 -58.45 16.81 13.42
CA THR C 24 -59.39 17.61 12.67
C THR C 24 -59.49 17.04 11.26
N GLY C 25 -60.51 17.49 10.53
CA GLY C 25 -60.72 17.02 9.18
C GLY C 25 -61.62 15.80 9.13
N ARG C 26 -61.84 15.33 7.91
CA ARG C 26 -62.81 14.29 7.63
C ARG C 26 -62.12 12.95 7.52
N SER C 27 -62.83 11.89 7.92
CA SER C 27 -62.23 10.56 8.01
C SER C 27 -61.95 9.94 6.65
N ASP C 28 -62.67 10.33 5.61
CA ASP C 28 -62.52 9.71 4.30
C ASP C 28 -61.35 10.27 3.51
N ALA C 29 -60.53 11.10 4.13
CA ALA C 29 -59.39 11.75 3.52
C ALA C 29 -58.10 11.07 3.94
N PRO C 30 -57.01 11.26 3.19
CA PRO C 30 -55.71 10.73 3.63
C PRO C 30 -55.31 11.34 4.97
N VAL C 31 -54.59 10.55 5.76
CA VAL C 31 -54.07 11.01 7.05
C VAL C 31 -52.84 11.88 6.81
N VAL C 32 -52.73 12.98 7.56
CA VAL C 32 -51.49 13.76 7.68
C VAL C 32 -51.07 13.74 9.14
N LEU C 33 -49.89 13.20 9.41
CA LEU C 33 -49.31 13.16 10.75
C LEU C 33 -48.38 14.34 10.94
N PHE C 34 -48.70 15.21 11.89
CA PHE C 34 -47.88 16.39 12.19
C PHE C 34 -47.00 16.09 13.40
N LEU C 35 -45.68 16.15 13.23
CA LEU C 35 -44.74 15.75 14.29
C LEU C 35 -43.94 16.97 14.77
N HIS C 36 -44.16 17.36 16.02
CA HIS C 36 -43.45 18.45 16.67
C HIS C 36 -42.11 17.98 17.24
N GLY C 37 -41.31 18.94 17.75
CA GLY C 37 -40.00 18.67 18.31
C GLY C 37 -39.82 19.22 19.71
N ASN C 38 -38.55 19.45 20.07
CA ASN C 38 -38.23 19.94 21.41
C ASN C 38 -38.31 21.46 21.47
N PRO C 39 -38.95 22.07 22.49
CA PRO C 39 -39.75 21.54 23.59
C PRO C 39 -41.22 21.91 23.42
N THR C 40 -41.77 21.63 22.24
CA THR C 40 -43.12 22.07 21.90
C THR C 40 -44.11 20.91 22.08
N SER C 41 -45.27 21.00 21.44
CA SER C 41 -46.27 19.94 21.45
C SER C 41 -47.15 20.16 20.22
N SER C 42 -48.21 19.36 20.09
CA SER C 42 -49.13 19.51 18.95
C SER C 42 -49.74 20.91 18.88
N TYR C 43 -49.71 21.64 19.99
CA TYR C 43 -50.15 23.04 20.02
C TYR C 43 -49.45 23.88 18.96
N ILE C 44 -48.19 23.56 18.63
CA ILE C 44 -47.48 24.38 17.64
C ILE C 44 -48.10 24.25 16.25
N TRP C 45 -48.94 23.24 16.01
CA TRP C 45 -49.58 23.10 14.72
C TRP C 45 -51.01 23.66 14.68
N ARG C 46 -51.43 24.36 15.73
CA ARG C 46 -52.83 24.74 15.88
C ARG C 46 -53.30 25.69 14.79
N ASN C 47 -52.41 26.50 14.23
CA ASN C 47 -52.79 27.47 13.19
C ASN C 47 -52.54 26.95 11.78
N ILE C 48 -51.99 25.74 11.66
CA ILE C 48 -51.74 25.10 10.38
C ILE C 48 -52.76 24.01 10.09
N ILE C 49 -53.07 23.25 11.11
CA ILE C 49 -54.02 22.14 10.96
C ILE C 49 -55.34 22.56 10.31
N PRO C 50 -55.97 23.68 10.71
CA PRO C 50 -57.28 24.01 10.10
C PRO C 50 -57.19 24.26 8.61
N LEU C 51 -56.05 24.73 8.10
CA LEU C 51 -55.87 24.97 6.68
C LEU C 51 -55.70 23.68 5.89
N VAL C 52 -55.23 22.61 6.54
CA VAL C 52 -55.04 21.33 5.88
C VAL C 52 -56.27 20.43 6.04
N ALA C 53 -57.08 20.65 7.06
CA ALA C 53 -58.31 19.88 7.27
C ALA C 53 -59.20 19.73 6.04
N PRO C 54 -59.35 20.73 5.17
CA PRO C 54 -60.24 20.55 4.01
C PRO C 54 -59.83 19.41 3.09
N VAL C 55 -58.58 18.93 3.16
CA VAL C 55 -58.10 17.91 2.23
C VAL C 55 -57.57 16.68 2.94
N ALA C 56 -57.61 16.63 4.27
CA ALA C 56 -56.90 15.56 4.95
C ALA C 56 -57.49 15.33 6.33
N HIS C 57 -57.23 14.14 6.85
CA HIS C 57 -57.51 13.81 8.26
C HIS C 57 -56.25 14.14 9.06
N CYS C 58 -56.28 15.26 9.77
CA CYS C 58 -55.09 15.76 10.44
C CYS C 58 -54.97 15.14 11.82
N ILE C 59 -53.82 14.52 12.11
CA ILE C 59 -53.51 13.90 13.39
C ILE C 59 -52.19 14.48 13.87
N ALA C 60 -52.20 15.14 15.04
CA ALA C 60 -50.98 15.75 15.58
C ALA C 60 -50.75 15.25 16.99
N PRO C 61 -49.89 14.26 17.20
CA PRO C 61 -49.66 13.77 18.55
C PRO C 61 -48.70 14.64 19.34
N ASP C 62 -48.89 14.63 20.66
CA ASP C 62 -47.88 15.09 21.60
C ASP C 62 -46.93 13.93 21.87
N LEU C 63 -45.63 14.13 21.61
CA LEU C 63 -44.66 13.09 21.93
C LEU C 63 -44.73 12.75 23.41
N ILE C 64 -44.41 11.51 23.74
CA ILE C 64 -44.41 11.08 25.14
C ILE C 64 -43.54 12.02 25.97
N GLY C 65 -44.05 12.44 27.13
CA GLY C 65 -43.35 13.41 27.98
C GLY C 65 -43.57 14.86 27.60
N PHE C 66 -44.29 15.14 26.52
CA PHE C 66 -44.54 16.48 26.03
C PHE C 66 -46.03 16.78 26.04
N GLY C 67 -46.36 18.08 26.03
CA GLY C 67 -47.75 18.49 25.88
C GLY C 67 -48.60 17.87 26.97
N GLN C 68 -49.69 17.22 26.55
CA GLN C 68 -50.59 16.55 27.48
C GLN C 68 -50.46 15.03 27.44
N SER C 69 -49.37 14.52 26.87
CA SER C 69 -49.07 13.10 26.93
C SER C 69 -48.56 12.74 28.31
N GLY C 70 -48.54 11.45 28.61
CA GLY C 70 -48.09 10.99 29.92
C GLY C 70 -46.59 11.20 30.12
N LYS C 71 -46.15 11.02 31.38
CA LYS C 71 -44.75 11.20 31.76
C LYS C 71 -44.22 9.94 32.43
N PRO C 72 -44.05 8.86 31.67
CA PRO C 72 -43.49 7.63 32.25
C PRO C 72 -42.04 7.81 32.68
N ASP C 73 -41.62 6.94 33.60
CA ASP C 73 -40.26 6.96 34.15
C ASP C 73 -39.31 6.27 33.18
N ILE C 74 -38.89 7.01 32.15
CA ILE C 74 -38.03 6.48 31.10
C ILE C 74 -36.93 7.49 30.85
N ASP C 75 -35.96 7.10 29.99
CA ASP C 75 -34.85 8.00 29.66
C ASP C 75 -35.27 9.12 28.71
N TYR C 76 -36.30 8.89 27.90
CA TYR C 76 -36.70 9.82 26.84
C TYR C 76 -35.60 9.96 25.78
N ARG C 77 -34.93 8.85 25.50
CA ARG C 77 -34.01 8.79 24.37
C ARG C 77 -34.79 8.87 23.06
N PHE C 78 -34.07 9.17 21.98
CA PHE C 78 -34.70 9.15 20.66
C PHE C 78 -35.38 7.81 20.40
N PHE C 79 -34.76 6.71 20.81
CA PHE C 79 -35.35 5.40 20.54
C PHE C 79 -36.60 5.16 21.38
N ASP C 80 -36.70 5.77 22.56
CA ASP C 80 -37.96 5.72 23.31
C ASP C 80 -39.08 6.40 22.52
N HIS C 81 -38.80 7.59 21.98
CA HIS C 81 -39.82 8.28 21.17
C HIS C 81 -40.22 7.46 19.95
N VAL C 82 -39.27 6.77 19.32
CA VAL C 82 -39.58 5.93 18.17
C VAL C 82 -40.63 4.89 18.53
N ARG C 83 -40.44 4.23 19.68
CA ARG C 83 -41.34 3.15 20.08
C ARG C 83 -42.71 3.68 20.45
N TYR C 84 -42.76 4.81 21.18
CA TYR C 84 -44.07 5.36 21.53
C TYR C 84 -44.80 5.87 20.30
N LEU C 85 -44.08 6.52 19.38
CA LEU C 85 -44.75 7.01 18.18
C LEU C 85 -45.25 5.84 17.32
N ASP C 86 -44.45 4.79 17.17
CA ASP C 86 -44.88 3.61 16.42
C ASP C 86 -46.14 3.02 17.02
N ALA C 87 -46.21 2.89 18.35
CA ALA C 87 -47.39 2.30 18.96
C ALA C 87 -48.60 3.23 18.89
N PHE C 88 -48.35 4.55 18.88
CA PHE C 88 -49.43 5.51 18.63
C PHE C 88 -50.01 5.34 17.23
N ILE C 89 -49.15 5.25 16.22
CA ILE C 89 -49.62 5.13 14.84
C ILE C 89 -50.45 3.87 14.68
N ASP C 90 -49.98 2.75 15.24
N ASP C 90 -49.97 2.75 15.24
CA ASP C 90 -50.71 1.49 15.12
CA ASP C 90 -50.68 1.48 15.15
C ASP C 90 -52.01 1.53 15.91
C ASP C 90 -52.00 1.54 15.92
N LYS C 91 -52.01 2.20 17.07
CA LYS C 91 -53.21 2.29 17.89
C LYS C 91 -54.35 2.98 17.14
N LEU C 92 -54.04 4.05 16.39
CA LEU C 92 -55.06 4.71 15.59
C LEU C 92 -55.33 4.02 14.27
N GLY C 93 -54.60 2.95 13.96
CA GLY C 93 -54.85 2.21 12.73
C GLY C 93 -54.41 2.92 11.48
N ILE C 94 -53.43 3.81 11.57
CA ILE C 94 -52.98 4.56 10.39
C ILE C 94 -52.07 3.66 9.55
N GLU C 95 -52.46 3.43 8.31
CA GLU C 95 -51.70 2.55 7.42
C GLU C 95 -50.80 3.29 6.45
N SER C 96 -51.09 4.57 6.20
CA SER C 96 -50.25 5.39 5.34
C SER C 96 -50.57 6.83 5.68
N ALA C 97 -49.61 7.73 5.46
CA ALA C 97 -49.83 9.11 5.87
C ALA C 97 -48.87 10.04 5.14
N TYR C 98 -49.31 11.29 4.97
CA TYR C 98 -48.35 12.37 4.79
C TYR C 98 -47.71 12.68 6.14
N LEU C 99 -46.45 13.06 6.10
CA LEU C 99 -45.73 13.47 7.30
C LEU C 99 -45.37 14.95 7.18
N VAL C 100 -45.71 15.74 8.19
CA VAL C 100 -45.29 17.13 8.30
C VAL C 100 -44.56 17.29 9.62
N ALA C 101 -43.33 17.81 9.58
CA ALA C 101 -42.47 17.67 10.76
C ALA C 101 -41.42 18.78 10.86
N GLN C 102 -40.99 19.03 12.10
CA GLN C 102 -39.95 20.00 12.41
C GLN C 102 -39.11 19.48 13.56
N ASP C 103 -37.81 19.79 13.54
CA ASP C 103 -36.90 19.54 14.68
C ASP C 103 -36.81 18.04 14.91
N TRP C 104 -36.95 17.54 16.15
CA TRP C 104 -36.90 16.10 16.34
C TRP C 104 -38.04 15.36 15.67
N GLY C 105 -39.16 16.04 15.37
CA GLY C 105 -40.19 15.43 14.56
C GLY C 105 -39.66 14.93 13.22
N THR C 106 -38.69 15.65 12.64
CA THR C 106 -38.14 15.19 11.36
C THR C 106 -37.26 13.97 11.52
N ALA C 107 -36.53 13.85 12.64
CA ALA C 107 -35.76 12.63 12.85
C ALA C 107 -36.69 11.44 12.95
N LEU C 108 -37.81 11.62 13.66
CA LEU C 108 -38.79 10.54 13.76
C LEU C 108 -39.42 10.26 12.40
N ALA C 109 -39.68 11.30 11.62
CA ALA C 109 -40.23 11.13 10.28
C ALA C 109 -39.26 10.40 9.37
N PHE C 110 -38.00 10.84 9.36
CA PHE C 110 -36.98 10.23 8.49
C PHE C 110 -36.80 8.76 8.84
N HIS C 111 -36.74 8.44 10.13
CA HIS C 111 -36.52 7.07 10.57
C HIS C 111 -37.72 6.18 10.28
N LEU C 112 -38.94 6.72 10.44
CA LEU C 112 -40.13 6.00 10.04
C LEU C 112 -40.11 5.71 8.54
N ALA C 113 -39.82 6.72 7.73
CA ALA C 113 -39.80 6.54 6.28
C ALA C 113 -38.75 5.52 5.87
N ALA C 114 -37.63 5.46 6.58
CA ALA C 114 -36.56 4.54 6.20
C ALA C 114 -36.95 3.10 6.45
N ARG C 115 -37.69 2.85 7.54
CA ARG C 115 -38.11 1.49 7.84
C ARG C 115 -39.37 1.06 7.09
N ARG C 116 -40.25 2.00 6.75
CA ARG C 116 -41.55 1.71 6.13
C ARG C 116 -41.74 2.63 4.93
N PRO C 117 -40.97 2.45 3.86
CA PRO C 117 -41.05 3.42 2.75
C PRO C 117 -42.45 3.51 2.15
N ASP C 118 -43.20 2.40 2.08
CA ASP C 118 -44.51 2.48 1.45
C ASP C 118 -45.56 3.12 2.34
N PHE C 119 -45.21 3.42 3.59
CA PHE C 119 -46.12 4.15 4.49
C PHE C 119 -46.25 5.62 4.08
N VAL C 120 -45.23 6.19 3.44
CA VAL C 120 -45.13 7.64 3.27
C VAL C 120 -45.79 8.07 1.96
N ARG C 121 -46.85 8.87 2.09
CA ARG C 121 -47.49 9.49 0.92
C ARG C 121 -46.76 10.76 0.49
N GLY C 122 -46.02 11.37 1.41
CA GLY C 122 -45.27 12.59 1.14
C GLY C 122 -44.66 13.06 2.45
N LEU C 123 -43.57 13.82 2.35
CA LEU C 123 -42.86 14.26 3.55
C LEU C 123 -42.58 15.75 3.42
N ALA C 124 -43.28 16.54 4.23
CA ALA C 124 -43.02 17.97 4.33
C ALA C 124 -42.22 18.20 5.60
N PHE C 125 -41.07 18.88 5.48
CA PHE C 125 -40.17 19.03 6.62
C PHE C 125 -39.49 20.38 6.60
N MET C 126 -38.90 20.73 7.75
CA MET C 126 -38.31 22.03 7.99
C MET C 126 -37.46 21.95 9.24
N GLU C 127 -36.38 22.75 9.24
CA GLU C 127 -35.52 22.91 10.41
C GLU C 127 -35.21 21.55 11.03
N PHE C 128 -34.63 20.70 10.20
CA PHE C 128 -34.58 19.28 10.47
C PHE C 128 -33.23 18.89 11.06
N ILE C 129 -33.20 17.68 11.61
CA ILE C 129 -32.01 17.11 12.23
C ILE C 129 -31.32 16.22 11.20
N ARG C 130 -30.01 16.35 11.11
CA ARG C 130 -29.17 15.50 10.28
C ARG C 130 -27.89 15.23 11.05
N PRO C 131 -27.16 14.16 10.70
CA PRO C 131 -25.84 13.96 11.33
C PRO C 131 -24.92 15.14 11.07
N MET C 132 -24.36 15.68 12.14
CA MET C 132 -23.46 16.83 12.03
C MET C 132 -22.04 16.39 12.39
N PRO C 133 -21.13 16.30 11.41
CA PRO C 133 -19.80 15.74 11.67
C PRO C 133 -18.98 16.53 12.68
N THR C 134 -19.13 17.86 12.73
CA THR C 134 -18.43 18.67 13.70
C THR C 134 -19.41 19.66 14.31
N TRP C 135 -18.98 20.29 15.41
CA TRP C 135 -19.79 21.31 16.05
C TRP C 135 -20.04 22.50 15.13
N ASP C 136 -19.13 22.78 14.20
CA ASP C 136 -19.35 23.89 13.28
C ASP C 136 -20.50 23.61 12.33
N ASP C 137 -20.92 22.36 12.21
CA ASP C 137 -22.05 22.01 11.35
C ASP C 137 -23.37 22.13 12.07
N PHE C 138 -23.38 22.50 13.35
CA PHE C 138 -24.60 22.61 14.13
C PHE C 138 -24.97 24.08 14.24
N HIS C 139 -26.17 24.44 13.78
CA HIS C 139 -26.71 25.78 13.98
C HIS C 139 -25.85 26.80 13.24
N GLN C 140 -25.93 28.08 13.62
CA GLN C 140 -25.37 29.15 12.82
C GLN C 140 -24.56 30.18 13.59
N THR C 141 -24.52 30.10 14.92
CA THR C 141 -23.84 31.11 15.72
C THR C 141 -23.01 30.42 16.78
N PRO C 142 -21.90 31.04 17.19
CA PRO C 142 -21.12 30.48 18.31
C PRO C 142 -21.89 30.46 19.61
N GLN C 143 -22.83 31.38 19.82
CA GLN C 143 -23.58 31.36 21.08
C GLN C 143 -24.53 30.17 21.11
N ALA C 144 -25.15 29.84 19.97
CA ALA C 144 -26.00 28.66 19.91
C ALA C 144 -25.19 27.40 20.19
N ARG C 145 -24.02 27.27 19.55
CA ARG C 145 -23.17 26.11 19.77
C ARG C 145 -22.73 26.00 21.23
N GLU C 146 -22.32 27.13 21.81
CA GLU C 146 -21.89 27.12 23.21
C GLU C 146 -23.02 26.65 24.13
N MET C 147 -24.22 27.17 23.92
CA MET C 147 -25.35 26.80 24.77
C MET C 147 -25.64 25.30 24.68
N PHE C 148 -25.63 24.74 23.47
CA PHE C 148 -25.92 23.31 23.37
C PHE C 148 -24.74 22.46 23.85
N ARG C 149 -23.50 22.97 23.74
CA ARG C 149 -22.39 22.30 24.41
C ARG C 149 -22.64 22.19 25.92
N LYS C 150 -23.19 23.25 26.52
CA LYS C 150 -23.47 23.25 27.95
C LYS C 150 -24.62 22.29 28.30
N PHE C 151 -25.67 22.25 27.47
CA PHE C 151 -26.73 21.25 27.67
C PHE C 151 -26.14 19.84 27.72
N ARG C 152 -25.14 19.56 26.90
CA ARG C 152 -24.56 18.23 26.81
C ARG C 152 -23.46 17.99 27.85
N THR C 153 -23.25 18.92 28.77
CA THR C 153 -22.26 18.78 29.84
C THR C 153 -22.91 18.27 31.11
N PRO C 154 -22.39 17.20 31.71
CA PRO C 154 -22.97 16.72 32.98
C PRO C 154 -23.03 17.82 34.04
N GLY C 155 -24.11 17.84 34.81
CA GLY C 155 -24.28 18.84 35.84
C GLY C 155 -24.79 20.17 35.32
N VAL C 156 -24.01 20.80 34.44
CA VAL C 156 -24.40 22.09 33.86
C VAL C 156 -25.72 21.97 33.12
N GLY C 157 -25.85 20.95 32.27
CA GLY C 157 -27.10 20.77 31.55
C GLY C 157 -28.28 20.62 32.48
N GLU C 158 -28.11 19.85 33.56
CA GLU C 158 -29.17 19.67 34.55
C GLU C 158 -29.56 21.00 35.20
N GLN C 159 -28.58 21.81 35.56
CA GLN C 159 -28.88 23.10 36.17
C GLN C 159 -29.67 23.97 35.22
N MET C 160 -29.22 24.05 33.97
CA MET C 160 -29.84 24.95 33.00
C MET C 160 -31.26 24.52 32.66
N ILE C 161 -31.48 23.23 32.41
CA ILE C 161 -32.76 22.76 31.87
C ILE C 161 -33.69 22.24 32.97
N LEU C 162 -33.21 21.32 33.80
CA LEU C 162 -34.09 20.80 34.85
C LEU C 162 -34.43 21.86 35.89
N GLU C 163 -33.44 22.63 36.35
CA GLU C 163 -33.74 23.59 37.41
C GLU C 163 -34.32 24.88 36.85
N ASP C 164 -33.75 25.40 35.76
CA ASP C 164 -34.12 26.71 35.25
C ASP C 164 -34.98 26.68 34.00
N ASN C 165 -35.23 25.50 33.42
CA ASN C 165 -36.19 25.34 32.32
C ASN C 165 -35.81 26.21 31.13
N VAL C 166 -34.51 26.32 30.87
CA VAL C 166 -34.00 27.27 29.89
C VAL C 166 -34.43 26.92 28.47
N PHE C 167 -34.69 25.63 28.17
CA PHE C 167 -35.08 25.31 26.79
C PHE C 167 -36.46 25.88 26.48
N VAL C 168 -37.40 25.74 27.44
CA VAL C 168 -38.73 26.29 27.29
C VAL C 168 -38.70 27.81 27.40
N GLU C 169 -38.02 28.33 28.43
CA GLU C 169 -38.18 29.75 28.77
C GLU C 169 -37.31 30.67 27.93
N ARG C 170 -36.26 30.14 27.28
CA ARG C 170 -35.36 31.01 26.54
C ARG C 170 -35.10 30.53 25.10
N VAL C 171 -34.80 29.24 24.92
CA VAL C 171 -34.50 28.74 23.58
C VAL C 171 -35.73 28.85 22.69
N LEU C 172 -36.90 28.48 23.23
CA LEU C 172 -38.11 28.50 22.40
C LEU C 172 -38.49 29.92 21.99
N PRO C 173 -38.79 30.85 22.92
CA PRO C 173 -39.14 32.21 22.46
C PRO C 173 -38.00 32.92 21.76
N GLY C 174 -36.74 32.64 22.16
CA GLY C 174 -35.59 33.21 21.50
C GLY C 174 -35.35 32.71 20.09
N SER C 175 -36.03 31.65 19.68
CA SER C 175 -35.86 31.10 18.34
C SER C 175 -37.12 31.29 17.48
N ILE C 176 -37.90 32.32 17.79
CA ILE C 176 -39.07 32.71 17.03
C ILE C 176 -38.93 34.21 16.76
N VAL C 177 -39.31 34.65 15.55
CA VAL C 177 -39.13 36.07 15.22
C VAL C 177 -40.14 36.93 15.98
N ARG C 178 -41.42 36.58 15.89
CA ARG C 178 -42.43 37.34 16.61
C ARG C 178 -42.35 37.07 18.11
N LYS C 179 -43.01 37.93 18.89
CA LYS C 179 -43.08 37.75 20.32
C LYS C 179 -44.24 36.85 20.69
N LEU C 180 -43.97 35.82 21.48
CA LEU C 180 -45.05 34.97 21.95
C LEU C 180 -45.86 35.71 23.01
N SER C 181 -47.17 35.49 22.99
CA SER C 181 -48.04 36.07 24.02
C SER C 181 -47.82 35.35 25.35
N GLU C 182 -48.34 35.97 26.41
CA GLU C 182 -48.26 35.31 27.70
C GLU C 182 -49.08 34.03 27.72
N GLU C 183 -50.25 34.01 27.06
CA GLU C 183 -51.02 32.77 27.01
C GLU C 183 -50.25 31.68 26.26
N GLU C 184 -49.57 32.05 25.18
CA GLU C 184 -48.82 31.07 24.42
C GLU C 184 -47.68 30.47 25.25
N MET C 185 -46.94 31.30 25.99
CA MET C 185 -45.89 30.78 26.86
C MET C 185 -46.46 29.95 28.01
N ALA C 186 -47.65 30.31 28.53
CA ALA C 186 -48.25 29.48 29.58
C ALA C 186 -48.57 28.09 29.06
N VAL C 187 -48.96 27.96 27.80
CA VAL C 187 -49.22 26.64 27.24
C VAL C 187 -47.90 25.88 27.08
N TYR C 188 -46.88 26.54 26.54
CA TYR C 188 -45.63 25.85 26.26
C TYR C 188 -44.92 25.42 27.54
N ARG C 189 -45.10 26.15 28.65
CA ARG C 189 -44.46 25.72 29.89
C ARG C 189 -45.36 24.83 30.75
N ALA C 190 -46.63 24.67 30.39
CA ALA C 190 -47.53 23.87 31.21
C ALA C 190 -47.07 22.42 31.41
N PRO C 191 -46.45 21.73 30.44
CA PRO C 191 -46.00 20.36 30.71
C PRO C 191 -44.80 20.28 31.63
N PHE C 192 -44.20 21.41 31.99
CA PHE C 192 -42.88 21.42 32.62
C PHE C 192 -42.84 22.24 33.91
N PRO C 193 -43.74 21.96 34.86
CA PRO C 193 -43.74 22.77 36.10
C PRO C 193 -42.69 22.37 37.11
N THR C 194 -42.11 21.18 37.02
CA THR C 194 -41.12 20.71 37.97
C THR C 194 -39.81 20.32 37.28
N PRO C 195 -38.69 20.34 38.01
CA PRO C 195 -37.41 19.87 37.42
C PRO C 195 -37.50 18.48 36.81
N GLU C 196 -38.09 17.51 37.51
CA GLU C 196 -38.19 16.15 36.97
C GLU C 196 -38.99 16.11 35.66
N SER C 197 -40.08 16.89 35.57
CA SER C 197 -40.87 16.91 34.34
C SER C 197 -40.09 17.40 33.13
N ARG C 198 -38.96 18.08 33.33
CA ARG C 198 -38.21 18.67 32.24
C ARG C 198 -37.18 17.70 31.67
N ARG C 199 -37.09 16.49 32.22
CA ARG C 199 -36.17 15.48 31.69
C ARG C 199 -36.23 15.32 30.17
N PRO C 200 -37.41 15.24 29.51
CA PRO C 200 -37.37 15.08 28.04
C PRO C 200 -36.73 16.24 27.30
N THR C 201 -36.84 17.47 27.80
CA THR C 201 -36.21 18.58 27.09
C THR C 201 -34.70 18.65 27.32
N LEU C 202 -34.17 17.90 28.29
CA LEU C 202 -32.73 17.78 28.49
C LEU C 202 -32.14 16.62 27.71
N ARG C 203 -32.86 15.50 27.63
CA ARG C 203 -32.32 14.34 26.91
C ARG C 203 -32.21 14.62 25.42
N PHE C 204 -33.18 15.32 24.85
CA PHE C 204 -33.13 15.62 23.42
C PHE C 204 -31.83 16.28 22.97
N PRO C 205 -31.36 17.39 23.57
CA PRO C 205 -30.09 17.96 23.08
C PRO C 205 -28.90 17.04 23.29
N ARG C 206 -28.98 16.16 24.28
CA ARG C 206 -27.95 15.14 24.47
C ARG C 206 -28.07 13.98 23.48
N GLU C 207 -29.14 13.93 22.69
CA GLU C 207 -29.29 12.95 21.62
C GLU C 207 -28.91 13.51 20.25
N LEU C 208 -28.70 14.82 20.14
CA LEU C 208 -28.41 15.39 18.83
C LEU C 208 -27.16 14.75 18.25
N PRO C 209 -27.17 14.34 16.99
CA PRO C 209 -26.02 13.61 16.44
C PRO C 209 -24.96 14.59 15.99
N ILE C 210 -24.03 14.90 16.90
CA ILE C 210 -22.98 15.90 16.70
C ILE C 210 -21.63 15.25 17.00
N ALA C 211 -20.68 15.38 16.06
CA ALA C 211 -19.32 14.87 16.28
C ALA C 211 -19.31 13.37 16.57
N GLY C 212 -20.26 12.65 15.96
CA GLY C 212 -20.34 11.20 16.09
C GLY C 212 -20.98 10.68 17.37
N GLU C 213 -21.58 11.55 18.18
CA GLU C 213 -22.16 11.12 19.46
C GLU C 213 -23.54 11.71 19.68
N PRO C 214 -24.46 10.95 20.28
CA PRO C 214 -24.25 9.54 20.66
C PRO C 214 -24.19 8.65 19.42
N ALA C 215 -23.31 7.64 19.47
CA ALA C 215 -22.99 6.89 18.26
C ALA C 215 -24.21 6.18 17.67
N ASP C 216 -25.12 5.69 18.53
CA ASP C 216 -26.28 4.96 18.02
C ASP C 216 -27.25 5.89 17.30
N VAL C 217 -27.58 7.04 17.91
CA VAL C 217 -28.40 8.00 17.18
C VAL C 217 -27.69 8.44 15.91
N TYR C 218 -26.38 8.71 16.00
CA TYR C 218 -25.66 9.24 14.86
C TYR C 218 -25.74 8.28 13.67
N SER C 219 -25.49 7.00 13.90
CA SER C 219 -25.55 6.05 12.78
C SER C 219 -26.98 5.77 12.33
N THR C 220 -27.95 5.80 13.25
CA THR C 220 -29.34 5.64 12.84
C THR C 220 -29.77 6.78 11.92
N LEU C 221 -29.39 8.01 12.25
CA LEU C 221 -29.80 9.11 11.39
C LEU C 221 -28.96 9.20 10.12
N GLU C 222 -27.73 8.66 10.13
CA GLU C 222 -26.98 8.51 8.88
C GLU C 222 -27.73 7.60 7.93
N SER C 223 -28.20 6.46 8.44
N SER C 223 -28.22 6.47 8.44
CA SER C 223 -28.97 5.52 7.62
CA SER C 223 -28.96 5.53 7.60
C SER C 223 -30.28 6.15 7.17
C SER C 223 -30.31 6.10 7.18
N ALA C 224 -30.98 6.86 8.06
CA ALA C 224 -32.24 7.47 7.68
C ALA C 224 -32.02 8.51 6.58
N HIS C 225 -30.91 9.25 6.65
CA HIS C 225 -30.66 10.25 5.61
C HIS C 225 -30.22 9.60 4.31
N ALA C 226 -29.52 8.47 4.39
CA ALA C 226 -29.22 7.74 3.17
C ALA C 226 -30.51 7.28 2.47
N ALA C 227 -31.50 6.82 3.24
CA ALA C 227 -32.77 6.43 2.65
C ALA C 227 -33.50 7.64 2.09
N LEU C 228 -33.49 8.76 2.82
CA LEU C 228 -34.12 9.98 2.33
C LEU C 228 -33.53 10.39 0.99
N ALA C 229 -32.21 10.33 0.87
CA ALA C 229 -31.56 10.74 -0.38
C ALA C 229 -31.96 9.83 -1.54
N ALA C 230 -32.29 8.57 -1.26
CA ALA C 230 -32.65 7.62 -2.31
C ALA C 230 -34.14 7.63 -2.64
N SER C 231 -34.98 8.17 -1.76
CA SER C 231 -36.43 8.06 -1.84
C SER C 231 -36.99 8.89 -3.00
N THR C 232 -38.17 8.48 -3.48
CA THR C 232 -38.81 9.17 -4.59
C THR C 232 -40.21 9.66 -4.26
N TYR C 233 -40.67 9.53 -3.01
CA TYR C 233 -41.97 10.08 -2.64
C TYR C 233 -41.90 11.60 -2.61
N PRO C 234 -43.03 12.29 -2.78
CA PRO C 234 -43.01 13.75 -2.82
C PRO C 234 -42.53 14.34 -1.51
N LYS C 235 -41.79 15.46 -1.60
CA LYS C 235 -41.22 16.11 -0.44
C LYS C 235 -41.32 17.63 -0.58
N LEU C 236 -41.49 18.29 0.56
CA LEU C 236 -41.45 19.75 0.64
C LEU C 236 -40.46 20.12 1.72
N LEU C 237 -39.51 20.99 1.40
CA LEU C 237 -38.63 21.57 2.42
C LEU C 237 -38.95 23.05 2.56
N PHE C 238 -39.42 23.45 3.74
CA PHE C 238 -39.62 24.86 4.05
C PHE C 238 -38.35 25.41 4.70
N THR C 239 -37.98 26.63 4.36
CA THR C 239 -36.87 27.29 5.05
C THR C 239 -37.27 28.69 5.46
N GLY C 240 -36.73 29.11 6.61
CA GLY C 240 -36.73 30.49 7.01
C GLY C 240 -35.38 31.16 6.69
N ASP C 241 -35.34 32.47 6.91
CA ASP C 241 -34.15 33.26 6.67
C ASP C 241 -33.94 34.15 7.89
N PRO C 242 -32.86 33.96 8.66
CA PRO C 242 -31.71 33.08 8.39
C PRO C 242 -31.90 31.61 8.77
N GLY C 243 -33.03 31.26 9.38
CA GLY C 243 -33.18 29.88 9.81
C GLY C 243 -32.35 29.65 11.07
N ALA C 244 -32.16 28.37 11.41
CA ALA C 244 -31.39 28.04 12.59
C ALA C 244 -30.56 26.81 12.33
N LEU C 245 -31.18 25.64 12.37
CA LEU C 245 -30.50 24.42 11.94
C LEU C 245 -30.32 24.37 10.43
N VAL C 246 -31.08 25.16 9.67
CA VAL C 246 -31.08 25.12 8.21
C VAL C 246 -31.00 26.55 7.70
N SER C 247 -29.86 26.90 7.10
CA SER C 247 -29.74 28.17 6.42
C SER C 247 -30.44 28.11 5.05
N PRO C 248 -30.87 29.27 4.52
CA PRO C 248 -31.47 29.26 3.17
C PRO C 248 -30.57 28.66 2.11
N ALA C 249 -29.28 28.98 2.13
CA ALA C 249 -28.34 28.40 1.17
C ALA C 249 -28.25 26.88 1.33
N PHE C 250 -28.16 26.41 2.58
CA PHE C 250 -28.16 24.96 2.81
C PHE C 250 -29.46 24.32 2.35
N ALA C 251 -30.60 24.96 2.63
CA ALA C 251 -31.88 24.38 2.22
C ALA C 251 -31.97 24.24 0.71
N GLU C 252 -31.53 25.27 -0.03
CA GLU C 252 -31.56 25.17 -1.48
C GLU C 252 -30.71 24.02 -1.99
N ARG C 253 -29.51 23.84 -1.42
CA ARG C 253 -28.65 22.75 -1.85
C ARG C 253 -29.21 21.40 -1.43
N PHE C 254 -29.72 21.31 -0.20
CA PHE C 254 -30.29 20.06 0.27
C PHE C 254 -31.46 19.62 -0.59
N ALA C 255 -32.42 20.51 -0.81
CA ALA C 255 -33.57 20.18 -1.66
C ALA C 255 -33.15 19.80 -3.07
N ALA C 256 -32.21 20.56 -3.65
CA ALA C 256 -31.78 20.27 -5.02
C ALA C 256 -31.08 18.93 -5.16
N ASN C 257 -30.53 18.39 -4.07
CA ASN C 257 -29.86 17.10 -4.16
C ASN C 257 -30.76 15.92 -3.78
N LEU C 258 -31.93 16.18 -3.23
CA LEU C 258 -32.94 15.14 -3.06
C LEU C 258 -33.73 14.94 -4.35
N LYS C 259 -34.38 13.79 -4.46
CA LYS C 259 -35.32 13.54 -5.55
C LYS C 259 -36.72 13.94 -5.12
N ASN C 260 -37.40 14.69 -5.99
CA ASN C 260 -38.83 14.97 -5.84
C ASN C 260 -39.10 15.86 -4.63
N CYS C 261 -38.18 16.79 -4.36
CA CYS C 261 -38.29 17.71 -3.24
C CYS C 261 -38.41 19.14 -3.75
N ARG C 262 -39.44 19.83 -3.30
CA ARG C 262 -39.69 21.22 -3.63
C ARG C 262 -39.28 22.12 -2.47
N LEU C 263 -38.63 23.25 -2.78
CA LEU C 263 -38.18 24.21 -1.79
C LEU C 263 -39.19 25.34 -1.64
N ILE C 264 -39.54 25.67 -0.41
CA ILE C 264 -40.47 26.76 -0.12
C ILE C 264 -39.74 27.76 0.76
N ARG C 265 -39.48 28.96 0.23
CA ARG C 265 -38.85 30.03 1.00
C ARG C 265 -39.92 30.82 1.71
N LEU C 266 -39.90 30.81 3.04
CA LEU C 266 -40.92 31.50 3.83
C LEU C 266 -40.57 32.93 4.15
N GLY C 267 -39.29 33.30 4.12
CA GLY C 267 -38.89 34.62 4.59
C GLY C 267 -38.38 34.61 6.01
N ALA C 268 -38.52 35.74 6.70
CA ALA C 268 -37.89 35.93 8.00
C ALA C 268 -38.32 34.83 8.99
N GLY C 269 -37.35 34.05 9.47
CA GLY C 269 -37.66 32.99 10.40
C GLY C 269 -36.42 32.45 11.07
N LEU C 270 -36.62 31.81 12.23
CA LEU C 270 -35.52 31.22 12.98
C LEU C 270 -35.68 29.72 13.05
N HIS C 271 -35.96 29.15 14.22
CA HIS C 271 -36.08 27.70 14.32
C HIS C 271 -37.53 27.18 14.28
N TYR C 272 -38.45 27.82 14.98
CA TYR C 272 -39.82 27.30 15.09
C TYR C 272 -40.67 28.05 14.08
N LEU C 273 -40.70 27.54 12.84
CA LEU C 273 -41.25 28.30 11.73
C LEU C 273 -42.78 28.37 11.76
N GLN C 274 -43.46 27.42 12.42
CA GLN C 274 -44.92 27.46 12.47
C GLN C 274 -45.43 28.72 13.18
N GLU C 275 -44.64 29.29 14.09
CA GLU C 275 -45.14 30.42 14.85
C GLU C 275 -44.94 31.73 14.10
N ASP C 276 -44.13 31.74 13.06
CA ASP C 276 -43.97 32.92 12.21
C ASP C 276 -44.70 32.80 10.88
N HIS C 277 -44.93 31.58 10.38
CA HIS C 277 -45.55 31.45 9.08
C HIS C 277 -46.64 30.39 9.02
N PRO C 278 -47.61 30.39 9.94
CA PRO C 278 -48.60 29.30 9.94
C PRO C 278 -49.41 29.24 8.66
N GLU C 279 -49.85 30.39 8.14
CA GLU C 279 -50.72 30.37 6.97
C GLU C 279 -49.97 29.92 5.72
N ALA C 280 -48.74 30.42 5.52
CA ALA C 280 -47.97 29.97 4.37
C ALA C 280 -47.70 28.47 4.43
N ILE C 281 -47.35 27.94 5.61
CA ILE C 281 -47.10 26.51 5.71
C ILE C 281 -48.40 25.73 5.46
N GLY C 282 -49.49 26.13 6.11
CA GLY C 282 -50.75 25.38 5.96
C GLY C 282 -51.29 25.41 4.55
N ARG C 283 -51.35 26.60 3.94
CA ARG C 283 -51.82 26.69 2.56
C ARG C 283 -50.95 25.88 1.62
N THR C 284 -49.63 25.91 1.82
CA THR C 284 -48.75 25.18 0.93
C THR C 284 -48.93 23.68 1.06
N VAL C 285 -49.01 23.17 2.30
CA VAL C 285 -49.23 21.74 2.50
C VAL C 285 -50.57 21.31 1.92
N ALA C 286 -51.62 22.12 2.12
CA ALA C 286 -52.94 21.73 1.61
C ALA C 286 -52.94 21.62 0.09
N GLY C 287 -52.35 22.59 -0.59
CA GLY C 287 -52.35 22.57 -2.05
C GLY C 287 -51.49 21.47 -2.60
N TRP C 288 -50.39 21.15 -1.91
CA TRP C 288 -49.50 20.05 -2.26
C TRP C 288 -50.21 18.70 -2.15
N ILE C 289 -50.92 18.48 -1.03
CA ILE C 289 -51.68 17.24 -0.86
C ILE C 289 -52.73 17.12 -1.96
N ALA C 290 -53.47 18.21 -2.21
CA ALA C 290 -54.53 18.16 -3.22
C ALA C 290 -53.97 17.82 -4.60
N GLU C 291 -52.80 18.37 -4.94
CA GLU C 291 -52.14 18.04 -6.20
C GLU C 291 -51.81 16.55 -6.26
N ILE C 292 -51.21 16.02 -5.20
CA ILE C 292 -50.76 14.63 -5.17
C ILE C 292 -51.95 13.68 -5.24
N GLU C 293 -53.02 13.99 -4.51
CA GLU C 293 -54.19 13.13 -4.51
C GLU C 293 -54.92 13.19 -5.84
N ALA C 294 -54.92 14.35 -6.51
CA ALA C 294 -55.57 14.46 -7.80
C ALA C 294 -54.91 13.57 -8.84
N ALA C 295 -53.58 13.54 -8.87
CA ALA C 295 -52.86 12.73 -9.84
C ALA C 295 -52.88 11.24 -9.54
N SER C 296 -53.52 10.80 -8.46
CA SER C 296 -53.46 9.39 -8.06
C SER C 296 -54.66 8.57 -8.55
N ILE D 7 -27.61 -29.21 -21.67
CA ILE D 7 -27.40 -27.77 -21.72
C ILE D 7 -27.40 -27.31 -23.17
N SER D 8 -28.30 -26.38 -23.50
CA SER D 8 -28.32 -25.75 -24.81
C SER D 8 -27.62 -24.40 -24.77
N LEU D 9 -26.93 -24.07 -25.86
CA LEU D 9 -26.37 -22.73 -26.05
C LEU D 9 -27.28 -22.03 -27.05
N ARG D 10 -27.94 -20.96 -26.59
CA ARG D 10 -28.90 -20.22 -27.40
C ARG D 10 -28.40 -18.79 -27.61
N HIS D 11 -29.07 -18.09 -28.52
CA HIS D 11 -28.78 -16.70 -28.80
C HIS D 11 -30.08 -15.91 -28.78
N VAL D 12 -29.96 -14.64 -28.42
CA VAL D 12 -31.10 -13.73 -28.39
C VAL D 12 -30.62 -12.36 -28.82
N SER D 13 -31.49 -11.62 -29.52
N SER D 13 -31.49 -11.63 -29.52
CA SER D 13 -31.17 -10.27 -29.94
CA SER D 13 -31.17 -10.27 -29.94
C SER D 13 -31.25 -9.31 -28.75
C SER D 13 -31.25 -9.32 -28.75
N VAL D 14 -30.18 -8.57 -28.51
CA VAL D 14 -30.08 -7.63 -27.40
C VAL D 14 -29.51 -6.32 -27.90
N LEU D 15 -30.28 -5.23 -27.76
CA LEU D 15 -29.86 -3.89 -28.21
C LEU D 15 -29.38 -4.03 -29.65
N ASP D 16 -28.17 -3.60 -29.99
CA ASP D 16 -27.67 -3.63 -31.35
C ASP D 16 -26.97 -4.93 -31.70
N SER D 17 -27.07 -5.96 -30.87
CA SER D 17 -26.18 -7.10 -31.00
C SER D 17 -26.96 -8.36 -30.66
N THR D 18 -26.22 -9.43 -30.37
CA THR D 18 -26.80 -10.64 -29.82
C THR D 18 -25.97 -11.08 -28.62
N MET D 19 -26.63 -11.76 -27.70
CA MET D 19 -25.95 -12.35 -26.56
C MET D 19 -26.23 -13.85 -26.55
N ALA D 20 -25.21 -14.61 -26.17
CA ALA D 20 -25.31 -16.05 -26.07
C ALA D 20 -25.57 -16.42 -24.62
N TYR D 21 -26.29 -17.53 -24.41
CA TYR D 21 -26.53 -18.01 -23.06
C TYR D 21 -26.73 -19.52 -23.03
N ARG D 22 -26.28 -20.12 -21.94
CA ARG D 22 -26.58 -21.52 -21.68
C ARG D 22 -27.90 -21.63 -20.94
N GLU D 23 -28.63 -22.71 -21.20
CA GLU D 23 -29.95 -22.89 -20.62
C GLU D 23 -30.24 -24.37 -20.42
N THR D 24 -30.91 -24.71 -19.31
CA THR D 24 -31.39 -26.06 -19.05
C THR D 24 -32.39 -26.00 -17.89
N GLY D 25 -32.96 -27.16 -17.57
CA GLY D 25 -33.96 -27.27 -16.52
C GLY D 25 -35.37 -27.04 -17.03
N ARG D 26 -36.32 -27.23 -16.12
CA ARG D 26 -37.73 -27.13 -16.47
C ARG D 26 -38.19 -25.67 -16.49
N SER D 27 -38.98 -25.32 -17.51
CA SER D 27 -39.36 -23.92 -17.68
C SER D 27 -40.48 -23.48 -16.76
N ASP D 28 -41.16 -24.39 -16.07
CA ASP D 28 -42.12 -23.98 -15.05
C ASP D 28 -41.48 -23.81 -13.67
N ALA D 29 -40.18 -24.00 -13.57
CA ALA D 29 -39.42 -23.81 -12.34
C ALA D 29 -38.95 -22.37 -12.21
N PRO D 30 -38.56 -21.93 -11.01
CA PRO D 30 -38.01 -20.57 -10.87
C PRO D 30 -36.74 -20.40 -11.71
N VAL D 31 -36.58 -19.19 -12.25
CA VAL D 31 -35.37 -18.88 -13.00
C VAL D 31 -34.19 -18.69 -12.04
N VAL D 32 -33.04 -19.23 -12.44
CA VAL D 32 -31.76 -18.93 -11.78
C VAL D 32 -30.85 -18.34 -12.82
N LEU D 33 -30.39 -17.11 -12.58
CA LEU D 33 -29.47 -16.42 -13.47
C LEU D 33 -28.04 -16.56 -12.96
N PHE D 34 -27.17 -17.17 -13.76
CA PHE D 34 -25.76 -17.37 -13.41
C PHE D 34 -24.92 -16.30 -14.11
N LEU D 35 -24.16 -15.53 -13.34
CA LEU D 35 -23.44 -14.36 -13.86
C LEU D 35 -21.93 -14.51 -13.65
N HIS D 36 -21.21 -14.73 -14.74
CA HIS D 36 -19.75 -14.84 -14.72
C HIS D 36 -19.11 -13.44 -14.68
N GLY D 37 -17.77 -13.43 -14.54
CA GLY D 37 -16.97 -12.22 -14.48
C GLY D 37 -15.84 -12.23 -15.49
N ASN D 38 -14.77 -11.54 -15.13
CA ASN D 38 -13.61 -11.32 -16.02
C ASN D 38 -12.58 -12.41 -15.80
N PRO D 39 -12.07 -13.09 -16.85
CA PRO D 39 -12.40 -13.02 -18.28
C PRO D 39 -13.07 -14.31 -18.75
N THR D 40 -14.11 -14.75 -18.06
CA THR D 40 -14.68 -16.05 -18.32
C THR D 40 -15.93 -15.89 -19.20
N SER D 41 -16.83 -16.87 -19.13
CA SER D 41 -18.10 -16.83 -19.83
C SER D 41 -19.02 -17.83 -19.14
N SER D 42 -20.17 -18.08 -19.75
CA SER D 42 -21.11 -19.04 -19.16
C SER D 42 -20.53 -20.45 -19.09
N TYR D 43 -19.49 -20.73 -19.90
CA TYR D 43 -18.76 -21.99 -19.84
C TYR D 43 -18.32 -22.32 -18.42
N ILE D 44 -18.04 -21.32 -17.59
CA ILE D 44 -17.54 -21.61 -16.24
C ILE D 44 -18.60 -22.26 -15.35
N TRP D 45 -19.89 -22.14 -15.70
CA TRP D 45 -20.97 -22.75 -14.94
C TRP D 45 -21.34 -24.15 -15.42
N ARG D 46 -20.58 -24.72 -16.36
CA ARG D 46 -21.02 -25.92 -17.08
C ARG D 46 -21.17 -27.14 -16.16
N ASN D 47 -20.40 -27.22 -15.09
CA ASN D 47 -20.47 -28.36 -14.17
C ASN D 47 -21.33 -28.07 -12.95
N ILE D 48 -21.86 -26.85 -12.84
CA ILE D 48 -22.76 -26.48 -11.76
C ILE D 48 -24.22 -26.52 -12.23
N ILE D 49 -24.45 -26.05 -13.45
CA ILE D 49 -25.81 -25.98 -13.97
C ILE D 49 -26.54 -27.31 -13.93
N PRO D 50 -25.93 -28.45 -14.28
CA PRO D 50 -26.66 -29.73 -14.21
C PRO D 50 -27.14 -30.09 -12.82
N LEU D 51 -26.50 -29.59 -11.77
CA LEU D 51 -26.92 -29.90 -10.41
C LEU D 51 -28.08 -29.03 -9.95
N VAL D 52 -28.28 -27.87 -10.57
CA VAL D 52 -29.35 -26.96 -10.21
C VAL D 52 -30.56 -27.13 -11.11
N ALA D 53 -30.37 -27.66 -12.30
CA ALA D 53 -31.43 -27.94 -13.27
C ALA D 53 -32.63 -28.72 -12.71
N PRO D 54 -32.46 -29.67 -11.78
CA PRO D 54 -33.64 -30.37 -11.25
C PRO D 54 -34.64 -29.46 -10.56
N VAL D 55 -34.23 -28.28 -10.08
CA VAL D 55 -35.12 -27.45 -9.27
C VAL D 55 -35.35 -26.08 -9.87
N ALA D 56 -34.76 -25.76 -11.02
CA ALA D 56 -34.82 -24.39 -11.48
C ALA D 56 -34.62 -24.34 -12.99
N HIS D 57 -35.08 -23.24 -13.57
CA HIS D 57 -34.79 -22.93 -14.96
C HIS D 57 -33.47 -22.15 -15.04
N CYS D 58 -32.40 -22.81 -15.47
CA CYS D 58 -31.05 -22.24 -15.41
C CYS D 58 -30.76 -21.42 -16.66
N ILE D 59 -30.39 -20.16 -16.47
CA ILE D 59 -30.04 -19.24 -17.54
C ILE D 59 -28.68 -18.62 -17.21
N ALA D 60 -27.69 -18.84 -18.08
CA ALA D 60 -26.34 -18.34 -17.86
C ALA D 60 -25.88 -17.55 -19.08
N PRO D 61 -25.98 -16.23 -19.06
CA PRO D 61 -25.56 -15.44 -20.23
C PRO D 61 -24.03 -15.29 -20.31
N ASP D 62 -23.57 -15.15 -21.55
CA ASP D 62 -22.24 -14.61 -21.80
C ASP D 62 -22.37 -13.09 -21.81
N LEU D 63 -21.62 -12.42 -20.94
CA LEU D 63 -21.62 -10.95 -20.94
C LEU D 63 -21.24 -10.44 -22.32
N ILE D 64 -21.76 -9.26 -22.68
CA ILE D 64 -21.44 -8.69 -23.99
C ILE D 64 -19.94 -8.53 -24.13
N GLY D 65 -19.40 -8.93 -25.28
CA GLY D 65 -17.97 -8.94 -25.49
C GLY D 65 -17.24 -10.16 -24.96
N PHE D 66 -17.95 -11.10 -24.33
CA PHE D 66 -17.36 -12.31 -23.77
C PHE D 66 -17.98 -13.55 -24.43
N GLY D 67 -17.26 -14.66 -24.33
CA GLY D 67 -17.84 -15.91 -24.81
C GLY D 67 -18.26 -15.79 -26.26
N GLN D 68 -19.49 -16.21 -26.55
CA GLN D 68 -20.06 -16.20 -27.90
C GLN D 68 -21.10 -15.09 -28.09
N SER D 69 -21.18 -14.15 -27.15
CA SER D 69 -21.96 -12.94 -27.33
C SER D 69 -21.30 -12.02 -28.36
N GLY D 70 -22.05 -11.02 -28.80
CA GLY D 70 -21.54 -10.08 -29.79
C GLY D 70 -20.39 -9.25 -29.28
N LYS D 71 -19.73 -8.56 -30.21
CA LYS D 71 -18.56 -7.73 -29.90
C LYS D 71 -18.76 -6.32 -30.45
N PRO D 72 -19.74 -5.58 -29.95
CA PRO D 72 -19.96 -4.21 -30.46
C PRO D 72 -18.82 -3.28 -30.08
N ASP D 73 -18.71 -2.20 -30.84
CA ASP D 73 -17.66 -1.21 -30.62
C ASP D 73 -18.08 -0.27 -29.51
N ILE D 74 -17.81 -0.66 -28.26
CA ILE D 74 -18.17 0.12 -27.07
C ILE D 74 -16.98 0.12 -26.13
N ASP D 75 -17.11 0.91 -25.04
CA ASP D 75 -16.06 1.00 -24.04
C ASP D 75 -16.00 -0.22 -23.14
N TYR D 76 -17.10 -0.96 -23.03
CA TYR D 76 -17.22 -2.11 -22.14
C TYR D 76 -17.04 -1.70 -20.67
N ARG D 77 -17.59 -0.54 -20.33
CA ARG D 77 -17.64 -0.13 -18.93
C ARG D 77 -18.60 -1.02 -18.16
N PHE D 78 -18.47 -0.99 -16.84
CA PHE D 78 -19.47 -1.64 -15.99
C PHE D 78 -20.88 -1.19 -16.40
N PHE D 79 -21.07 0.11 -16.64
CA PHE D 79 -22.39 0.61 -16.97
C PHE D 79 -22.89 0.07 -18.31
N ASP D 80 -21.97 -0.16 -19.26
CA ASP D 80 -22.35 -0.86 -20.49
C ASP D 80 -22.88 -2.25 -20.20
N HIS D 81 -22.21 -2.98 -19.31
CA HIS D 81 -22.68 -4.32 -18.98
C HIS D 81 -24.04 -4.28 -18.28
N VAL D 82 -24.25 -3.27 -17.43
CA VAL D 82 -25.56 -3.13 -16.77
C VAL D 82 -26.67 -3.06 -17.81
N ARG D 83 -26.49 -2.22 -18.85
CA ARG D 83 -27.56 -2.03 -19.83
C ARG D 83 -27.80 -3.28 -20.67
N TYR D 84 -26.72 -3.94 -21.11
CA TYR D 84 -26.92 -5.17 -21.89
C TYR D 84 -27.56 -6.26 -21.05
N LEU D 85 -27.11 -6.41 -19.79
CA LEU D 85 -27.74 -7.42 -18.95
C LEU D 85 -29.21 -7.10 -18.72
N ASP D 86 -29.54 -5.84 -18.47
CA ASP D 86 -30.94 -5.48 -18.27
C ASP D 86 -31.77 -5.85 -19.49
N ALA D 87 -31.26 -5.52 -20.67
CA ALA D 87 -32.01 -5.78 -21.88
C ALA D 87 -32.09 -7.28 -22.17
N PHE D 88 -31.04 -8.04 -21.81
CA PHE D 88 -31.09 -9.50 -21.91
C PHE D 88 -32.22 -10.07 -21.05
N ILE D 89 -32.28 -9.65 -19.77
CA ILE D 89 -33.29 -10.16 -18.86
C ILE D 89 -34.70 -9.82 -19.36
N ASP D 90 -34.87 -8.60 -19.86
CA ASP D 90 -36.19 -8.19 -20.34
C ASP D 90 -36.60 -8.99 -21.57
N LYS D 91 -35.65 -9.23 -22.47
CA LYS D 91 -35.96 -9.93 -23.72
C LYS D 91 -36.36 -11.38 -23.47
N LEU D 92 -35.80 -12.03 -22.45
CA LEU D 92 -36.24 -13.37 -22.08
C LEU D 92 -37.49 -13.36 -21.21
N GLY D 93 -38.00 -12.19 -20.84
CA GLY D 93 -39.23 -12.16 -20.08
C GLY D 93 -39.07 -12.57 -18.64
N ILE D 94 -37.85 -12.49 -18.10
CA ILE D 94 -37.62 -12.94 -16.73
C ILE D 94 -38.13 -11.87 -15.77
N GLU D 95 -39.11 -12.25 -14.94
CA GLU D 95 -39.72 -11.30 -14.01
C GLU D 95 -39.19 -11.41 -12.59
N SER D 96 -38.57 -12.53 -12.23
CA SER D 96 -37.86 -12.66 -10.97
C SER D 96 -36.92 -13.85 -11.11
N ALA D 97 -35.86 -13.85 -10.32
CA ALA D 97 -34.87 -14.93 -10.44
C ALA D 97 -34.07 -15.04 -9.16
N TYR D 98 -33.53 -16.24 -8.94
CA TYR D 98 -32.35 -16.37 -8.13
C TYR D 98 -31.13 -15.91 -8.91
N LEU D 99 -30.18 -15.30 -8.23
CA LEU D 99 -28.94 -14.83 -8.83
C LEU D 99 -27.78 -15.62 -8.26
N VAL D 100 -26.94 -16.18 -9.13
CA VAL D 100 -25.73 -16.88 -8.72
C VAL D 100 -24.57 -16.22 -9.45
N ALA D 101 -23.58 -15.72 -8.70
CA ALA D 101 -22.63 -14.78 -9.32
C ALA D 101 -21.24 -14.82 -8.69
N GLN D 102 -20.25 -14.46 -9.51
CA GLN D 102 -18.87 -14.34 -9.08
C GLN D 102 -18.22 -13.15 -9.79
N ASP D 103 -17.27 -12.52 -9.10
CA ASP D 103 -16.38 -11.49 -9.70
C ASP D 103 -17.27 -10.35 -10.20
N TRP D 104 -17.09 -9.85 -11.43
CA TRP D 104 -17.93 -8.75 -11.89
C TRP D 104 -19.40 -9.15 -12.01
N GLY D 105 -19.72 -10.45 -12.11
CA GLY D 105 -21.10 -10.87 -12.04
C GLY D 105 -21.79 -10.43 -10.75
N THR D 106 -21.06 -10.40 -9.64
CA THR D 106 -21.65 -9.98 -8.36
C THR D 106 -21.92 -8.48 -8.34
N ALA D 107 -21.04 -7.68 -8.96
CA ALA D 107 -21.33 -6.25 -9.11
C ALA D 107 -22.62 -6.05 -9.90
N LEU D 108 -22.80 -6.80 -10.99
CA LEU D 108 -24.06 -6.71 -11.74
C LEU D 108 -25.23 -7.17 -10.88
N ALA D 109 -25.05 -8.27 -10.14
CA ALA D 109 -26.11 -8.77 -9.25
C ALA D 109 -26.48 -7.75 -8.19
N PHE D 110 -25.46 -7.18 -7.52
CA PHE D 110 -25.71 -6.22 -6.45
C PHE D 110 -26.44 -4.98 -6.97
N HIS D 111 -26.04 -4.48 -8.14
CA HIS D 111 -26.67 -3.28 -8.71
C HIS D 111 -28.10 -3.58 -9.14
N LEU D 112 -28.34 -4.74 -9.74
CA LEU D 112 -29.70 -5.15 -10.06
C LEU D 112 -30.58 -5.27 -8.81
N ALA D 113 -30.06 -5.93 -7.78
CA ALA D 113 -30.84 -6.08 -6.55
C ALA D 113 -31.15 -4.73 -5.92
N ALA D 114 -30.20 -3.79 -6.00
CA ALA D 114 -30.42 -2.47 -5.38
C ALA D 114 -31.53 -1.72 -6.09
N ARG D 115 -31.59 -1.84 -7.42
CA ARG D 115 -32.61 -1.14 -8.20
C ARG D 115 -33.96 -1.84 -8.18
N ARG D 116 -33.98 -3.17 -8.13
CA ARG D 116 -35.22 -3.94 -8.20
C ARG D 116 -35.18 -5.03 -7.16
N PRO D 117 -35.39 -4.68 -5.89
CA PRO D 117 -35.32 -5.71 -4.83
C PRO D 117 -36.38 -6.81 -4.98
N ASP D 118 -37.57 -6.46 -5.49
CA ASP D 118 -38.60 -7.48 -5.66
C ASP D 118 -38.27 -8.50 -6.73
N PHE D 119 -37.27 -8.23 -7.58
CA PHE D 119 -36.83 -9.18 -8.60
C PHE D 119 -36.09 -10.36 -7.98
N VAL D 120 -35.46 -10.16 -6.83
CA VAL D 120 -34.47 -11.10 -6.31
C VAL D 120 -35.18 -12.12 -5.40
N ARG D 121 -35.23 -13.36 -5.88
CA ARG D 121 -35.71 -14.45 -5.04
C ARG D 121 -34.63 -14.88 -4.05
N GLY D 122 -33.37 -14.68 -4.41
CA GLY D 122 -32.25 -15.06 -3.58
C GLY D 122 -30.97 -14.72 -4.31
N LEU D 123 -29.91 -14.52 -3.55
CA LEU D 123 -28.65 -14.05 -4.11
C LEU D 123 -27.52 -14.91 -3.56
N ALA D 124 -26.91 -15.72 -4.41
CA ALA D 124 -25.76 -16.53 -4.03
C ALA D 124 -24.53 -15.93 -4.69
N PHE D 125 -23.52 -15.58 -3.89
CA PHE D 125 -22.39 -14.84 -4.44
C PHE D 125 -21.09 -15.34 -3.82
N MET D 126 -19.98 -15.02 -4.50
CA MET D 126 -18.68 -15.53 -4.13
C MET D 126 -17.64 -14.67 -4.81
N GLU D 127 -16.49 -14.50 -4.15
CA GLU D 127 -15.35 -13.77 -4.69
C GLU D 127 -15.82 -12.48 -5.36
N PHE D 128 -16.44 -11.65 -4.54
CA PHE D 128 -17.26 -10.55 -5.02
C PHE D 128 -16.51 -9.22 -4.98
N ILE D 129 -17.08 -8.25 -5.68
CA ILE D 129 -16.51 -6.92 -5.81
C ILE D 129 -17.24 -5.99 -4.85
N ARG D 130 -16.47 -5.23 -4.09
CA ARG D 130 -16.96 -4.26 -3.14
C ARG D 130 -16.06 -3.03 -3.23
N PRO D 131 -16.54 -1.87 -2.79
CA PRO D 131 -15.65 -0.70 -2.72
C PRO D 131 -14.46 -0.96 -1.79
N MET D 132 -13.26 -0.73 -2.32
CA MET D 132 -12.02 -0.93 -1.58
C MET D 132 -11.33 0.40 -1.36
N PRO D 133 -11.37 0.96 -0.15
CA PRO D 133 -10.86 2.33 0.04
C PRO D 133 -9.36 2.47 -0.18
N THR D 134 -8.56 1.46 0.13
CA THR D 134 -7.14 1.50 -0.15
C THR D 134 -6.76 0.28 -0.99
N TRP D 135 -5.55 0.36 -1.57
CA TRP D 135 -5.04 -0.78 -2.33
C TRP D 135 -4.83 -2.01 -1.45
N ASP D 136 -4.65 -1.83 -0.15
CA ASP D 136 -4.47 -3.00 0.70
C ASP D 136 -5.77 -3.72 0.98
N ASP D 137 -6.91 -3.14 0.62
CA ASP D 137 -8.18 -3.84 0.67
C ASP D 137 -8.45 -4.65 -0.59
N PHE D 138 -7.59 -4.56 -1.59
CA PHE D 138 -7.72 -5.34 -2.82
C PHE D 138 -6.86 -6.59 -2.70
N HIS D 139 -7.52 -7.75 -2.81
CA HIS D 139 -6.81 -9.02 -2.91
C HIS D 139 -6.03 -9.31 -1.64
N GLN D 140 -5.02 -10.17 -1.75
CA GLN D 140 -4.34 -10.67 -0.55
C GLN D 140 -2.82 -10.67 -0.65
N THR D 141 -2.23 -10.49 -1.83
CA THR D 141 -0.78 -10.53 -1.93
C THR D 141 -0.25 -9.25 -2.57
N PRO D 142 0.96 -8.84 -2.22
CA PRO D 142 1.57 -7.69 -2.89
C PRO D 142 1.72 -7.88 -4.39
N GLN D 143 1.97 -9.11 -4.86
CA GLN D 143 2.12 -9.36 -6.29
C GLN D 143 0.80 -9.10 -7.03
N ALA D 144 -0.32 -9.56 -6.46
CA ALA D 144 -1.61 -9.32 -7.11
C ALA D 144 -1.90 -7.82 -7.19
N ARG D 145 -1.64 -7.10 -6.11
CA ARG D 145 -1.86 -5.65 -6.12
C ARG D 145 -0.99 -4.97 -7.17
N GLU D 146 0.29 -5.36 -7.24
CA GLU D 146 1.18 -4.77 -8.22
C GLU D 146 0.69 -5.04 -9.64
N MET D 147 0.20 -6.26 -9.87
CA MET D 147 -0.27 -6.61 -11.21
C MET D 147 -1.46 -5.76 -11.63
N PHE D 148 -2.42 -5.57 -10.73
CA PHE D 148 -3.59 -4.78 -11.11
C PHE D 148 -3.28 -3.29 -11.16
N ARG D 149 -2.33 -2.82 -10.35
CA ARG D 149 -1.85 -1.45 -10.50
C ARG D 149 -1.35 -1.22 -11.92
N LYS D 150 -0.58 -2.18 -12.44
CA LYS D 150 -0.06 -2.09 -13.81
C LYS D 150 -1.19 -2.15 -14.83
N PHE D 151 -2.18 -3.03 -14.62
CA PHE D 151 -3.34 -3.04 -15.52
C PHE D 151 -3.94 -1.65 -15.62
N ARG D 152 -3.96 -0.92 -14.49
CA ARG D 152 -4.63 0.38 -14.45
C ARG D 152 -3.70 1.52 -14.85
N THR D 153 -2.48 1.22 -15.24
CA THR D 153 -1.54 2.23 -15.70
C THR D 153 -1.66 2.40 -17.21
N PRO D 154 -1.80 3.63 -17.70
CA PRO D 154 -1.87 3.84 -19.15
C PRO D 154 -0.64 3.28 -19.84
N GLY D 155 -0.86 2.67 -21.01
CA GLY D 155 0.22 2.08 -21.76
C GLY D 155 0.64 0.71 -21.27
N VAL D 156 1.02 0.62 -20.00
CA VAL D 156 1.41 -0.66 -19.41
C VAL D 156 0.25 -1.65 -19.50
N GLY D 157 -0.95 -1.20 -19.13
CA GLY D 157 -2.10 -2.10 -19.16
C GLY D 157 -2.43 -2.59 -20.56
N GLU D 158 -2.36 -1.69 -21.54
CA GLU D 158 -2.59 -2.09 -22.93
C GLU D 158 -1.59 -3.16 -23.36
N GLN D 159 -0.33 -3.01 -22.99
CA GLN D 159 0.69 -3.97 -23.40
C GLN D 159 0.43 -5.33 -22.77
N MET D 160 0.16 -5.35 -21.47
CA MET D 160 -0.02 -6.60 -20.76
C MET D 160 -1.27 -7.35 -21.23
N ILE D 161 -2.38 -6.66 -21.37
CA ILE D 161 -3.66 -7.30 -21.62
C ILE D 161 -4.02 -7.33 -23.10
N LEU D 162 -3.94 -6.20 -23.80
CA LEU D 162 -4.28 -6.21 -25.21
C LEU D 162 -3.24 -6.98 -26.03
N GLU D 163 -1.96 -6.71 -25.82
CA GLU D 163 -0.94 -7.34 -26.65
C GLU D 163 -0.62 -8.75 -26.19
N ASP D 164 -0.56 -8.97 -24.87
CA ASP D 164 -0.09 -10.25 -24.33
C ASP D 164 -1.19 -11.09 -23.69
N ASN D 165 -2.42 -10.56 -23.58
CA ASN D 165 -3.58 -11.35 -23.16
C ASN D 165 -3.39 -11.95 -21.76
N VAL D 166 -2.79 -11.16 -20.87
N VAL D 166 -2.75 -11.19 -20.86
CA VAL D 166 -2.32 -11.67 -19.59
CA VAL D 166 -2.33 -11.79 -19.59
C VAL D 166 -3.49 -12.06 -18.67
C VAL D 166 -3.49 -12.06 -18.65
N PHE D 167 -4.64 -11.40 -18.81
CA PHE D 167 -5.77 -11.73 -17.94
C PHE D 167 -6.28 -13.13 -18.25
N VAL D 168 -6.39 -13.46 -19.54
CA VAL D 168 -6.81 -14.79 -19.95
C VAL D 168 -5.72 -15.81 -19.67
N GLU D 169 -4.49 -15.50 -20.08
CA GLU D 169 -3.41 -16.49 -20.08
C GLU D 169 -2.71 -16.65 -18.73
N ARG D 170 -2.84 -15.67 -17.82
CA ARG D 170 -2.09 -15.76 -16.57
C ARG D 170 -2.97 -15.59 -15.33
N VAL D 171 -3.82 -14.55 -15.29
CA VAL D 171 -4.65 -14.35 -14.11
C VAL D 171 -5.67 -15.48 -13.97
N LEU D 172 -6.30 -15.89 -15.08
CA LEU D 172 -7.32 -16.94 -14.99
C LEU D 172 -6.74 -18.25 -14.52
N PRO D 173 -5.78 -18.88 -15.22
CA PRO D 173 -5.25 -20.16 -14.73
C PRO D 173 -4.45 -20.02 -13.43
N GLY D 174 -3.80 -18.89 -13.20
CA GLY D 174 -3.10 -18.69 -11.95
C GLY D 174 -4.01 -18.52 -10.75
N SER D 175 -5.31 -18.31 -10.96
CA SER D 175 -6.23 -18.05 -9.87
C SER D 175 -7.20 -19.22 -9.68
N ILE D 176 -6.79 -20.41 -10.10
CA ILE D 176 -7.53 -21.65 -9.90
C ILE D 176 -6.55 -22.66 -9.33
N VAL D 177 -7.02 -23.48 -8.38
CA VAL D 177 -6.12 -24.43 -7.73
C VAL D 177 -5.78 -25.57 -8.68
N ARG D 178 -6.78 -26.21 -9.27
CA ARG D 178 -6.50 -27.30 -10.20
C ARG D 178 -5.89 -26.75 -11.49
N LYS D 179 -5.37 -27.66 -12.31
CA LYS D 179 -4.79 -27.27 -13.59
C LYS D 179 -5.83 -27.43 -14.67
N LEU D 180 -6.10 -26.37 -15.41
CA LEU D 180 -7.05 -26.44 -16.51
C LEU D 180 -6.45 -27.27 -17.64
N SER D 181 -7.31 -28.01 -18.32
CA SER D 181 -6.85 -28.76 -19.48
C SER D 181 -6.54 -27.80 -20.63
N GLU D 182 -5.84 -28.31 -21.64
CA GLU D 182 -5.57 -27.50 -22.81
C GLU D 182 -6.85 -27.15 -23.56
N GLU D 183 -7.84 -28.06 -23.60
CA GLU D 183 -9.11 -27.74 -24.24
C GLU D 183 -9.84 -26.64 -23.47
N GLU D 184 -9.83 -26.72 -22.14
CA GLU D 184 -10.45 -25.68 -21.34
C GLU D 184 -9.82 -24.32 -21.61
N MET D 185 -8.49 -24.27 -21.68
CA MET D 185 -7.81 -23.01 -22.01
C MET D 185 -8.09 -22.57 -23.44
N ALA D 186 -8.19 -23.54 -24.36
CA ALA D 186 -8.56 -23.20 -25.73
C ALA D 186 -9.93 -22.52 -25.77
N VAL D 187 -10.90 -23.03 -25.01
CA VAL D 187 -12.22 -22.41 -24.93
C VAL D 187 -12.12 -21.01 -24.31
N TYR D 188 -11.37 -20.90 -23.20
CA TYR D 188 -11.31 -19.62 -22.49
C TYR D 188 -10.60 -18.54 -23.30
N ARG D 189 -9.64 -18.89 -24.15
CA ARG D 189 -8.99 -17.86 -24.96
C ARG D 189 -9.65 -17.65 -26.31
N ALA D 190 -10.61 -18.51 -26.69
CA ALA D 190 -11.25 -18.39 -28.01
C ALA D 190 -11.89 -17.03 -28.26
N PRO D 191 -12.57 -16.39 -27.31
CA PRO D 191 -13.15 -15.06 -27.60
C PRO D 191 -12.10 -13.97 -27.76
N PHE D 192 -10.82 -14.23 -27.50
CA PHE D 192 -9.81 -13.17 -27.35
C PHE D 192 -8.54 -13.40 -28.18
N PRO D 193 -8.67 -13.67 -29.48
CA PRO D 193 -7.47 -13.92 -30.30
C PRO D 193 -6.75 -12.66 -30.79
N THR D 194 -7.34 -11.48 -30.68
CA THR D 194 -6.70 -10.25 -31.14
C THR D 194 -6.61 -9.21 -30.04
N PRO D 195 -5.65 -8.28 -30.15
CA PRO D 195 -5.62 -7.16 -29.20
C PRO D 195 -6.96 -6.44 -29.06
N GLU D 196 -7.62 -6.10 -30.16
CA GLU D 196 -8.87 -5.35 -30.02
C GLU D 196 -9.97 -6.20 -29.39
N SER D 197 -9.96 -7.51 -29.62
CA SER D 197 -10.97 -8.35 -28.95
C SER D 197 -10.81 -8.35 -27.44
N ARG D 198 -9.62 -8.01 -26.92
CA ARG D 198 -9.36 -8.12 -25.49
C ARG D 198 -9.73 -6.87 -24.71
N ARG D 199 -10.25 -5.84 -25.38
N ARG D 199 -10.28 -5.85 -25.36
CA ARG D 199 -10.67 -4.62 -24.70
CA ARG D 199 -10.64 -4.62 -24.66
C ARG D 199 -11.53 -4.86 -23.47
C ARG D 199 -11.56 -4.82 -23.47
N PRO D 200 -12.55 -5.73 -23.49
CA PRO D 200 -13.37 -5.93 -22.27
C PRO D 200 -12.57 -6.44 -21.08
N THR D 201 -11.55 -7.26 -21.30
CA THR D 201 -10.75 -7.76 -20.19
C THR D 201 -9.74 -6.73 -19.66
N LEU D 202 -9.49 -5.64 -20.41
CA LEU D 202 -8.71 -4.52 -19.91
C LEU D 202 -9.56 -3.48 -19.20
N ARG D 203 -10.77 -3.21 -19.70
N ARG D 203 -10.78 -3.20 -19.71
CA ARG D 203 -11.62 -2.20 -19.07
CA ARG D 203 -11.59 -2.19 -19.05
C ARG D 203 -12.06 -2.65 -17.68
C ARG D 203 -12.04 -2.63 -17.66
N PHE D 204 -12.30 -3.95 -17.49
N PHE D 204 -12.29 -3.93 -17.48
CA PHE D 204 -12.80 -4.42 -16.21
CA PHE D 204 -12.81 -4.39 -16.20
C PHE D 204 -11.85 -4.10 -15.05
C PHE D 204 -11.85 -4.10 -15.03
N PRO D 205 -10.54 -4.40 -15.11
CA PRO D 205 -9.67 -3.99 -13.99
C PRO D 205 -9.58 -2.49 -13.82
N ARG D 206 -9.74 -1.72 -14.88
CA ARG D 206 -9.77 -0.27 -14.75
C ARG D 206 -11.09 0.25 -14.19
N GLU D 207 -12.10 -0.61 -14.04
CA GLU D 207 -13.37 -0.25 -13.40
C GLU D 207 -13.41 -0.65 -11.92
N LEU D 208 -12.46 -1.45 -11.47
CA LEU D 208 -12.51 -1.95 -10.09
C LEU D 208 -12.51 -0.75 -9.14
N PRO D 209 -13.41 -0.72 -8.16
CA PRO D 209 -13.52 0.45 -7.29
C PRO D 209 -12.46 0.45 -6.19
N ILE D 210 -11.29 1.02 -6.49
CA ILE D 210 -10.16 1.02 -5.58
C ILE D 210 -9.75 2.46 -5.33
N ALA D 211 -9.63 2.83 -4.05
CA ALA D 211 -9.12 4.15 -3.65
C ALA D 211 -9.97 5.28 -4.25
N GLY D 212 -11.28 5.04 -4.35
CA GLY D 212 -12.22 6.03 -4.84
C GLY D 212 -12.32 6.17 -6.34
N GLU D 213 -11.64 5.33 -7.11
CA GLU D 213 -11.58 5.50 -8.56
C GLU D 213 -11.89 4.19 -9.28
N PRO D 214 -12.65 4.24 -10.38
CA PRO D 214 -13.31 5.44 -10.88
C PRO D 214 -14.46 5.83 -9.97
N ALA D 215 -14.69 7.13 -9.85
CA ALA D 215 -15.64 7.61 -8.85
C ALA D 215 -17.07 7.18 -9.14
N ASP D 216 -17.48 7.08 -10.41
CA ASP D 216 -18.86 6.71 -10.68
C ASP D 216 -19.13 5.26 -10.31
N VAL D 217 -18.23 4.35 -10.70
CA VAL D 217 -18.37 2.95 -10.25
C VAL D 217 -18.25 2.86 -8.74
N TYR D 218 -17.33 3.61 -8.15
CA TYR D 218 -17.13 3.53 -6.70
C TYR D 218 -18.42 3.90 -5.97
N SER D 219 -19.04 5.01 -6.36
N SER D 219 -19.03 5.02 -6.36
CA SER D 219 -20.26 5.43 -5.67
CA SER D 219 -20.26 5.45 -5.70
C SER D 219 -21.43 4.51 -5.97
C SER D 219 -21.41 4.49 -5.98
N THR D 220 -21.52 4.00 -7.21
CA THR D 220 -22.60 3.07 -7.53
C THR D 220 -22.50 1.80 -6.69
N LEU D 221 -21.30 1.27 -6.55
CA LEU D 221 -21.16 0.04 -5.78
C LEU D 221 -21.20 0.30 -4.27
N GLU D 222 -20.87 1.50 -3.81
CA GLU D 222 -21.15 1.86 -2.42
C GLU D 222 -22.65 1.81 -2.16
N SER D 223 -23.43 2.40 -3.05
CA SER D 223 -24.88 2.36 -2.94
C SER D 223 -25.39 0.92 -3.03
N ALA D 224 -24.79 0.12 -3.92
CA ALA D 224 -25.27 -1.26 -4.06
C ALA D 224 -25.01 -2.06 -2.79
N HIS D 225 -23.85 -1.83 -2.15
CA HIS D 225 -23.56 -2.57 -0.92
C HIS D 225 -24.39 -2.05 0.25
N ALA D 226 -24.71 -0.76 0.27
CA ALA D 226 -25.63 -0.27 1.30
C ALA D 226 -26.98 -0.96 1.19
N ALA D 227 -27.50 -1.13 -0.03
CA ALA D 227 -28.76 -1.84 -0.21
C ALA D 227 -28.61 -3.32 0.15
N LEU D 228 -27.48 -3.92 -0.21
CA LEU D 228 -27.23 -5.31 0.15
C LEU D 228 -27.27 -5.50 1.66
N ALA D 229 -26.66 -4.57 2.40
CA ALA D 229 -26.57 -4.72 3.85
C ALA D 229 -27.94 -4.56 4.51
N ALA D 230 -28.86 -3.84 3.88
CA ALA D 230 -30.20 -3.70 4.42
C ALA D 230 -31.17 -4.77 3.93
N SER D 231 -30.84 -5.52 2.88
CA SER D 231 -31.80 -6.43 2.26
C SER D 231 -32.11 -7.60 3.18
N THR D 232 -33.26 -8.22 2.95
CA THR D 232 -33.65 -9.39 3.74
C THR D 232 -33.97 -10.62 2.90
N TYR D 233 -33.78 -10.57 1.58
CA TYR D 233 -33.95 -11.78 0.77
C TYR D 233 -32.84 -12.76 1.11
N PRO D 234 -33.07 -14.06 0.86
CA PRO D 234 -32.06 -15.08 1.21
C PRO D 234 -30.76 -14.91 0.43
N LYS D 235 -29.64 -15.21 1.09
CA LYS D 235 -28.32 -14.99 0.53
C LYS D 235 -27.38 -16.13 0.94
N LEU D 236 -26.52 -16.51 0.00
CA LEU D 236 -25.45 -17.48 0.23
C LEU D 236 -24.13 -16.82 -0.15
N LEU D 237 -23.14 -16.91 0.73
CA LEU D 237 -21.78 -16.48 0.40
C LEU D 237 -20.86 -17.70 0.48
N PHE D 238 -20.33 -18.09 -0.68
CA PHE D 238 -19.34 -19.15 -0.75
C PHE D 238 -17.97 -18.55 -0.61
N THR D 239 -17.08 -19.23 0.11
CA THR D 239 -15.69 -18.78 0.19
C THR D 239 -14.74 -19.94 -0.01
N GLY D 240 -13.61 -19.63 -0.66
CA GLY D 240 -12.47 -20.52 -0.72
C GLY D 240 -11.47 -20.16 0.36
N ASP D 241 -10.39 -20.93 0.38
CA ASP D 241 -9.29 -20.78 1.33
C ASP D 241 -8.00 -21.00 0.55
N PRO D 242 -7.15 -19.97 0.38
CA PRO D 242 -7.25 -18.64 1.01
C PRO D 242 -8.19 -17.66 0.31
N GLY D 243 -8.79 -18.05 -0.81
CA GLY D 243 -9.55 -17.10 -1.58
C GLY D 243 -8.64 -16.18 -2.38
N ALA D 244 -9.20 -15.04 -2.79
CA ALA D 244 -8.45 -14.04 -3.54
C ALA D 244 -8.97 -12.66 -3.13
N LEU D 245 -10.10 -12.23 -3.71
CA LEU D 245 -10.75 -11.00 -3.25
C LEU D 245 -11.42 -11.16 -1.89
N VAL D 246 -11.70 -12.40 -1.46
CA VAL D 246 -12.42 -12.66 -0.22
C VAL D 246 -11.64 -13.73 0.54
N SER D 247 -11.07 -13.35 1.68
CA SER D 247 -10.46 -14.36 2.54
C SER D 247 -11.54 -15.05 3.37
N PRO D 248 -11.28 -16.28 3.85
CA PRO D 248 -12.26 -16.92 4.75
C PRO D 248 -12.64 -16.08 5.95
N ALA D 249 -11.66 -15.41 6.57
CA ALA D 249 -11.94 -14.55 7.71
C ALA D 249 -12.82 -13.38 7.32
N PHE D 250 -12.55 -12.78 6.16
CA PHE D 250 -13.39 -11.68 5.71
C PHE D 250 -14.78 -12.18 5.37
N ALA D 251 -14.89 -13.35 4.72
CA ALA D 251 -16.19 -13.89 4.36
C ALA D 251 -17.04 -14.13 5.60
N GLU D 252 -16.43 -14.64 6.67
CA GLU D 252 -17.23 -14.91 7.88
C GLU D 252 -17.80 -13.62 8.45
N ARG D 253 -16.98 -12.56 8.54
CA ARG D 253 -17.48 -11.29 9.05
C ARG D 253 -18.51 -10.68 8.11
N PHE D 254 -18.29 -10.79 6.80
CA PHE D 254 -19.21 -10.18 5.86
C PHE D 254 -20.58 -10.83 5.96
N ALA D 255 -20.62 -12.17 5.87
CA ALA D 255 -21.89 -12.87 5.95
C ALA D 255 -22.57 -12.67 7.30
N ALA D 256 -21.80 -12.65 8.39
CA ALA D 256 -22.40 -12.47 9.71
C ALA D 256 -23.00 -11.09 9.92
N ASN D 257 -22.53 -10.08 9.19
CA ASN D 257 -23.08 -8.73 9.29
C ASN D 257 -24.19 -8.46 8.31
N LEU D 258 -24.40 -9.34 7.33
CA LEU D 258 -25.57 -9.25 6.49
C LEU D 258 -26.77 -9.87 7.22
N LYS D 259 -27.96 -9.56 6.72
CA LYS D 259 -29.17 -10.23 7.17
C LYS D 259 -29.48 -11.38 6.22
N ASN D 260 -29.77 -12.55 6.79
CA ASN D 260 -30.30 -13.71 6.04
C ASN D 260 -29.25 -14.26 5.07
N CYS D 261 -27.98 -14.23 5.46
CA CYS D 261 -26.91 -14.75 4.64
C CYS D 261 -26.22 -15.92 5.33
N ARG D 262 -26.17 -17.07 4.65
CA ARG D 262 -25.45 -18.24 5.12
C ARG D 262 -24.05 -18.28 4.51
N LEU D 263 -23.08 -18.73 5.30
CA LEU D 263 -21.71 -18.87 4.83
C LEU D 263 -21.45 -20.33 4.46
N ILE D 264 -20.86 -20.56 3.29
CA ILE D 264 -20.49 -21.89 2.83
C ILE D 264 -18.98 -21.90 2.67
N ARG D 265 -18.28 -22.67 3.50
CA ARG D 265 -16.83 -22.79 3.37
C ARG D 265 -16.50 -23.96 2.46
N LEU D 266 -15.81 -23.67 1.35
CA LEU D 266 -15.55 -24.67 0.33
C LEU D 266 -14.21 -25.36 0.49
N GLY D 267 -13.27 -24.74 1.19
CA GLY D 267 -11.93 -25.30 1.24
C GLY D 267 -11.03 -24.71 0.19
N ALA D 268 -10.00 -25.47 -0.22
CA ALA D 268 -8.92 -24.92 -1.02
C ALA D 268 -9.44 -24.26 -2.29
N GLY D 269 -9.22 -22.96 -2.41
CA GLY D 269 -9.70 -22.22 -3.56
C GLY D 269 -9.06 -20.86 -3.62
N LEU D 270 -9.09 -20.27 -4.82
CA LEU D 270 -8.52 -18.94 -5.01
C LEU D 270 -9.60 -17.98 -5.51
N HIS D 271 -9.58 -17.61 -6.79
CA HIS D 271 -10.58 -16.65 -7.26
C HIS D 271 -11.74 -17.28 -8.03
N TYR D 272 -11.48 -18.22 -8.94
CA TYR D 272 -12.53 -18.79 -9.79
C TYR D 272 -12.97 -20.10 -9.13
N LEU D 273 -13.92 -19.97 -8.20
CA LEU D 273 -14.27 -21.10 -7.34
C LEU D 273 -15.04 -22.19 -8.08
N GLN D 274 -15.69 -21.87 -9.20
CA GLN D 274 -16.45 -22.88 -9.92
C GLN D 274 -15.56 -24.01 -10.44
N GLU D 275 -14.31 -23.69 -10.81
CA GLU D 275 -13.45 -24.71 -11.39
C GLU D 275 -12.86 -25.65 -10.35
N ASP D 276 -12.90 -25.27 -9.09
CA ASP D 276 -12.44 -26.16 -8.03
C ASP D 276 -13.57 -26.79 -7.23
N HIS D 277 -14.76 -26.18 -7.19
CA HIS D 277 -15.84 -26.68 -6.33
C HIS D 277 -17.20 -26.74 -7.00
N PRO D 278 -17.32 -27.35 -8.19
CA PRO D 278 -18.61 -27.30 -8.88
C PRO D 278 -19.69 -28.11 -8.19
N GLU D 279 -19.34 -29.24 -7.58
CA GLU D 279 -20.37 -30.06 -6.97
C GLU D 279 -20.91 -29.41 -5.70
N ALA D 280 -20.03 -28.88 -4.85
CA ALA D 280 -20.48 -28.27 -3.61
C ALA D 280 -21.30 -27.02 -3.90
N ILE D 281 -20.91 -26.25 -4.92
CA ILE D 281 -21.70 -25.07 -5.27
C ILE D 281 -23.07 -25.49 -5.82
N GLY D 282 -23.09 -26.38 -6.81
CA GLY D 282 -24.35 -26.78 -7.42
C GLY D 282 -25.32 -27.41 -6.44
N ARG D 283 -24.81 -28.37 -5.64
CA ARG D 283 -25.70 -29.05 -4.68
C ARG D 283 -26.19 -28.10 -3.61
N THR D 284 -25.32 -27.19 -3.14
CA THR D 284 -25.75 -26.22 -2.13
C THR D 284 -26.83 -25.29 -2.69
N VAL D 285 -26.58 -24.72 -3.88
CA VAL D 285 -27.58 -23.82 -4.46
C VAL D 285 -28.90 -24.56 -4.70
N ALA D 286 -28.84 -25.80 -5.21
CA ALA D 286 -30.07 -26.53 -5.48
C ALA D 286 -30.87 -26.80 -4.21
N GLY D 287 -30.20 -27.19 -3.12
CA GLY D 287 -30.91 -27.46 -1.88
C GLY D 287 -31.45 -26.19 -1.25
N TRP D 288 -30.73 -25.10 -1.41
CA TRP D 288 -31.17 -23.80 -0.91
C TRP D 288 -32.42 -23.33 -1.65
N ILE D 289 -32.40 -23.41 -2.98
CA ILE D 289 -33.58 -23.05 -3.76
C ILE D 289 -34.76 -23.92 -3.37
N ALA D 290 -34.53 -25.24 -3.22
CA ALA D 290 -35.61 -26.15 -2.87
C ALA D 290 -36.25 -25.77 -1.55
N GLU D 291 -35.42 -25.42 -0.56
CA GLU D 291 -35.92 -25.02 0.75
C GLU D 291 -36.74 -23.73 0.65
N ILE D 292 -36.24 -22.74 -0.10
CA ILE D 292 -36.95 -21.46 -0.21
C ILE D 292 -38.27 -21.63 -0.93
N GLU D 293 -38.30 -22.44 -1.99
CA GLU D 293 -39.53 -22.63 -2.75
C GLU D 293 -40.56 -23.40 -1.92
N ALA D 294 -40.11 -24.40 -1.16
CA ALA D 294 -41.04 -25.17 -0.33
C ALA D 294 -41.69 -24.30 0.73
N ALA D 295 -40.94 -23.34 1.27
CA ALA D 295 -41.54 -22.41 2.23
C ALA D 295 -42.54 -21.48 1.56
N SER D 296 -42.33 -21.15 0.28
CA SER D 296 -43.24 -20.28 -0.46
C SER D 296 -44.44 -21.03 -1.05
N ALA D 297 -44.72 -22.26 -0.59
CA ALA D 297 -45.81 -23.04 -1.15
C ALA D 297 -46.83 -23.40 -0.08
N LEU E 9 10.49 6.48 -27.50
CA LEU E 9 11.65 6.93 -28.27
C LEU E 9 12.05 8.36 -27.91
N ARG E 10 13.12 8.49 -27.12
CA ARG E 10 13.53 9.77 -26.57
C ARG E 10 14.80 10.27 -27.27
N HIS E 11 15.16 11.51 -26.97
CA HIS E 11 16.30 12.17 -27.59
C HIS E 11 17.09 12.93 -26.53
N VAL E 12 18.38 13.08 -26.78
CA VAL E 12 19.23 13.89 -25.92
C VAL E 12 20.28 14.57 -26.79
N SER E 13 20.61 15.82 -26.43
CA SER E 13 21.71 16.52 -27.05
C SER E 13 23.03 15.84 -26.67
N VAL E 14 23.85 15.52 -27.68
CA VAL E 14 25.13 14.86 -27.45
C VAL E 14 26.16 15.51 -28.38
N LEU E 15 27.22 16.08 -27.80
CA LEU E 15 28.26 16.78 -28.56
C LEU E 15 27.67 17.75 -29.58
N ASP E 16 27.93 17.54 -30.86
CA ASP E 16 27.48 18.46 -31.90
C ASP E 16 26.13 18.07 -32.51
N SER E 17 25.38 17.19 -31.86
CA SER E 17 24.22 16.60 -32.53
C SER E 17 23.24 16.12 -31.45
N THR E 18 22.37 15.19 -31.83
CA THR E 18 21.47 14.51 -30.90
C THR E 18 21.51 13.02 -31.15
N MET E 19 21.13 12.26 -30.14
CA MET E 19 20.99 10.82 -30.29
C MET E 19 19.62 10.40 -29.78
N ALA E 20 19.06 9.40 -30.44
CA ALA E 20 17.78 8.82 -30.08
C ALA E 20 18.01 7.56 -29.26
N TYR E 21 17.02 7.20 -28.46
CA TYR E 21 17.14 5.96 -27.69
C TYR E 21 15.77 5.48 -27.26
N ARG E 22 15.64 4.15 -27.17
CA ARG E 22 14.47 3.53 -26.57
C ARG E 22 14.71 3.37 -25.08
N GLU E 23 13.64 3.55 -24.30
CA GLU E 23 13.72 3.51 -22.84
C GLU E 23 12.42 2.97 -22.29
N THR E 24 12.51 1.98 -21.40
CA THR E 24 11.35 1.42 -20.70
C THR E 24 11.88 0.59 -19.53
N GLY E 25 11.00 -0.15 -18.87
CA GLY E 25 11.34 -0.78 -17.62
C GLY E 25 11.27 0.22 -16.48
N ARG E 26 11.52 -0.29 -15.27
CA ARG E 26 11.33 0.51 -14.06
C ARG E 26 12.65 1.15 -13.64
N SER E 27 12.62 2.45 -13.38
CA SER E 27 13.78 3.28 -13.06
C SER E 27 14.44 2.91 -11.76
N ASP E 28 13.92 1.92 -11.03
CA ASP E 28 14.48 1.50 -9.76
C ASP E 28 15.28 0.21 -9.88
N ALA E 29 15.54 -0.24 -11.08
CA ALA E 29 16.24 -1.47 -11.38
C ALA E 29 17.58 -1.16 -12.06
N PRO E 30 18.50 -2.13 -12.13
CA PRO E 30 19.77 -1.86 -12.81
C PRO E 30 19.54 -1.55 -14.27
N VAL E 31 20.42 -0.71 -14.81
CA VAL E 31 20.34 -0.32 -16.21
C VAL E 31 20.89 -1.45 -17.07
N VAL E 32 20.21 -1.72 -18.18
CA VAL E 32 20.73 -2.58 -19.25
C VAL E 32 20.86 -1.71 -20.50
N LEU E 33 22.05 -1.69 -21.07
CA LEU E 33 22.35 -0.94 -22.28
C LEU E 33 22.44 -1.91 -23.46
N PHE E 34 21.55 -1.75 -24.43
CA PHE E 34 21.53 -2.58 -25.62
C PHE E 34 22.24 -1.83 -26.74
N LEU E 35 23.26 -2.45 -27.35
CA LEU E 35 24.05 -1.80 -28.40
C LEU E 35 23.93 -2.60 -29.70
N HIS E 36 23.29 -2.00 -30.70
CA HIS E 36 23.15 -2.55 -32.03
C HIS E 36 24.42 -2.31 -32.87
N GLY E 37 24.43 -2.86 -34.08
CA GLY E 37 25.54 -2.74 -35.00
C GLY E 37 25.10 -2.24 -36.36
N ASN E 38 25.86 -2.63 -37.38
CA ASN E 38 25.69 -2.20 -38.78
C ASN E 38 24.79 -3.18 -39.51
N PRO E 39 23.72 -2.73 -40.21
CA PRO E 39 23.21 -1.37 -40.40
C PRO E 39 21.87 -1.19 -39.70
N THR E 40 21.79 -1.57 -38.43
CA THR E 40 20.53 -1.61 -37.73
C THR E 40 20.36 -0.37 -36.85
N SER E 41 19.51 -0.46 -35.84
CA SER E 41 19.32 0.59 -34.85
C SER E 41 18.73 -0.08 -33.62
N SER E 42 18.32 0.73 -32.64
CA SER E 42 17.67 0.16 -31.47
C SER E 42 16.40 -0.61 -31.83
N TYR E 43 15.86 -0.41 -33.03
CA TYR E 43 14.68 -1.16 -33.48
C TYR E 43 14.91 -2.67 -33.43
N ILE E 44 16.17 -3.11 -33.58
CA ILE E 44 16.41 -4.54 -33.61
C ILE E 44 16.23 -5.20 -32.25
N TRP E 45 16.19 -4.41 -31.16
CA TRP E 45 15.93 -4.93 -29.83
C TRP E 45 14.45 -4.87 -29.44
N ARG E 46 13.57 -4.51 -30.38
CA ARG E 46 12.19 -4.19 -30.04
C ARG E 46 11.44 -5.36 -29.41
N ASN E 47 11.77 -6.60 -29.79
CA ASN E 47 11.11 -7.78 -29.25
C ASN E 47 11.90 -8.42 -28.11
N ILE E 48 13.06 -7.88 -27.77
CA ILE E 48 13.86 -8.35 -26.65
C ILE E 48 13.70 -7.46 -25.42
N ILE E 49 13.59 -6.15 -25.65
CA ILE E 49 13.45 -5.21 -24.54
C ILE E 49 12.24 -5.50 -23.66
N PRO E 50 11.04 -5.78 -24.19
CA PRO E 50 9.88 -6.01 -23.30
C PRO E 50 10.07 -7.18 -22.36
N LEU E 51 10.88 -8.18 -22.74
CA LEU E 51 11.12 -9.32 -21.88
C LEU E 51 12.19 -9.05 -20.82
N VAL E 52 12.97 -7.97 -20.97
CA VAL E 52 14.03 -7.64 -20.02
C VAL E 52 13.53 -6.56 -19.07
N ALA E 53 12.57 -5.75 -19.53
CA ALA E 53 12.03 -4.63 -18.77
C ALA E 53 11.55 -4.98 -17.36
N PRO E 54 10.96 -6.17 -17.12
CA PRO E 54 10.53 -6.49 -15.76
C PRO E 54 11.62 -6.44 -14.70
N VAL E 55 12.88 -6.65 -15.06
CA VAL E 55 13.95 -6.71 -14.07
C VAL E 55 15.00 -5.62 -14.25
N ALA E 56 14.82 -4.72 -15.20
CA ALA E 56 15.89 -3.78 -15.47
C ALA E 56 15.35 -2.54 -16.17
N HIS E 57 16.10 -1.45 -16.04
CA HIS E 57 15.85 -0.19 -16.72
C HIS E 57 16.55 -0.24 -18.08
N CYS E 58 15.76 -0.43 -19.15
CA CYS E 58 16.32 -0.72 -20.47
C CYS E 58 16.58 0.57 -21.22
N ILE E 59 17.79 0.68 -21.80
CA ILE E 59 18.19 1.82 -22.61
C ILE E 59 18.86 1.29 -23.86
N ALA E 60 18.37 1.71 -25.03
CA ALA E 60 18.86 1.20 -26.30
C ALA E 60 19.05 2.38 -27.25
N PRO E 61 20.27 2.93 -27.31
CA PRO E 61 20.52 4.08 -28.20
C PRO E 61 20.65 3.69 -29.66
N ASP E 62 20.29 4.63 -30.52
CA ASP E 62 20.67 4.59 -31.92
C ASP E 62 22.07 5.19 -32.05
N LEU E 63 23.02 4.42 -32.57
CA LEU E 63 24.35 4.97 -32.76
C LEU E 63 24.28 6.21 -33.63
N ILE E 64 25.23 7.13 -33.45
CA ILE E 64 25.24 8.34 -34.27
C ILE E 64 25.28 7.95 -35.75
N GLY E 65 24.46 8.62 -36.56
CA GLY E 65 24.29 8.26 -37.97
C GLY E 65 23.31 7.13 -38.25
N PHE E 66 22.76 6.48 -37.22
CA PHE E 66 21.86 5.36 -37.37
C PHE E 66 20.49 5.69 -36.79
N GLY E 67 19.48 4.98 -37.30
CA GLY E 67 18.13 5.12 -36.78
C GLY E 67 17.67 6.56 -36.82
N GLN E 68 17.20 7.06 -35.67
CA GLN E 68 16.72 8.44 -35.59
C GLN E 68 17.72 9.36 -34.91
N SER E 69 18.96 8.92 -34.72
CA SER E 69 19.98 9.82 -34.23
C SER E 69 20.39 10.80 -35.33
N GLY E 70 21.11 11.85 -34.92
CA GLY E 70 21.60 12.84 -35.86
C GLY E 70 22.56 12.27 -36.88
N LYS E 71 22.83 13.09 -37.90
CA LYS E 71 23.72 12.75 -39.02
C LYS E 71 24.79 13.83 -39.18
N PRO E 72 25.65 14.03 -38.16
CA PRO E 72 26.69 15.04 -38.29
C PRO E 72 27.67 14.68 -39.39
N ASP E 73 28.35 15.71 -39.90
CA ASP E 73 29.34 15.55 -40.97
C ASP E 73 30.68 15.09 -40.38
N ILE E 74 30.76 13.78 -40.11
CA ILE E 74 31.93 13.17 -39.50
C ILE E 74 32.31 11.95 -40.33
N ASP E 75 33.44 11.32 -39.97
CA ASP E 75 33.90 10.14 -40.67
C ASP E 75 33.10 8.90 -40.32
N TYR E 76 32.55 8.83 -39.10
CA TYR E 76 31.87 7.64 -38.59
C TYR E 76 32.84 6.47 -38.44
N ARG E 77 34.06 6.79 -38.07
CA ARG E 77 35.02 5.76 -37.66
C ARG E 77 34.52 5.09 -36.39
N PHE E 78 35.10 3.93 -36.09
CA PHE E 78 34.87 3.30 -34.79
C PHE E 78 35.03 4.29 -33.64
N PHE E 79 36.07 5.13 -33.68
CA PHE E 79 36.34 6.05 -32.57
C PHE E 79 35.36 7.21 -32.54
N ASP E 80 34.73 7.55 -33.66
CA ASP E 80 33.60 8.49 -33.61
C ASP E 80 32.44 7.88 -32.83
N HIS E 81 32.13 6.61 -33.07
CA HIS E 81 31.08 5.95 -32.32
C HIS E 81 31.42 5.85 -30.84
N VAL E 82 32.71 5.70 -30.54
CA VAL E 82 33.14 5.62 -29.13
C VAL E 82 32.83 6.93 -28.42
N ARG E 83 33.22 8.06 -29.01
CA ARG E 83 33.03 9.33 -28.31
C ARG E 83 31.55 9.70 -28.20
N TYR E 84 30.75 9.40 -29.24
CA TYR E 84 29.33 9.73 -29.16
C TYR E 84 28.61 8.85 -28.14
N LEU E 85 28.93 7.56 -28.10
CA LEU E 85 28.28 6.68 -27.13
C LEU E 85 28.72 7.00 -25.71
N ASP E 86 30.00 7.37 -25.52
CA ASP E 86 30.46 7.83 -24.22
C ASP E 86 29.70 9.08 -23.77
N ALA E 87 29.60 10.07 -24.65
CA ALA E 87 28.90 11.29 -24.29
C ALA E 87 27.40 11.04 -24.05
N PHE E 88 26.84 10.04 -24.71
CA PHE E 88 25.45 9.65 -24.46
C PHE E 88 25.31 9.03 -23.08
N ILE E 89 26.20 8.08 -22.75
CA ILE E 89 26.16 7.45 -21.44
C ILE E 89 26.34 8.48 -20.34
N ASP E 90 27.25 9.43 -20.52
CA ASP E 90 27.49 10.43 -19.48
C ASP E 90 26.33 11.42 -19.38
N LYS E 91 25.67 11.74 -20.50
CA LYS E 91 24.56 12.67 -20.43
C LYS E 91 23.34 12.06 -19.71
N LEU E 92 23.14 10.74 -19.85
CA LEU E 92 22.11 10.07 -19.07
C LEU E 92 22.56 9.75 -17.65
N GLY E 93 23.81 10.00 -17.30
CA GLY E 93 24.29 9.73 -15.96
C GLY E 93 24.32 8.27 -15.58
N ILE E 94 24.53 7.37 -16.54
CA ILE E 94 24.65 5.95 -16.23
C ILE E 94 26.03 5.69 -15.65
N GLU E 95 26.07 5.10 -14.46
CA GLU E 95 27.33 4.80 -13.78
C GLU E 95 27.64 3.32 -13.69
N SER E 96 26.65 2.45 -13.93
CA SER E 96 26.87 1.01 -14.09
C SER E 96 25.71 0.44 -14.90
N ALA E 97 26.01 -0.58 -15.68
CA ALA E 97 24.97 -1.19 -16.52
C ALA E 97 25.38 -2.60 -16.91
N TYR E 98 24.38 -3.43 -17.15
CA TYR E 98 24.58 -4.61 -17.97
C TYR E 98 24.68 -4.16 -19.43
N LEU E 99 25.47 -4.89 -20.21
CA LEU E 99 25.63 -4.59 -21.63
C LEU E 99 25.13 -5.78 -22.44
N VAL E 100 24.29 -5.52 -23.43
CA VAL E 100 23.81 -6.54 -24.36
C VAL E 100 24.17 -6.02 -25.76
N ALA E 101 25.00 -6.76 -26.49
CA ALA E 101 25.56 -6.21 -27.72
C ALA E 101 25.67 -7.28 -28.81
N GLN E 102 25.68 -6.80 -30.06
CA GLN E 102 25.88 -7.61 -31.26
C GLN E 102 26.66 -6.78 -32.28
N ASP E 103 27.50 -7.45 -33.09
CA ASP E 103 28.17 -6.84 -34.25
C ASP E 103 29.02 -5.68 -33.71
N TRP E 104 28.98 -4.50 -34.32
CA TRP E 104 29.83 -3.41 -33.85
C TRP E 104 29.47 -2.94 -32.44
N GLY E 105 28.24 -3.23 -31.98
CA GLY E 105 27.92 -2.98 -30.58
C GLY E 105 28.82 -3.72 -29.62
N THR E 106 29.25 -4.93 -29.99
CA THR E 106 30.18 -5.66 -29.12
C THR E 106 31.54 -4.98 -29.04
N ALA E 107 32.06 -4.51 -30.17
CA ALA E 107 33.33 -3.78 -30.14
C ALA E 107 33.23 -2.57 -29.23
N LEU E 108 32.12 -1.83 -29.30
CA LEU E 108 31.92 -0.70 -28.40
C LEU E 108 31.83 -1.17 -26.95
N ALA E 109 31.11 -2.28 -26.72
CA ALA E 109 30.98 -2.82 -25.38
C ALA E 109 32.31 -3.30 -24.83
N PHE E 110 33.06 -4.04 -25.66
CA PHE E 110 34.37 -4.54 -25.21
C PHE E 110 35.30 -3.39 -24.83
N HIS E 111 35.32 -2.33 -25.65
CA HIS E 111 36.17 -1.16 -25.41
C HIS E 111 35.69 -0.36 -24.20
N LEU E 112 34.37 -0.31 -23.98
CA LEU E 112 33.86 0.36 -22.78
C LEU E 112 34.27 -0.41 -21.53
N ALA E 113 34.07 -1.72 -21.55
CA ALA E 113 34.42 -2.57 -20.42
C ALA E 113 35.92 -2.52 -20.12
N ALA E 114 36.74 -2.38 -21.16
CA ALA E 114 38.18 -2.30 -20.95
C ALA E 114 38.56 -1.00 -20.25
N ARG E 115 37.85 0.09 -20.56
CA ARG E 115 38.19 1.39 -20.01
C ARG E 115 37.58 1.65 -18.65
N ARG E 116 36.42 1.05 -18.37
CA ARG E 116 35.70 1.24 -17.11
C ARG E 116 35.26 -0.13 -16.62
N PRO E 117 36.19 -0.92 -16.08
CA PRO E 117 35.81 -2.28 -15.62
C PRO E 117 34.75 -2.26 -14.53
N ASP E 118 34.72 -1.22 -13.69
CA ASP E 118 33.73 -1.14 -12.62
C ASP E 118 32.34 -0.78 -13.14
N PHE E 119 32.24 -0.31 -14.38
CA PHE E 119 30.95 0.04 -14.97
C PHE E 119 30.12 -1.19 -15.30
N VAL E 120 30.76 -2.34 -15.51
CA VAL E 120 30.10 -3.48 -16.14
C VAL E 120 29.54 -4.38 -15.04
N ARG E 121 28.21 -4.44 -14.95
CA ARG E 121 27.55 -5.44 -14.12
C ARG E 121 27.57 -6.81 -14.80
N GLY E 122 27.59 -6.83 -16.12
CA GLY E 122 27.59 -8.07 -16.89
C GLY E 122 27.55 -7.72 -18.36
N LEU E 123 27.97 -8.69 -19.17
CA LEU E 123 28.06 -8.48 -20.61
C LEU E 123 27.50 -9.68 -21.35
N ALA E 124 26.41 -9.47 -22.07
CA ALA E 124 25.84 -10.49 -22.95
C ALA E 124 26.12 -10.09 -24.39
N PHE E 125 26.72 -10.99 -25.15
CA PHE E 125 27.17 -10.61 -26.49
C PHE E 125 26.96 -11.79 -27.44
N MET E 126 27.12 -11.51 -28.72
CA MET E 126 26.82 -12.48 -29.77
C MET E 126 27.32 -11.91 -31.08
N GLU E 127 27.75 -12.79 -31.98
CA GLU E 127 28.19 -12.40 -33.33
C GLU E 127 29.11 -11.18 -33.25
N PHE E 128 30.17 -11.32 -32.45
CA PHE E 128 30.98 -10.20 -32.01
C PHE E 128 32.16 -9.98 -32.95
N ILE E 129 32.82 -8.84 -32.77
CA ILE E 129 33.96 -8.46 -33.58
C ILE E 129 35.23 -8.66 -32.78
N ARG E 130 36.26 -9.20 -33.43
CA ARG E 130 37.55 -9.44 -32.85
C ARG E 130 38.61 -9.19 -33.90
N PRO E 131 39.84 -8.87 -33.50
CA PRO E 131 40.91 -8.76 -34.50
C PRO E 131 41.06 -10.07 -35.27
N MET E 132 41.06 -9.96 -36.59
CA MET E 132 41.14 -11.13 -37.46
C MET E 132 42.44 -11.05 -38.23
N PRO E 133 43.44 -11.88 -37.91
CA PRO E 133 44.74 -11.75 -38.56
C PRO E 133 44.72 -11.96 -40.07
N THR E 134 43.85 -12.84 -40.58
CA THR E 134 43.73 -13.05 -42.01
C THR E 134 42.26 -13.02 -42.41
N TRP E 135 42.03 -12.83 -43.71
CA TRP E 135 40.66 -12.90 -44.23
C TRP E 135 40.00 -14.25 -43.97
N ASP E 136 40.78 -15.30 -43.75
CA ASP E 136 40.19 -16.60 -43.44
C ASP E 136 39.56 -16.62 -42.06
N ASP E 137 39.89 -15.66 -41.20
CA ASP E 137 39.28 -15.55 -39.88
C ASP E 137 38.02 -14.69 -39.88
N PHE E 138 37.61 -14.16 -41.04
CA PHE E 138 36.42 -13.34 -41.14
C PHE E 138 35.28 -14.15 -41.74
N HIS E 139 34.16 -14.25 -41.01
CA HIS E 139 32.97 -14.93 -41.52
C HIS E 139 33.28 -16.38 -41.83
N GLN E 140 32.39 -17.05 -42.56
CA GLN E 140 32.53 -18.48 -42.81
C GLN E 140 32.48 -18.85 -44.28
N THR E 141 32.06 -17.95 -45.16
CA THR E 141 31.85 -18.29 -46.56
C THR E 141 32.71 -17.41 -47.46
N PRO E 142 33.18 -17.95 -48.59
CA PRO E 142 33.86 -17.10 -49.59
C PRO E 142 32.97 -15.99 -50.10
N GLN E 143 31.65 -16.20 -50.13
CA GLN E 143 30.74 -15.17 -50.61
C GLN E 143 30.79 -13.93 -49.73
N ALA E 144 30.82 -14.13 -48.41
CA ALA E 144 30.85 -13.01 -47.49
C ALA E 144 32.19 -12.29 -47.55
N ARG E 145 33.29 -13.04 -47.55
CA ARG E 145 34.59 -12.41 -47.67
C ARG E 145 34.69 -11.61 -48.96
N GLU E 146 34.26 -12.19 -50.07
CA GLU E 146 34.34 -11.49 -51.34
C GLU E 146 33.53 -10.21 -51.32
N MET E 147 32.36 -10.24 -50.67
CA MET E 147 31.53 -9.04 -50.60
C MET E 147 32.17 -7.97 -49.73
N PHE E 148 32.71 -8.34 -48.57
CA PHE E 148 33.33 -7.33 -47.72
C PHE E 148 34.66 -6.85 -48.29
N ARG E 149 35.37 -7.72 -49.02
CA ARG E 149 36.55 -7.25 -49.74
C ARG E 149 36.20 -6.13 -50.72
N LYS E 150 35.04 -6.26 -51.39
CA LYS E 150 34.58 -5.21 -52.29
C LYS E 150 34.19 -3.94 -51.52
N PHE E 151 33.48 -4.09 -50.40
CA PHE E 151 33.17 -2.92 -49.56
C PHE E 151 34.43 -2.12 -49.26
N ARG E 152 35.53 -2.80 -49.00
CA ARG E 152 36.79 -2.17 -48.64
C ARG E 152 37.62 -1.77 -49.86
N THR E 153 37.06 -1.89 -51.05
CA THR E 153 37.81 -1.44 -52.22
C THR E 153 37.39 -0.04 -52.60
N PRO E 154 38.34 0.87 -52.83
CA PRO E 154 37.98 2.24 -53.21
C PRO E 154 37.12 2.26 -54.46
N GLY E 155 36.13 3.14 -54.48
CA GLY E 155 35.19 3.22 -55.61
C GLY E 155 34.12 2.13 -55.64
N VAL E 156 34.54 0.86 -55.59
CA VAL E 156 33.58 -0.24 -55.62
C VAL E 156 32.67 -0.19 -54.40
N GLY E 157 33.26 0.03 -53.21
CA GLY E 157 32.45 0.07 -52.00
C GLY E 157 31.45 1.21 -52.02
N GLU E 158 31.85 2.37 -52.55
CA GLU E 158 30.94 3.50 -52.66
C GLU E 158 29.78 3.16 -53.61
N GLN E 159 30.08 2.48 -54.73
CA GLN E 159 29.00 2.03 -55.61
C GLN E 159 28.03 1.12 -54.87
N MET E 160 28.56 0.12 -54.16
CA MET E 160 27.70 -0.91 -53.60
C MET E 160 26.84 -0.38 -52.47
N ILE E 161 27.44 0.40 -51.58
CA ILE E 161 26.77 0.81 -50.36
C ILE E 161 26.17 2.21 -50.50
N LEU E 162 26.92 3.18 -51.02
CA LEU E 162 26.36 4.53 -51.09
C LEU E 162 25.32 4.62 -52.19
N GLU E 163 25.62 4.09 -53.38
CA GLU E 163 24.70 4.21 -54.49
C GLU E 163 23.58 3.17 -54.43
N ASP E 164 23.90 1.92 -54.06
CA ASP E 164 22.95 0.83 -54.14
C ASP E 164 22.46 0.34 -52.78
N ASN E 165 23.01 0.85 -51.67
CA ASN E 165 22.52 0.54 -50.31
C ASN E 165 22.59 -0.95 -50.00
N VAL E 166 23.64 -1.62 -50.46
CA VAL E 166 23.66 -3.08 -50.42
C VAL E 166 23.70 -3.62 -48.98
N PHE E 167 24.30 -2.89 -48.04
CA PHE E 167 24.37 -3.42 -46.67
C PHE E 167 22.97 -3.56 -46.07
N VAL E 168 22.13 -2.54 -46.29
CA VAL E 168 20.76 -2.56 -45.80
C VAL E 168 19.90 -3.53 -46.61
N GLU E 169 20.01 -3.47 -47.95
CA GLU E 169 19.08 -4.21 -48.81
C GLU E 169 19.47 -5.67 -48.99
N ARG E 170 20.73 -6.05 -48.76
CA ARG E 170 21.17 -7.41 -49.05
C ARG E 170 21.84 -8.07 -47.85
N VAL E 171 22.86 -7.42 -47.27
CA VAL E 171 23.58 -8.05 -46.15
C VAL E 171 22.62 -8.30 -44.98
N LEU E 172 21.78 -7.30 -44.66
CA LEU E 172 20.91 -7.44 -43.48
C LEU E 172 19.85 -8.53 -43.69
N PRO E 173 18.97 -8.47 -44.70
CA PRO E 173 18.01 -9.57 -44.86
C PRO E 173 18.69 -10.89 -45.19
N GLY E 174 19.80 -10.86 -45.92
CA GLY E 174 20.48 -12.09 -46.29
C GLY E 174 21.19 -12.80 -45.15
N SER E 175 21.31 -12.15 -43.99
CA SER E 175 21.94 -12.75 -42.83
C SER E 175 20.96 -12.97 -41.69
N ILE E 176 19.68 -13.14 -42.05
CA ILE E 176 18.63 -13.52 -41.12
C ILE E 176 17.93 -14.73 -41.71
N VAL E 177 17.61 -15.70 -40.86
CA VAL E 177 17.00 -16.94 -41.35
C VAL E 177 15.57 -16.70 -41.80
N ARG E 178 14.75 -16.09 -40.94
CA ARG E 178 13.36 -15.81 -41.29
C ARG E 178 13.27 -14.66 -42.31
N LYS E 179 12.13 -14.59 -42.97
CA LYS E 179 11.84 -13.50 -43.91
C LYS E 179 11.39 -12.27 -43.13
N LEU E 180 11.98 -11.11 -43.44
CA LEU E 180 11.51 -9.88 -42.84
C LEU E 180 10.28 -9.40 -43.60
N SER E 181 9.40 -8.71 -42.89
CA SER E 181 8.21 -8.18 -43.51
C SER E 181 8.55 -6.91 -44.28
N GLU E 182 7.63 -6.50 -45.15
CA GLU E 182 7.87 -5.28 -45.90
C GLU E 182 7.94 -4.05 -44.98
N GLU E 183 7.16 -4.05 -43.89
CA GLU E 183 7.26 -2.94 -42.94
C GLU E 183 8.60 -2.94 -42.22
N GLU E 184 9.10 -4.12 -41.84
CA GLU E 184 10.37 -4.20 -41.15
C GLU E 184 11.51 -3.72 -42.04
N MET E 185 11.45 -4.03 -43.34
CA MET E 185 12.46 -3.54 -44.26
C MET E 185 12.35 -2.02 -44.47
N ALA E 186 11.12 -1.51 -44.42
CA ALA E 186 10.90 -0.07 -44.58
C ALA E 186 11.46 0.71 -43.41
N VAL E 187 11.39 0.14 -42.20
CA VAL E 187 12.00 0.79 -41.04
C VAL E 187 13.52 0.77 -41.16
N TYR E 188 14.08 -0.39 -41.53
CA TYR E 188 15.53 -0.53 -41.55
C TYR E 188 16.18 0.32 -42.63
N ARG E 189 15.49 0.58 -43.74
CA ARG E 189 16.04 1.42 -44.79
C ARG E 189 15.71 2.90 -44.60
N ALA E 190 14.81 3.23 -43.66
CA ALA E 190 14.40 4.62 -43.46
C ALA E 190 15.53 5.57 -43.09
N PRO E 191 16.54 5.21 -42.28
CA PRO E 191 17.64 6.16 -42.03
C PRO E 191 18.52 6.41 -43.24
N PHE E 192 18.34 5.67 -44.35
CA PHE E 192 19.34 5.61 -45.42
C PHE E 192 18.74 5.81 -46.81
N PRO E 193 17.97 6.88 -47.03
CA PRO E 193 17.36 7.08 -48.35
C PRO E 193 18.26 7.74 -49.37
N THR E 194 19.42 8.27 -48.97
CA THR E 194 20.32 8.93 -49.90
C THR E 194 21.72 8.33 -49.82
N PRO E 195 22.50 8.43 -50.88
CA PRO E 195 23.91 8.00 -50.81
C PRO E 195 24.69 8.61 -49.65
N GLU E 196 24.52 9.90 -49.39
CA GLU E 196 25.28 10.54 -48.33
C GLU E 196 24.87 10.02 -46.96
N SER E 197 23.57 9.72 -46.79
CA SER E 197 23.11 9.19 -45.50
C SER E 197 23.71 7.83 -45.21
N ARG E 198 24.21 7.12 -46.22
CA ARG E 198 24.68 5.76 -46.08
C ARG E 198 26.14 5.67 -45.65
N ARG E 199 26.83 6.81 -45.54
CA ARG E 199 28.23 6.87 -45.10
C ARG E 199 28.56 6.00 -43.90
N PRO E 200 27.78 5.99 -42.81
CA PRO E 200 28.18 5.14 -41.67
C PRO E 200 28.11 3.65 -41.99
N THR E 201 27.30 3.24 -42.97
CA THR E 201 27.23 1.81 -43.27
C THR E 201 28.35 1.37 -44.20
N LEU E 202 28.99 2.32 -44.89
CA LEU E 202 30.20 2.02 -45.67
C LEU E 202 31.45 2.10 -44.79
N ARG E 203 31.52 3.03 -43.84
CA ARG E 203 32.74 3.14 -43.06
C ARG E 203 32.92 1.94 -42.13
N PHE E 204 31.82 1.41 -41.60
N PHE E 204 31.82 1.42 -41.59
CA PHE E 204 31.92 0.30 -40.64
CA PHE E 204 31.92 0.31 -40.65
C PHE E 204 32.62 -0.92 -41.22
C PHE E 204 32.65 -0.90 -41.23
N PRO E 205 32.32 -1.40 -42.44
CA PRO E 205 33.11 -2.51 -42.97
C PRO E 205 34.55 -2.13 -43.26
N ARG E 206 34.83 -0.86 -43.55
CA ARG E 206 36.22 -0.41 -43.69
C ARG E 206 36.91 -0.25 -42.35
N GLU E 207 36.18 -0.36 -41.24
CA GLU E 207 36.78 -0.33 -39.91
C GLU E 207 37.03 -1.72 -39.35
N LEU E 208 36.49 -2.77 -39.96
CA LEU E 208 36.67 -4.12 -39.45
C LEU E 208 38.16 -4.42 -39.32
N PRO E 209 38.62 -4.90 -38.18
CA PRO E 209 40.06 -5.16 -38.02
C PRO E 209 40.48 -6.46 -38.68
N ILE E 210 40.92 -6.37 -39.93
CA ILE E 210 41.29 -7.54 -40.73
C ILE E 210 42.70 -7.34 -41.27
N ALA E 211 43.59 -8.30 -40.99
CA ALA E 211 44.96 -8.28 -41.51
C ALA E 211 45.68 -6.99 -41.11
N GLY E 212 45.47 -6.56 -39.86
CA GLY E 212 46.14 -5.38 -39.35
C GLY E 212 45.58 -4.05 -39.81
N GLU E 213 44.51 -4.04 -40.61
CA GLU E 213 44.00 -2.81 -41.18
C GLU E 213 42.52 -2.63 -40.83
N PRO E 214 42.10 -1.43 -40.40
CA PRO E 214 42.97 -0.30 -40.05
C PRO E 214 43.70 -0.56 -38.74
N ALA E 215 44.92 -0.02 -38.62
CA ALA E 215 45.79 -0.37 -37.51
C ALA E 215 45.30 0.22 -36.19
N ASP E 216 44.65 1.38 -36.21
CA ASP E 216 44.19 1.95 -34.94
C ASP E 216 43.09 1.09 -34.32
N VAL E 217 42.08 0.72 -35.11
CA VAL E 217 41.02 -0.18 -34.62
C VAL E 217 41.61 -1.54 -34.25
N TYR E 218 42.49 -2.07 -35.10
CA TYR E 218 43.04 -3.40 -34.86
C TYR E 218 43.76 -3.46 -33.51
N SER E 219 44.66 -2.50 -33.26
N SER E 219 44.64 -2.49 -33.26
CA SER E 219 45.40 -2.54 -31.99
CA SER E 219 45.43 -2.47 -32.03
C SER E 219 44.51 -2.20 -30.81
C SER E 219 44.57 -2.13 -30.81
N THR E 220 43.54 -1.31 -30.98
CA THR E 220 42.66 -0.96 -29.87
C THR E 220 41.79 -2.14 -29.45
N LEU E 221 41.27 -2.89 -30.41
CA LEU E 221 40.48 -4.07 -30.08
C LEU E 221 41.36 -5.24 -29.61
N GLU E 222 42.63 -5.27 -29.98
CA GLU E 222 43.56 -6.17 -29.33
C GLU E 222 43.62 -5.89 -27.83
N SER E 223 43.77 -4.62 -27.48
CA SER E 223 43.75 -4.24 -26.06
C SER E 223 42.41 -4.59 -25.43
N ALA E 224 41.30 -4.32 -26.13
CA ALA E 224 39.99 -4.60 -25.57
C ALA E 224 39.79 -6.09 -25.35
N HIS E 225 40.23 -6.93 -26.30
CA HIS E 225 40.03 -8.35 -26.12
C HIS E 225 40.96 -8.93 -25.05
N ALA E 226 42.14 -8.31 -24.86
CA ALA E 226 43.00 -8.71 -23.75
C ALA E 226 42.31 -8.45 -22.41
N ALA E 227 41.70 -7.27 -22.25
CA ALA E 227 40.95 -7.01 -21.03
C ALA E 227 39.79 -7.98 -20.88
N LEU E 228 39.10 -8.29 -21.98
CA LEU E 228 37.98 -9.23 -21.91
C LEU E 228 38.44 -10.60 -21.42
N ALA E 229 39.58 -11.08 -21.91
CA ALA E 229 40.09 -12.38 -21.47
C ALA E 229 40.38 -12.39 -19.97
N ALA E 230 40.77 -11.25 -19.40
CA ALA E 230 41.12 -11.16 -17.99
C ALA E 230 39.96 -10.80 -17.08
N SER E 231 38.82 -10.39 -17.63
CA SER E 231 37.73 -9.87 -16.82
C SER E 231 37.00 -10.99 -16.08
N THR E 232 36.38 -10.62 -14.95
CA THR E 232 35.66 -11.57 -14.11
C THR E 232 34.16 -11.31 -14.00
N TYR E 233 33.65 -10.20 -14.54
CA TYR E 233 32.21 -9.96 -14.48
C TYR E 233 31.46 -11.05 -15.25
N PRO E 234 30.21 -11.33 -14.89
CA PRO E 234 29.44 -12.38 -15.60
C PRO E 234 29.29 -12.07 -17.08
N LYS E 235 29.35 -13.12 -17.90
CA LYS E 235 29.24 -13.00 -19.34
C LYS E 235 28.26 -14.02 -19.91
N LEU E 236 27.64 -13.65 -21.03
CA LEU E 236 26.68 -14.49 -21.74
C LEU E 236 27.04 -14.43 -23.22
N LEU E 237 27.33 -15.59 -23.82
CA LEU E 237 27.65 -15.63 -25.25
C LEU E 237 26.58 -16.45 -25.96
N PHE E 238 25.70 -15.77 -26.70
CA PHE E 238 24.75 -16.48 -27.54
C PHE E 238 25.39 -16.84 -28.87
N THR E 239 24.98 -17.98 -29.42
CA THR E 239 25.43 -18.37 -30.75
C THR E 239 24.28 -18.95 -31.54
N GLY E 240 24.32 -18.72 -32.85
CA GLY E 240 23.45 -19.41 -33.79
C GLY E 240 24.21 -20.52 -34.51
N ASP E 241 23.46 -21.26 -35.32
CA ASP E 241 24.01 -22.35 -36.11
C ASP E 241 23.49 -22.17 -37.53
N PRO E 242 24.36 -21.93 -38.53
CA PRO E 242 25.83 -21.93 -38.45
C PRO E 242 26.46 -20.66 -37.87
N GLY E 243 25.66 -19.62 -37.64
CA GLY E 243 26.22 -18.32 -37.31
C GLY E 243 26.77 -17.62 -38.55
N ALA E 244 27.52 -16.55 -38.30
CA ALA E 244 28.15 -15.79 -39.36
C ALA E 244 29.58 -15.45 -38.96
N LEU E 245 29.75 -14.42 -38.13
CA LEU E 245 31.06 -14.11 -37.60
C LEU E 245 31.53 -15.12 -36.56
N VAL E 246 30.61 -15.90 -36.01
CA VAL E 246 30.91 -16.79 -34.89
C VAL E 246 30.22 -18.13 -35.15
N SER E 247 31.01 -19.18 -35.36
CA SER E 247 30.44 -20.51 -35.51
C SER E 247 30.20 -21.11 -34.14
N PRO E 248 29.27 -22.08 -34.03
CA PRO E 248 29.08 -22.76 -32.73
C PRO E 248 30.38 -23.35 -32.18
N ALA E 249 31.18 -24.00 -33.03
CA ALA E 249 32.46 -24.53 -32.58
C ALA E 249 33.34 -23.44 -32.00
N PHE E 250 33.47 -22.30 -32.70
CA PHE E 250 34.30 -21.22 -32.19
C PHE E 250 33.71 -20.61 -30.92
N ALA E 251 32.39 -20.49 -30.86
CA ALA E 251 31.73 -19.94 -29.68
C ALA E 251 32.09 -20.75 -28.43
N GLU E 252 32.13 -22.08 -28.55
CA GLU E 252 32.44 -22.91 -27.39
C GLU E 252 33.87 -22.67 -26.91
N ARG E 253 34.85 -22.70 -27.83
CA ARG E 253 36.24 -22.42 -27.47
C ARG E 253 36.37 -21.03 -26.86
N PHE E 254 35.74 -20.03 -27.46
CA PHE E 254 35.83 -18.67 -26.92
C PHE E 254 35.22 -18.60 -25.53
N ALA E 255 33.99 -19.11 -25.39
CA ALA E 255 33.30 -19.04 -24.10
C ALA E 255 34.06 -19.78 -23.02
N ALA E 256 34.58 -20.96 -23.34
CA ALA E 256 35.31 -21.76 -22.34
C ALA E 256 36.63 -21.11 -21.95
N ASN E 257 37.19 -20.24 -22.80
CA ASN E 257 38.44 -19.58 -22.50
C ASN E 257 38.27 -18.31 -21.67
N LEU E 258 37.05 -17.85 -21.47
CA LEU E 258 36.77 -16.66 -20.67
C LEU E 258 36.40 -17.07 -19.25
N LYS E 259 36.67 -16.17 -18.31
CA LYS E 259 36.20 -16.33 -16.94
C LYS E 259 34.72 -15.96 -16.87
N ASN E 260 33.90 -16.81 -16.24
CA ASN E 260 32.53 -16.48 -15.90
C ASN E 260 31.63 -16.34 -17.13
N CYS E 261 31.87 -17.11 -18.19
CA CYS E 261 31.08 -16.97 -19.41
C CYS E 261 30.33 -18.27 -19.66
N ARG E 262 29.01 -18.18 -19.78
CA ARG E 262 28.19 -19.31 -20.18
C ARG E 262 27.75 -19.13 -21.64
N LEU E 263 27.62 -20.25 -22.33
CA LEU E 263 27.27 -20.25 -23.74
C LEU E 263 25.82 -20.68 -23.90
N ILE E 264 25.09 -19.97 -24.77
CA ILE E 264 23.70 -20.27 -25.09
C ILE E 264 23.62 -20.58 -26.57
N ARG E 265 23.23 -21.82 -26.89
CA ARG E 265 23.07 -22.21 -28.28
C ARG E 265 21.60 -22.02 -28.66
N LEU E 266 21.36 -21.12 -29.61
CA LEU E 266 20.01 -20.73 -29.96
C LEU E 266 19.38 -21.59 -31.05
N GLY E 267 20.19 -22.29 -31.83
CA GLY E 267 19.69 -23.00 -32.98
C GLY E 267 19.95 -22.24 -34.28
N ALA E 268 19.12 -22.54 -35.27
CA ALA E 268 19.29 -21.98 -36.61
C ALA E 268 19.42 -20.46 -36.56
N GLY E 269 20.55 -19.95 -37.02
CA GLY E 269 20.79 -18.52 -36.99
C GLY E 269 22.00 -18.16 -37.83
N LEU E 270 22.02 -16.90 -38.25
CA LEU E 270 23.13 -16.38 -39.05
C LEU E 270 23.80 -15.23 -38.30
N HIS E 271 23.61 -13.98 -38.74
CA HIS E 271 24.30 -12.87 -38.09
C HIS E 271 23.41 -12.07 -37.14
N TYR E 272 22.20 -11.70 -37.57
CA TYR E 272 21.33 -10.84 -36.76
C TYR E 272 20.39 -11.73 -35.94
N LEU E 273 20.91 -12.19 -34.80
CA LEU E 273 20.22 -13.22 -34.04
C LEU E 273 18.91 -12.71 -33.42
N GLN E 274 18.80 -11.40 -33.19
CA GLN E 274 17.59 -10.86 -32.56
C GLN E 274 16.36 -11.04 -33.44
N GLU E 275 16.52 -11.06 -34.77
CA GLU E 275 15.35 -11.23 -35.60
C GLU E 275 14.91 -12.68 -35.70
N ASP E 276 15.76 -13.63 -35.30
CA ASP E 276 15.41 -15.03 -35.33
C ASP E 276 15.09 -15.60 -33.96
N HIS E 277 15.68 -15.07 -32.88
CA HIS E 277 15.53 -15.65 -31.55
C HIS E 277 15.27 -14.61 -30.46
N PRO E 278 14.34 -13.67 -30.68
CA PRO E 278 14.15 -12.61 -29.68
C PRO E 278 13.66 -13.12 -28.33
N GLU E 279 12.68 -14.03 -28.30
CA GLU E 279 12.15 -14.49 -27.02
C GLU E 279 13.22 -15.25 -26.23
N ALA E 280 13.93 -16.15 -26.91
CA ALA E 280 15.01 -16.88 -26.24
C ALA E 280 16.05 -15.93 -25.66
N ILE E 281 16.49 -14.94 -26.46
CA ILE E 281 17.49 -14.00 -25.96
C ILE E 281 16.93 -13.20 -24.79
N GLY E 282 15.72 -12.67 -24.95
CA GLY E 282 15.16 -11.81 -23.92
C GLY E 282 14.92 -12.52 -22.61
N ARG E 283 14.32 -13.73 -22.68
CA ARG E 283 14.08 -14.49 -21.46
C ARG E 283 15.39 -14.91 -20.80
N THR E 284 16.37 -15.31 -21.60
CA THR E 284 17.66 -15.72 -21.04
C THR E 284 18.35 -14.55 -20.35
N VAL E 285 18.32 -13.37 -20.97
CA VAL E 285 18.96 -12.21 -20.35
C VAL E 285 18.23 -11.81 -19.08
N ALA E 286 16.90 -11.82 -19.12
CA ALA E 286 16.13 -11.42 -17.94
C ALA E 286 16.43 -12.32 -16.75
N GLY E 287 16.39 -13.65 -16.97
CA GLY E 287 16.69 -14.56 -15.87
C GLY E 287 18.11 -14.43 -15.36
N TRP E 288 19.06 -14.25 -16.29
CA TRP E 288 20.47 -14.10 -15.93
C TRP E 288 20.68 -12.88 -15.04
N ILE E 289 20.02 -11.76 -15.36
CA ILE E 289 20.13 -10.56 -14.53
C ILE E 289 19.54 -10.82 -13.16
N ALA E 290 18.44 -11.57 -13.10
CA ALA E 290 17.80 -11.88 -11.82
C ALA E 290 18.79 -12.57 -10.87
N GLU E 291 19.48 -13.59 -11.36
CA GLU E 291 20.40 -14.34 -10.51
C GLU E 291 21.56 -13.47 -10.02
N ILE E 292 22.13 -12.65 -10.91
CA ILE E 292 23.25 -11.80 -10.50
C ILE E 292 22.79 -10.77 -9.47
N GLU E 293 21.62 -10.16 -9.69
CA GLU E 293 21.10 -9.22 -8.70
C GLU E 293 20.72 -9.92 -7.41
N ALA E 294 20.25 -11.16 -7.49
CA ALA E 294 19.96 -11.94 -6.28
C ALA E 294 21.24 -12.19 -5.49
N ALA E 295 22.19 -12.90 -6.08
CA ALA E 295 23.48 -13.15 -5.45
C ALA E 295 24.33 -11.90 -5.42
N ASP F 6 31.15 -48.84 -8.96
CA ASP F 6 30.50 -48.44 -7.72
C ASP F 6 31.54 -48.17 -6.62
N ILE F 7 31.13 -48.27 -5.35
CA ILE F 7 31.92 -47.82 -4.21
C ILE F 7 32.61 -49.01 -3.56
N SER F 8 33.92 -48.87 -3.31
CA SER F 8 34.69 -49.81 -2.53
C SER F 8 35.02 -49.18 -1.18
N LEU F 9 34.94 -49.98 -0.13
CA LEU F 9 35.38 -49.56 1.20
C LEU F 9 36.72 -50.20 1.48
N ARG F 10 37.76 -49.38 1.63
CA ARG F 10 39.13 -49.84 1.76
C ARG F 10 39.71 -49.45 3.11
N HIS F 11 40.63 -50.26 3.61
CA HIS F 11 41.33 -49.99 4.86
C HIS F 11 42.81 -49.90 4.56
N VAL F 12 43.48 -48.92 5.18
CA VAL F 12 44.91 -48.71 4.99
C VAL F 12 45.55 -48.36 6.32
N SER F 13 46.78 -48.82 6.49
CA SER F 13 47.54 -48.50 7.70
C SER F 13 47.97 -47.04 7.66
N VAL F 14 47.69 -46.32 8.76
CA VAL F 14 48.04 -44.91 8.90
C VAL F 14 48.60 -44.70 10.30
N LEU F 15 49.83 -44.21 10.40
CA LEU F 15 50.50 -43.97 11.69
C LEU F 15 50.45 -45.28 12.48
N ASP F 16 49.94 -45.28 13.70
CA ASP F 16 49.91 -46.49 14.50
C ASP F 16 48.63 -47.30 14.31
N SER F 17 47.76 -46.91 13.38
CA SER F 17 46.43 -47.49 13.38
C SER F 17 45.94 -47.79 11.96
N THR F 18 44.64 -47.73 11.72
CA THR F 18 44.09 -47.94 10.39
C THR F 18 43.09 -46.83 10.11
N MET F 19 42.96 -46.48 8.84
CA MET F 19 41.88 -45.61 8.42
C MET F 19 41.12 -46.28 7.29
N ALA F 20 39.80 -46.23 7.36
CA ALA F 20 38.98 -46.69 6.26
C ALA F 20 38.64 -45.54 5.33
N TYR F 21 38.35 -45.87 4.08
CA TYR F 21 37.90 -44.84 3.15
C TYR F 21 37.08 -45.46 2.03
N ARG F 22 36.11 -44.69 1.55
CA ARG F 22 35.34 -45.08 0.37
C ARG F 22 36.03 -44.53 -0.87
N GLU F 23 35.96 -45.30 -1.95
CA GLU F 23 36.66 -44.96 -3.18
C GLU F 23 35.78 -45.31 -4.37
N THR F 24 35.85 -44.48 -5.42
CA THR F 24 35.10 -44.70 -6.64
C THR F 24 35.69 -43.81 -7.72
N GLY F 25 35.29 -44.05 -8.97
CA GLY F 25 35.78 -43.29 -10.09
C GLY F 25 37.07 -43.86 -10.66
N ARG F 26 37.40 -43.39 -11.86
CA ARG F 26 38.60 -43.88 -12.53
C ARG F 26 39.84 -43.15 -12.03
N SER F 27 40.96 -43.88 -12.01
CA SER F 27 42.22 -43.42 -11.44
C SER F 27 42.98 -42.44 -12.33
N ASP F 28 42.35 -41.90 -13.39
CA ASP F 28 43.02 -40.96 -14.28
C ASP F 28 42.49 -39.54 -14.16
N ALA F 29 41.39 -39.33 -13.45
CA ALA F 29 40.82 -38.01 -13.26
C ALA F 29 41.45 -37.35 -12.04
N PRO F 30 41.15 -36.06 -11.80
CA PRO F 30 41.60 -35.44 -10.54
C PRO F 30 41.02 -36.14 -9.32
N VAL F 31 41.73 -36.02 -8.21
CA VAL F 31 41.26 -36.56 -6.94
C VAL F 31 40.33 -35.55 -6.29
N VAL F 32 39.21 -36.02 -5.77
CA VAL F 32 38.33 -35.24 -4.90
C VAL F 32 38.33 -35.90 -3.53
N LEU F 33 38.75 -35.16 -2.51
CA LEU F 33 38.75 -35.64 -1.13
C LEU F 33 37.50 -35.14 -0.43
N PHE F 34 36.66 -36.06 0.03
CA PHE F 34 35.44 -35.74 0.78
C PHE F 34 35.73 -35.89 2.27
N LEU F 35 35.47 -34.84 3.06
CA LEU F 35 35.80 -34.84 4.48
C LEU F 35 34.53 -34.61 5.30
N HIS F 36 34.13 -35.63 6.07
CA HIS F 36 32.98 -35.52 6.94
C HIS F 36 33.39 -34.88 8.26
N GLY F 37 32.40 -34.69 9.14
CA GLY F 37 32.61 -34.11 10.44
C GLY F 37 32.05 -35.00 11.54
N ASN F 38 31.60 -34.37 12.63
CA ASN F 38 31.13 -35.02 13.85
C ASN F 38 29.62 -35.19 13.81
N PRO F 39 29.05 -36.37 14.10
CA PRO F 39 29.63 -37.69 14.41
C PRO F 39 29.38 -38.68 13.27
N THR F 40 29.74 -38.29 12.06
CA THR F 40 29.41 -39.07 10.89
C THR F 40 30.65 -39.84 10.42
N SER F 41 30.68 -40.21 9.16
CA SER F 41 31.82 -40.86 8.54
C SER F 41 31.68 -40.71 7.02
N SER F 42 32.55 -41.39 6.27
CA SER F 42 32.43 -41.33 4.82
C SER F 42 31.09 -41.84 4.31
N TYR F 43 30.35 -42.59 5.13
CA TYR F 43 29.01 -43.05 4.77
C TYR F 43 28.09 -41.89 4.37
N ILE F 44 28.31 -40.70 4.95
CA ILE F 44 27.44 -39.57 4.66
C ILE F 44 27.61 -39.06 3.23
N TRP F 45 28.65 -39.47 2.52
CA TRP F 45 28.86 -39.07 1.13
C TRP F 45 28.38 -40.12 0.14
N ARG F 46 27.73 -41.18 0.63
CA ARG F 46 27.48 -42.36 -0.19
C ARG F 46 26.60 -42.05 -1.40
N ASN F 47 25.66 -41.11 -1.27
CA ASN F 47 24.78 -40.74 -2.38
C ASN F 47 25.32 -39.57 -3.19
N ILE F 48 26.49 -39.04 -2.83
CA ILE F 48 27.10 -37.93 -3.53
C ILE F 48 28.28 -38.39 -4.38
N ILE F 49 29.11 -39.29 -3.85
CA ILE F 49 30.28 -39.73 -4.61
C ILE F 49 29.92 -40.42 -5.92
N PRO F 50 28.79 -41.14 -6.07
CA PRO F 50 28.50 -41.74 -7.39
C PRO F 50 28.23 -40.72 -8.47
N LEU F 51 27.77 -39.52 -8.10
CA LEU F 51 27.51 -38.47 -9.08
C LEU F 51 28.75 -37.66 -9.42
N VAL F 52 29.80 -37.72 -8.60
CA VAL F 52 31.07 -37.08 -8.91
C VAL F 52 32.05 -38.06 -9.57
N ALA F 53 31.89 -39.36 -9.34
CA ALA F 53 32.78 -40.35 -9.94
C ALA F 53 32.97 -40.21 -11.44
N PRO F 54 31.97 -39.81 -12.25
CA PRO F 54 32.23 -39.65 -13.70
C PRO F 54 33.34 -38.66 -14.05
N VAL F 55 33.65 -37.69 -13.19
CA VAL F 55 34.67 -36.70 -13.49
C VAL F 55 35.85 -36.74 -12.54
N ALA F 56 35.87 -37.66 -11.58
CA ALA F 56 36.88 -37.55 -10.53
C ALA F 56 37.13 -38.90 -9.86
N HIS F 57 38.35 -39.04 -9.35
CA HIS F 57 38.73 -40.16 -8.48
C HIS F 57 38.36 -39.77 -7.05
N CYS F 58 37.25 -40.32 -6.55
CA CYS F 58 36.69 -39.92 -5.26
C CYS F 58 37.32 -40.73 -4.13
N ILE F 59 37.81 -40.02 -3.11
CA ILE F 59 38.38 -40.62 -1.91
C ILE F 59 37.70 -39.98 -0.70
N ALA F 60 37.09 -40.79 0.15
CA ALA F 60 36.33 -40.26 1.29
C ALA F 60 36.76 -40.99 2.56
N PRO F 61 37.73 -40.46 3.29
CA PRO F 61 38.22 -41.16 4.49
C PRO F 61 37.26 -41.08 5.66
N ASP F 62 37.34 -42.10 6.52
CA ASP F 62 36.75 -42.05 7.85
C ASP F 62 37.79 -41.44 8.77
N LEU F 63 37.46 -40.31 9.41
CA LEU F 63 38.41 -39.70 10.33
C LEU F 63 38.76 -40.72 11.41
N ILE F 64 39.99 -40.63 11.93
CA ILE F 64 40.40 -41.56 12.97
C ILE F 64 39.41 -41.49 14.13
N GLY F 65 39.02 -42.67 14.64
CA GLY F 65 38.01 -42.76 15.66
C GLY F 65 36.58 -42.77 15.17
N PHE F 66 36.36 -42.59 13.86
CA PHE F 66 35.03 -42.55 13.30
C PHE F 66 34.87 -43.67 12.27
N GLY F 67 33.61 -43.97 11.97
CA GLY F 67 33.30 -44.93 10.91
C GLY F 67 33.96 -46.26 11.19
N GLN F 68 34.71 -46.75 10.20
CA GLN F 68 35.43 -48.01 10.35
C GLN F 68 36.93 -47.80 10.52
N SER F 69 37.37 -46.58 10.83
CA SER F 69 38.77 -46.34 11.14
C SER F 69 39.12 -46.87 12.52
N GLY F 70 40.41 -46.89 12.82
CA GLY F 70 40.87 -47.39 14.10
C GLY F 70 40.53 -46.45 15.25
N LYS F 71 40.75 -46.95 16.47
CA LYS F 71 40.41 -46.23 17.69
C LYS F 71 41.63 -46.15 18.59
N PRO F 72 42.68 -45.44 18.17
CA PRO F 72 43.89 -45.34 19.01
C PRO F 72 43.59 -44.58 20.29
N ASP F 73 44.42 -44.83 21.30
CA ASP F 73 44.28 -44.16 22.59
C ASP F 73 44.92 -42.77 22.49
N ILE F 74 44.14 -41.82 21.97
CA ILE F 74 44.57 -40.45 21.78
C ILE F 74 43.47 -39.51 22.27
N ASP F 75 43.76 -38.20 22.24
CA ASP F 75 42.81 -37.20 22.72
C ASP F 75 41.68 -36.94 21.72
N TYR F 76 41.97 -37.08 20.42
CA TYR F 76 41.04 -36.73 19.34
C TYR F 76 40.77 -35.23 19.31
N ARG F 77 41.81 -34.45 19.62
CA ARG F 77 41.79 -33.02 19.40
C ARG F 77 41.73 -32.72 17.89
N PHE F 78 41.42 -31.47 17.56
CA PHE F 78 41.50 -31.05 16.16
C PHE F 78 42.87 -31.39 15.56
N PHE F 79 43.95 -31.16 16.33
CA PHE F 79 45.29 -31.36 15.79
C PHE F 79 45.65 -32.83 15.66
N ASP F 80 45.03 -33.71 16.45
CA ASP F 80 45.16 -35.15 16.19
C ASP F 80 44.61 -35.50 14.82
N HIS F 81 43.44 -34.94 14.48
CA HIS F 81 42.83 -35.21 13.19
C HIS F 81 43.66 -34.65 12.05
N VAL F 82 44.28 -33.48 12.25
CA VAL F 82 45.19 -32.91 11.26
C VAL F 82 46.31 -33.90 10.96
N ARG F 83 46.88 -34.49 12.02
CA ARG F 83 48.02 -35.39 11.86
C ARG F 83 47.64 -36.64 11.08
N TYR F 84 46.51 -37.27 11.44
CA TYR F 84 46.11 -38.51 10.79
C TYR F 84 45.65 -38.26 9.36
N LEU F 85 44.97 -37.13 9.12
CA LEU F 85 44.57 -36.81 7.76
C LEU F 85 45.77 -36.50 6.87
N ASP F 86 46.74 -35.74 7.38
CA ASP F 86 47.98 -35.51 6.65
C ASP F 86 48.65 -36.84 6.29
N ALA F 87 48.78 -37.74 7.28
CA ALA F 87 49.42 -39.02 7.04
C ALA F 87 48.60 -39.87 6.07
N PHE F 88 47.28 -39.78 6.12
CA PHE F 88 46.43 -40.48 5.16
C PHE F 88 46.66 -39.96 3.75
N ILE F 89 46.73 -38.64 3.59
CA ILE F 89 46.95 -38.05 2.28
C ILE F 89 48.29 -38.49 1.71
N ASP F 90 49.35 -38.43 2.54
CA ASP F 90 50.67 -38.82 2.05
C ASP F 90 50.78 -40.31 1.82
N LYS F 91 50.06 -41.13 2.59
CA LYS F 91 50.11 -42.57 2.36
C LYS F 91 49.53 -42.94 1.00
N LEU F 92 48.46 -42.25 0.59
CA LEU F 92 47.80 -42.51 -0.69
C LEU F 92 48.48 -41.81 -1.86
N GLY F 93 49.51 -41.01 -1.61
CA GLY F 93 50.20 -40.32 -2.69
C GLY F 93 49.39 -39.24 -3.36
N ILE F 94 48.42 -38.65 -2.66
CA ILE F 94 47.63 -37.55 -3.20
C ILE F 94 48.48 -36.28 -3.18
N GLU F 95 48.78 -35.74 -4.36
CA GLU F 95 49.64 -34.57 -4.46
C GLU F 95 48.87 -33.29 -4.76
N SER F 96 47.63 -33.41 -5.21
CA SER F 96 46.74 -32.30 -5.45
C SER F 96 45.32 -32.85 -5.39
N ALA F 97 44.36 -32.02 -4.99
CA ALA F 97 43.01 -32.54 -4.85
C ALA F 97 41.99 -31.41 -4.79
N TYR F 98 40.79 -31.71 -5.29
CA TYR F 98 39.60 -30.98 -4.89
C TYR F 98 39.20 -31.40 -3.50
N LEU F 99 38.66 -30.46 -2.73
CA LEU F 99 38.22 -30.75 -1.37
C LEU F 99 36.73 -30.43 -1.25
N VAL F 100 35.98 -31.39 -0.70
CA VAL F 100 34.55 -31.24 -0.44
C VAL F 100 34.32 -31.58 1.02
N ALA F 101 33.77 -30.64 1.78
CA ALA F 101 33.83 -30.77 3.24
C ALA F 101 32.60 -30.16 3.90
N GLN F 102 32.27 -30.70 5.07
CA GLN F 102 31.25 -30.15 5.94
C GLN F 102 31.72 -30.24 7.39
N ASP F 103 31.25 -29.33 8.23
CA ASP F 103 31.43 -29.43 9.69
C ASP F 103 32.94 -29.44 9.98
N TRP F 104 33.45 -30.35 10.83
CA TRP F 104 34.87 -30.37 11.11
C TRP F 104 35.71 -30.72 9.89
N GLY F 105 35.11 -31.35 8.88
CA GLY F 105 35.80 -31.52 7.61
C GLY F 105 36.25 -30.20 7.01
N THR F 106 35.43 -29.15 7.12
CA THR F 106 35.85 -27.85 6.61
C THR F 106 37.03 -27.29 7.41
N ALA F 107 37.03 -27.48 8.74
CA ALA F 107 38.15 -27.00 9.53
C ALA F 107 39.45 -27.63 9.05
N LEU F 108 39.43 -28.95 8.80
CA LEU F 108 40.62 -29.62 8.29
C LEU F 108 40.97 -29.15 6.89
N ALA F 109 39.95 -28.96 6.05
CA ALA F 109 40.18 -28.48 4.69
C ALA F 109 40.82 -27.10 4.69
N PHE F 110 40.23 -26.15 5.44
CA PHE F 110 40.79 -24.80 5.54
C PHE F 110 42.24 -24.82 5.99
N HIS F 111 42.54 -25.62 7.02
CA HIS F 111 43.89 -25.64 7.57
C HIS F 111 44.87 -26.29 6.59
N LEU F 112 44.41 -27.30 5.85
CA LEU F 112 45.24 -27.91 4.82
C LEU F 112 45.58 -26.90 3.72
N ALA F 113 44.56 -26.17 3.25
CA ALA F 113 44.76 -25.18 2.19
C ALA F 113 45.67 -24.05 2.65
N ALA F 114 45.54 -23.63 3.90
CA ALA F 114 46.41 -22.58 4.41
C ALA F 114 47.87 -23.00 4.38
N ARG F 115 48.16 -24.26 4.70
CA ARG F 115 49.55 -24.72 4.73
C ARG F 115 50.08 -25.09 3.35
N ARG F 116 49.25 -25.66 2.48
CA ARG F 116 49.68 -26.05 1.13
C ARG F 116 48.71 -25.46 0.11
N PRO F 117 48.88 -24.19 -0.24
CA PRO F 117 47.94 -23.57 -1.20
C PRO F 117 47.96 -24.23 -2.56
N ASP F 118 49.10 -24.75 -3.00
CA ASP F 118 49.19 -25.40 -4.31
C ASP F 118 48.50 -26.76 -4.34
N PHE F 119 48.11 -27.29 -3.19
CA PHE F 119 47.47 -28.60 -3.13
C PHE F 119 46.02 -28.53 -3.63
N VAL F 120 45.38 -27.37 -3.52
CA VAL F 120 43.94 -27.25 -3.66
C VAL F 120 43.59 -26.90 -5.10
N ARG F 121 42.92 -27.83 -5.79
CA ARG F 121 42.36 -27.54 -7.10
C ARG F 121 41.03 -26.78 -7.00
N GLY F 122 40.37 -26.86 -5.86
CA GLY F 122 39.10 -26.21 -5.62
C GLY F 122 38.58 -26.65 -4.27
N LEU F 123 37.66 -25.89 -3.67
CA LEU F 123 37.12 -26.24 -2.37
C LEU F 123 35.61 -26.02 -2.37
N ALA F 124 34.85 -27.09 -2.23
CA ALA F 124 33.42 -27.04 -2.03
C ALA F 124 33.12 -27.31 -0.57
N PHE F 125 32.42 -26.39 0.09
CA PHE F 125 32.21 -26.52 1.52
C PHE F 125 30.81 -26.07 1.87
N MET F 126 30.35 -26.50 3.04
CA MET F 126 29.01 -26.22 3.53
C MET F 126 29.00 -26.37 5.04
N GLU F 127 28.14 -25.60 5.70
CA GLU F 127 27.91 -25.69 7.14
C GLU F 127 29.23 -25.80 7.88
N PHE F 128 30.06 -24.79 7.69
CA PHE F 128 31.47 -24.84 8.05
C PHE F 128 31.70 -24.27 9.45
N ILE F 129 32.91 -24.50 9.95
CA ILE F 129 33.30 -24.02 11.27
C ILE F 129 34.16 -22.78 11.08
N ARG F 130 33.88 -21.75 11.88
CA ARG F 130 34.57 -20.48 11.87
C ARG F 130 34.81 -20.07 13.31
N PRO F 131 35.83 -19.26 13.57
CA PRO F 131 35.99 -18.71 14.93
C PRO F 131 34.76 -17.92 15.31
N MET F 132 34.19 -18.24 16.46
CA MET F 132 32.97 -17.58 16.93
C MET F 132 33.23 -16.76 18.18
N PRO F 133 33.35 -15.44 18.09
CA PRO F 133 33.76 -14.64 19.25
C PRO F 133 32.84 -14.76 20.46
N THR F 134 31.54 -14.95 20.25
CA THR F 134 30.59 -15.10 21.34
C THR F 134 29.69 -16.30 21.07
N TRP F 135 29.01 -16.76 22.12
CA TRP F 135 28.06 -17.85 21.96
C TRP F 135 26.91 -17.48 21.04
N ASP F 136 26.59 -16.18 20.96
CA ASP F 136 25.59 -15.73 20.01
C ASP F 136 25.99 -16.01 18.57
N ASP F 137 27.28 -16.16 18.31
CA ASP F 137 27.77 -16.45 16.96
C ASP F 137 27.75 -17.94 16.62
N PHE F 138 27.32 -18.79 17.54
CA PHE F 138 27.27 -20.23 17.33
C PHE F 138 25.82 -20.66 17.14
N HIS F 139 25.54 -21.32 16.02
CA HIS F 139 24.22 -21.86 15.71
C HIS F 139 23.15 -20.77 15.67
N GLN F 140 21.88 -21.16 15.80
CA GLN F 140 20.77 -20.23 15.58
C GLN F 140 19.68 -20.30 16.63
N THR F 141 19.80 -21.16 17.63
CA THR F 141 18.75 -21.31 18.62
C THR F 141 19.35 -21.32 20.01
N PRO F 142 18.58 -20.95 21.04
CA PRO F 142 19.10 -21.09 22.41
C PRO F 142 19.20 -22.54 22.83
N GLN F 143 18.35 -23.42 22.30
CA GLN F 143 18.44 -24.84 22.61
C GLN F 143 19.80 -25.40 22.19
N ALA F 144 20.22 -25.09 20.95
CA ALA F 144 21.49 -25.62 20.46
C ALA F 144 22.66 -25.08 21.28
N ARG F 145 22.66 -23.78 21.58
CA ARG F 145 23.76 -23.22 22.36
C ARG F 145 23.82 -23.83 23.76
N GLU F 146 22.67 -23.98 24.42
CA GLU F 146 22.68 -24.55 25.76
C GLU F 146 23.16 -25.99 25.74
N MET F 147 22.78 -26.75 24.70
CA MET F 147 23.21 -28.15 24.65
C MET F 147 24.72 -28.25 24.48
N PHE F 148 25.30 -27.46 23.58
CA PHE F 148 26.74 -27.50 23.40
C PHE F 148 27.47 -26.93 24.60
N ARG F 149 26.88 -25.94 25.28
CA ARG F 149 27.39 -25.50 26.58
C ARG F 149 27.56 -26.69 27.52
N LYS F 150 26.53 -27.52 27.64
CA LYS F 150 26.62 -28.66 28.53
C LYS F 150 27.57 -29.73 28.01
N PHE F 151 27.67 -29.89 26.68
CA PHE F 151 28.73 -30.73 26.12
C PHE F 151 30.11 -30.29 26.61
N ARG F 152 30.33 -28.97 26.66
CA ARG F 152 31.62 -28.43 27.10
C ARG F 152 31.72 -28.32 28.62
N THR F 153 30.73 -28.80 29.35
CA THR F 153 30.80 -28.72 30.81
C THR F 153 31.38 -30.00 31.39
N PRO F 154 32.37 -29.91 32.28
CA PRO F 154 32.91 -31.13 32.91
C PRO F 154 31.82 -31.98 33.54
N GLY F 155 31.98 -33.29 33.45
CA GLY F 155 31.01 -34.23 34.00
C GLY F 155 29.74 -34.35 33.18
N VAL F 156 29.04 -33.23 32.96
CA VAL F 156 27.80 -33.26 32.20
C VAL F 156 28.04 -33.79 30.80
N GLY F 157 29.05 -33.27 30.12
CA GLY F 157 29.32 -33.71 28.75
C GLY F 157 29.65 -35.19 28.68
N GLU F 158 30.39 -35.69 29.68
CA GLU F 158 30.70 -37.11 29.76
C GLU F 158 29.45 -37.96 29.91
N GLN F 159 28.51 -37.54 30.76
CA GLN F 159 27.26 -38.28 30.92
C GLN F 159 26.43 -38.25 29.65
N MET F 160 26.28 -37.08 29.05
CA MET F 160 25.42 -36.93 27.90
C MET F 160 25.98 -37.68 26.68
N ILE F 161 27.28 -37.61 26.44
CA ILE F 161 27.87 -38.15 25.22
C ILE F 161 28.48 -39.53 25.46
N LEU F 162 29.33 -39.68 26.48
CA LEU F 162 29.96 -40.99 26.68
C LEU F 162 28.95 -42.02 27.16
N GLU F 163 28.05 -41.66 28.07
CA GLU F 163 27.14 -42.68 28.58
C GLU F 163 25.86 -42.78 27.76
N ASP F 164 25.29 -41.66 27.32
CA ASP F 164 24.02 -41.66 26.61
C ASP F 164 24.18 -41.51 25.09
N ASN F 165 25.36 -41.16 24.60
CA ASN F 165 25.63 -41.13 23.15
C ASN F 165 24.73 -40.13 22.43
N VAL F 166 24.50 -38.97 23.04
CA VAL F 166 23.47 -38.06 22.54
C VAL F 166 23.88 -37.36 21.25
N PHE F 167 25.17 -37.22 20.96
CA PHE F 167 25.54 -36.62 19.69
C PHE F 167 25.07 -37.49 18.54
N VAL F 168 25.26 -38.81 18.66
CA VAL F 168 24.80 -39.72 17.61
C VAL F 168 23.28 -39.89 17.68
N GLU F 169 22.71 -40.03 18.88
CA GLU F 169 21.32 -40.44 18.97
C GLU F 169 20.33 -39.27 18.89
N ARG F 170 20.78 -38.04 19.16
CA ARG F 170 19.89 -36.88 19.13
C ARG F 170 20.37 -35.78 18.19
N VAL F 171 21.62 -35.32 18.34
CA VAL F 171 22.08 -34.16 17.57
C VAL F 171 22.07 -34.47 16.07
N LEU F 172 22.56 -35.64 15.69
CA LEU F 172 22.64 -35.98 14.27
C LEU F 172 21.27 -36.07 13.62
N PRO F 173 20.35 -36.94 14.07
CA PRO F 173 19.02 -36.97 13.42
C PRO F 173 18.25 -35.68 13.61
N GLY F 174 18.44 -35.00 14.74
CA GLY F 174 17.75 -33.75 15.00
C GLY F 174 18.17 -32.59 14.13
N SER F 175 19.31 -32.69 13.45
CA SER F 175 19.80 -31.64 12.56
C SER F 175 19.73 -32.07 11.10
N ILE F 176 18.78 -32.93 10.77
CA ILE F 176 18.47 -33.32 9.40
C ILE F 176 16.97 -33.14 9.19
N VAL F 177 16.58 -32.65 8.02
CA VAL F 177 15.15 -32.38 7.78
C VAL F 177 14.37 -33.69 7.68
N ARG F 178 14.78 -34.57 6.77
CA ARG F 178 14.08 -35.83 6.58
C ARG F 178 14.31 -36.76 7.78
N LYS F 179 13.55 -37.84 7.78
CA LYS F 179 13.66 -38.89 8.79
C LYS F 179 14.71 -39.89 8.37
N LEU F 180 15.70 -40.13 9.22
CA LEU F 180 16.67 -41.19 8.97
C LEU F 180 15.99 -42.55 9.15
N SER F 181 16.35 -43.50 8.30
CA SER F 181 15.82 -44.86 8.45
C SER F 181 16.51 -45.56 9.63
N GLU F 182 15.97 -46.72 10.02
CA GLU F 182 16.58 -47.45 11.11
C GLU F 182 17.93 -48.03 10.71
N GLU F 183 18.08 -48.40 9.44
CA GLU F 183 19.38 -48.87 8.95
C GLU F 183 20.41 -47.74 8.98
N GLU F 184 20.02 -46.54 8.53
CA GLU F 184 20.94 -45.40 8.55
C GLU F 184 21.42 -45.11 9.97
N MET F 185 20.51 -45.18 10.95
CA MET F 185 20.89 -44.94 12.33
C MET F 185 21.77 -46.06 12.87
N ALA F 186 21.53 -47.31 12.43
CA ALA F 186 22.40 -48.41 12.84
C ALA F 186 23.81 -48.21 12.31
N VAL F 187 23.95 -47.67 11.10
CA VAL F 187 25.26 -47.39 10.56
C VAL F 187 25.95 -46.29 11.37
N TYR F 188 25.22 -45.21 11.68
CA TYR F 188 25.85 -44.07 12.35
C TYR F 188 26.22 -44.38 13.80
N ARG F 189 25.48 -45.27 14.47
CA ARG F 189 25.83 -45.63 15.83
C ARG F 189 26.80 -46.81 15.89
N ALA F 190 27.05 -47.48 14.77
CA ALA F 190 27.94 -48.65 14.78
C ALA F 190 29.36 -48.38 15.29
N PRO F 191 30.00 -47.23 15.01
CA PRO F 191 31.35 -47.00 15.58
C PRO F 191 31.32 -46.75 17.08
N PHE F 192 30.15 -46.60 17.69
CA PHE F 192 30.03 -46.03 19.03
C PHE F 192 29.21 -46.91 20.00
N PRO F 193 29.55 -48.21 20.13
CA PRO F 193 28.75 -49.07 21.01
C PRO F 193 29.11 -49.00 22.49
N THR F 194 30.27 -48.44 22.84
CA THR F 194 30.70 -48.37 24.23
C THR F 194 30.94 -46.93 24.63
N PRO F 195 30.90 -46.62 25.92
CA PRO F 195 31.27 -45.26 26.36
C PRO F 195 32.64 -44.83 25.89
N GLU F 196 33.64 -45.72 25.97
CA GLU F 196 34.98 -45.35 25.55
C GLU F 196 35.04 -45.02 24.07
N SER F 197 34.28 -45.75 23.25
CA SER F 197 34.27 -45.51 21.82
C SER F 197 33.78 -44.11 21.45
N ARG F 198 33.03 -43.46 22.34
CA ARG F 198 32.40 -42.18 22.01
C ARG F 198 33.30 -40.98 22.28
N ARG F 199 34.50 -41.19 22.83
CA ARG F 199 35.43 -40.10 23.10
C ARG F 199 35.60 -39.11 21.95
N PRO F 200 35.77 -39.52 20.68
CA PRO F 200 35.96 -38.51 19.63
C PRO F 200 34.75 -37.61 19.43
N THR F 201 33.54 -38.10 19.71
CA THR F 201 32.36 -37.26 19.54
C THR F 201 32.16 -36.31 20.71
N LEU F 202 32.80 -36.57 21.86
CA LEU F 202 32.82 -35.61 22.96
C LEU F 202 33.92 -34.57 22.77
N ARG F 203 35.10 -34.98 22.29
CA ARG F 203 36.19 -34.01 22.17
C ARG F 203 35.89 -32.96 21.12
N PHE F 204 35.20 -33.34 20.04
N PHE F 204 35.20 -33.34 20.03
CA PHE F 204 34.95 -32.41 18.94
CA PHE F 204 34.96 -32.39 18.94
C PHE F 204 34.17 -31.16 19.37
C PHE F 204 34.19 -31.16 19.39
N PRO F 205 33.05 -31.27 20.10
CA PRO F 205 32.38 -30.04 20.55
C PRO F 205 33.21 -29.23 21.53
N ARG F 206 34.09 -29.88 22.30
CA ARG F 206 35.03 -29.17 23.16
C ARG F 206 36.18 -28.55 22.38
N GLU F 207 36.29 -28.82 21.08
CA GLU F 207 37.25 -28.13 20.23
C GLU F 207 36.65 -26.94 19.49
N LEU F 208 35.33 -26.80 19.50
CA LEU F 208 34.70 -25.73 18.74
C LEU F 208 35.27 -24.39 19.17
N PRO F 209 35.68 -23.52 18.23
CA PRO F 209 36.30 -22.25 18.63
C PRO F 209 35.25 -21.21 18.99
N ILE F 210 34.85 -21.18 20.26
CA ILE F 210 33.79 -20.30 20.74
C ILE F 210 34.35 -19.46 21.88
N ALA F 211 34.24 -18.14 21.74
CA ALA F 211 34.67 -17.21 22.79
C ALA F 211 36.13 -17.44 23.16
N GLY F 212 36.96 -17.67 22.15
CA GLY F 212 38.40 -17.77 22.32
C GLY F 212 38.91 -19.09 22.84
N GLU F 213 38.04 -20.07 23.11
CA GLU F 213 38.42 -21.35 23.71
C GLU F 213 37.98 -22.52 22.82
N PRO F 214 38.84 -23.53 22.61
CA PRO F 214 40.24 -23.54 23.06
C PRO F 214 41.11 -22.66 22.15
N ALA F 215 42.15 -22.06 22.75
CA ALA F 215 42.92 -21.04 22.07
C ALA F 215 43.67 -21.61 20.86
N ASP F 216 44.20 -22.84 20.98
CA ASP F 216 44.95 -23.39 19.86
C ASP F 216 44.06 -23.55 18.62
N VAL F 217 42.88 -24.15 18.78
CA VAL F 217 41.96 -24.27 17.64
C VAL F 217 41.51 -22.90 17.17
N TYR F 218 41.24 -22.00 18.12
CA TYR F 218 40.65 -20.70 17.78
C TYR F 218 41.57 -19.90 16.88
N SER F 219 42.80 -19.65 17.33
CA SER F 219 43.72 -18.84 16.54
C SER F 219 44.20 -19.58 15.28
N THR F 220 44.25 -20.92 15.32
CA THR F 220 44.61 -21.67 14.13
C THR F 220 43.54 -21.52 13.05
N LEU F 221 42.26 -21.56 13.44
CA LEU F 221 41.20 -21.40 12.45
C LEU F 221 41.02 -19.96 12.03
N GLU F 222 41.39 -19.00 12.88
CA GLU F 222 41.46 -17.61 12.40
C GLU F 222 42.46 -17.47 11.27
N SER F 223 43.63 -18.09 11.42
CA SER F 223 44.65 -18.04 10.37
C SER F 223 44.17 -18.77 9.12
N ALA F 224 43.55 -19.94 9.31
CA ALA F 224 43.00 -20.70 8.19
C ALA F 224 41.96 -19.88 7.44
N HIS F 225 41.09 -19.19 8.17
CA HIS F 225 40.06 -18.39 7.52
C HIS F 225 40.62 -17.14 6.86
N ALA F 226 41.73 -16.61 7.38
CA ALA F 226 42.40 -15.50 6.70
C ALA F 226 43.00 -15.96 5.37
N ALA F 227 43.61 -17.14 5.35
CA ALA F 227 44.16 -17.67 4.11
C ALA F 227 43.05 -17.98 3.11
N LEU F 228 41.91 -18.48 3.60
CA LEU F 228 40.77 -18.72 2.73
C LEU F 228 40.33 -17.45 2.04
N ALA F 229 40.25 -16.35 2.79
CA ALA F 229 39.73 -15.10 2.25
C ALA F 229 40.65 -14.51 1.19
N ALA F 230 41.95 -14.82 1.22
CA ALA F 230 42.90 -14.36 0.21
C ALA F 230 43.12 -15.36 -0.90
N SER F 231 42.60 -16.59 -0.77
CA SER F 231 42.80 -17.61 -1.78
C SER F 231 42.09 -17.25 -3.08
N THR F 232 42.65 -17.72 -4.19
CA THR F 232 42.07 -17.51 -5.51
C THR F 232 41.61 -18.79 -6.19
N TYR F 233 41.79 -19.97 -5.58
CA TYR F 233 41.27 -21.18 -6.19
C TYR F 233 39.74 -21.15 -6.23
N PRO F 234 39.11 -21.88 -7.16
CA PRO F 234 37.65 -21.85 -7.25
C PRO F 234 37.02 -22.39 -5.97
N LYS F 235 35.86 -21.82 -5.63
CA LYS F 235 35.16 -22.21 -4.42
C LYS F 235 33.69 -22.41 -4.71
N LEU F 236 33.06 -23.18 -3.84
CA LEU F 236 31.64 -23.49 -3.92
C LEU F 236 31.12 -23.59 -2.50
N LEU F 237 30.13 -22.76 -2.15
CA LEU F 237 29.53 -22.77 -0.83
C LEU F 237 28.05 -23.11 -0.97
N PHE F 238 27.67 -24.27 -0.45
CA PHE F 238 26.27 -24.66 -0.34
C PHE F 238 25.70 -24.16 0.97
N THR F 239 24.40 -23.88 0.96
CA THR F 239 23.71 -23.51 2.18
C THR F 239 22.30 -24.06 2.17
N GLY F 240 21.75 -24.29 3.36
CA GLY F 240 20.37 -24.68 3.53
C GLY F 240 19.54 -23.58 4.16
N ASP F 241 18.27 -23.91 4.38
CA ASP F 241 17.29 -22.96 4.92
C ASP F 241 16.52 -23.66 6.03
N PRO F 242 16.68 -23.27 7.30
CA PRO F 242 17.47 -22.13 7.79
C PRO F 242 18.96 -22.43 7.97
N GLY F 243 19.34 -23.70 7.84
CA GLY F 243 20.69 -24.10 8.15
C GLY F 243 20.88 -24.30 9.65
N ALA F 244 22.14 -24.35 10.06
CA ALA F 244 22.47 -24.51 11.47
C ALA F 244 23.63 -23.61 11.87
N LEU F 245 24.85 -23.98 11.49
CA LEU F 245 26.00 -23.11 11.72
C LEU F 245 26.07 -21.96 10.73
N VAL F 246 25.33 -22.04 9.63
CA VAL F 246 25.41 -21.08 8.55
C VAL F 246 23.99 -20.78 8.09
N SER F 247 23.55 -19.54 8.28
CA SER F 247 22.26 -19.10 7.77
C SER F 247 22.39 -18.64 6.33
N PRO F 248 21.29 -18.66 5.57
CA PRO F 248 21.37 -18.15 4.18
C PRO F 248 21.89 -16.72 4.09
N ALA F 249 21.47 -15.84 5.00
CA ALA F 249 21.96 -14.46 4.98
C ALA F 249 23.45 -14.41 5.25
N PHE F 250 23.93 -15.20 6.20
CA PHE F 250 25.37 -15.22 6.48
C PHE F 250 26.14 -15.82 5.31
N ALA F 251 25.60 -16.86 4.68
CA ALA F 251 26.29 -17.48 3.55
C ALA F 251 26.46 -16.50 2.40
N GLU F 252 25.46 -15.65 2.17
CA GLU F 252 25.55 -14.66 1.10
C GLU F 252 26.70 -13.70 1.34
N ARG F 253 26.76 -13.13 2.55
CA ARG F 253 27.86 -12.23 2.89
C ARG F 253 29.20 -12.94 2.80
N PHE F 254 29.27 -14.18 3.31
CA PHE F 254 30.54 -14.90 3.32
C PHE F 254 31.04 -15.16 1.92
N ALA F 255 30.17 -15.73 1.08
CA ALA F 255 30.57 -16.03 -0.30
C ALA F 255 30.88 -14.77 -1.08
N ALA F 256 30.17 -13.67 -0.81
CA ALA F 256 30.45 -12.42 -1.51
C ALA F 256 31.83 -11.88 -1.15
N ASN F 257 32.24 -12.02 0.10
CA ASN F 257 33.54 -11.49 0.51
C ASN F 257 34.69 -12.43 0.19
N LEU F 258 34.43 -13.56 -0.46
CA LEU F 258 35.48 -14.44 -0.94
C LEU F 258 35.76 -14.19 -2.41
N LYS F 259 36.98 -14.49 -2.84
CA LYS F 259 37.35 -14.42 -4.25
C LYS F 259 37.00 -15.73 -4.93
N ASN F 260 36.36 -15.64 -6.10
CA ASN F 260 36.17 -16.79 -6.98
C ASN F 260 35.25 -17.83 -6.34
N CYS F 261 34.23 -17.38 -5.62
CA CYS F 261 33.36 -18.25 -4.85
C CYS F 261 31.92 -18.12 -5.32
N ARG F 262 31.28 -19.25 -5.59
CA ARG F 262 29.88 -19.31 -5.99
C ARG F 262 29.02 -19.83 -4.85
N LEU F 263 27.87 -19.19 -4.64
CA LEU F 263 26.93 -19.63 -3.62
C LEU F 263 25.84 -20.49 -4.27
N ILE F 264 25.48 -21.58 -3.60
CA ILE F 264 24.41 -22.47 -4.04
C ILE F 264 23.39 -22.61 -2.93
N ARG F 265 22.14 -22.22 -3.22
CA ARG F 265 21.03 -22.40 -2.29
C ARG F 265 20.41 -23.76 -2.54
N LEU F 266 20.30 -24.57 -1.48
CA LEU F 266 19.74 -25.91 -1.58
C LEU F 266 18.27 -25.98 -1.17
N GLY F 267 17.81 -25.08 -0.32
CA GLY F 267 16.45 -25.17 0.16
C GLY F 267 16.41 -25.62 1.61
N ALA F 268 15.29 -26.22 2.01
CA ALA F 268 15.12 -26.65 3.39
C ALA F 268 16.26 -27.58 3.80
N GLY F 269 16.88 -27.27 4.94
CA GLY F 269 18.02 -28.01 5.43
C GLY F 269 18.54 -27.46 6.74
N LEU F 270 19.12 -28.32 7.58
CA LEU F 270 19.71 -27.88 8.84
C LEU F 270 21.22 -27.99 8.78
N HIS F 271 21.81 -28.96 9.48
CA HIS F 271 23.28 -29.02 9.58
C HIS F 271 23.91 -30.02 8.61
N TYR F 272 23.38 -31.23 8.51
CA TYR F 272 23.99 -32.26 7.66
C TYR F 272 23.28 -32.23 6.31
N LEU F 273 23.82 -31.42 5.39
CA LEU F 273 23.15 -31.17 4.12
C LEU F 273 23.20 -32.35 3.17
N GLN F 274 24.14 -33.28 3.33
CA GLN F 274 24.22 -34.42 2.43
C GLN F 274 22.98 -35.31 2.52
N GLU F 275 22.34 -35.37 3.69
CA GLU F 275 21.22 -36.28 3.85
C GLU F 275 19.90 -35.72 3.34
N ASP F 276 19.82 -34.40 3.12
CA ASP F 276 18.62 -33.80 2.57
C ASP F 276 18.76 -33.40 1.10
N HIS F 277 19.98 -33.22 0.60
CA HIS F 277 20.15 -32.76 -0.78
C HIS F 277 21.32 -33.43 -1.48
N PRO F 278 21.39 -34.77 -1.53
CA PRO F 278 22.61 -35.39 -2.08
C PRO F 278 22.76 -35.21 -3.59
N GLU F 279 21.68 -35.36 -4.34
CA GLU F 279 21.75 -35.19 -5.79
C GLU F 279 22.15 -33.76 -6.16
N ALA F 280 21.52 -32.76 -5.51
CA ALA F 280 21.89 -31.37 -5.79
C ALA F 280 23.37 -31.13 -5.52
N ILE F 281 23.88 -31.61 -4.37
CA ILE F 281 25.29 -31.42 -4.07
C ILE F 281 26.15 -32.17 -5.07
N GLY F 282 25.77 -33.41 -5.38
CA GLY F 282 26.62 -34.23 -6.24
C GLY F 282 26.67 -33.72 -7.67
N ARG F 283 25.51 -33.37 -8.23
CA ARG F 283 25.49 -32.90 -9.62
C ARG F 283 26.18 -31.56 -9.75
N THR F 284 26.05 -30.69 -8.74
CA THR F 284 26.70 -29.38 -8.82
C THR F 284 28.21 -29.51 -8.74
N VAL F 285 28.71 -30.32 -7.80
CA VAL F 285 30.15 -30.51 -7.66
C VAL F 285 30.74 -31.08 -8.94
N ALA F 286 30.02 -32.01 -9.57
CA ALA F 286 30.56 -32.72 -10.73
C ALA F 286 30.69 -31.80 -11.94
N GLY F 287 29.69 -30.96 -12.19
CA GLY F 287 29.80 -30.01 -13.29
C GLY F 287 30.81 -28.91 -13.01
N TRP F 288 30.89 -28.48 -11.75
CA TRP F 288 31.89 -27.51 -11.33
C TRP F 288 33.31 -28.01 -11.64
N ILE F 289 33.60 -29.26 -11.27
CA ILE F 289 34.91 -29.83 -11.54
C ILE F 289 35.15 -29.95 -13.04
N ALA F 290 34.13 -30.40 -13.79
CA ALA F 290 34.28 -30.54 -15.24
C ALA F 290 34.66 -29.22 -15.89
N GLU F 291 34.02 -28.13 -15.46
CA GLU F 291 34.33 -26.81 -16.00
C GLU F 291 35.77 -26.41 -15.69
N ILE F 292 36.20 -26.62 -14.44
CA ILE F 292 37.56 -26.23 -14.04
C ILE F 292 38.59 -27.06 -14.79
N GLU F 293 38.36 -28.37 -14.92
CA GLU F 293 39.32 -29.21 -15.62
C GLU F 293 39.39 -28.88 -17.10
N ALA F 294 38.32 -28.31 -17.65
CA ALA F 294 38.32 -27.76 -19.01
C ALA F 294 38.79 -26.31 -18.99
N ALA F 295 40.05 -26.13 -18.59
CA ALA F 295 40.70 -24.82 -18.56
C ALA F 295 42.19 -24.99 -18.28
#